data_2X1F
# 
_entry.id   2X1F 
# 
_audit_conform.dict_name       mmcif_pdbx.dic 
_audit_conform.dict_version    5.391 
_audit_conform.dict_location   http://mmcif.pdb.org/dictionaries/ascii/mmcif_pdbx.dic 
# 
loop_
_database_2.database_id 
_database_2.database_code 
_database_2.pdbx_database_accession 
_database_2.pdbx_DOI 
PDB   2X1F         pdb_00002x1f 10.2210/pdb2x1f/pdb 
PDBE  EBI-42323    ?            ?                   
WWPDB D_1290042323 ?            ?                   
# 
loop_
_pdbx_audit_revision_history.ordinal 
_pdbx_audit_revision_history.data_content_type 
_pdbx_audit_revision_history.major_revision 
_pdbx_audit_revision_history.minor_revision 
_pdbx_audit_revision_history.revision_date 
1 'Structure model' 1 0 2010-02-02 
2 'Structure model' 1 1 2011-05-08 
3 'Structure model' 1 2 2011-07-13 
4 'Structure model' 1 3 2024-05-08 
# 
_pdbx_audit_revision_details.ordinal             1 
_pdbx_audit_revision_details.revision_ordinal    1 
_pdbx_audit_revision_details.data_content_type   'Structure model' 
_pdbx_audit_revision_details.provider            repository 
_pdbx_audit_revision_details.type                'Initial release' 
_pdbx_audit_revision_details.description         ? 
_pdbx_audit_revision_details.details             ? 
# 
loop_
_pdbx_audit_revision_group.ordinal 
_pdbx_audit_revision_group.revision_ordinal 
_pdbx_audit_revision_group.data_content_type 
_pdbx_audit_revision_group.group 
1 2 'Structure model' 'Version format compliance' 
2 3 'Structure model' 'Version format compliance' 
3 4 'Structure model' 'Data collection'           
4 4 'Structure model' 'Database references'       
5 4 'Structure model' Other                       
# 
loop_
_pdbx_audit_revision_category.ordinal 
_pdbx_audit_revision_category.revision_ordinal 
_pdbx_audit_revision_category.data_content_type 
_pdbx_audit_revision_category.category 
1 4 'Structure model' chem_comp_atom       
2 4 'Structure model' chem_comp_bond       
3 4 'Structure model' database_2           
4 4 'Structure model' pdbx_database_status 
# 
loop_
_pdbx_audit_revision_item.ordinal 
_pdbx_audit_revision_item.revision_ordinal 
_pdbx_audit_revision_item.data_content_type 
_pdbx_audit_revision_item.item 
1 4 'Structure model' '_database_2.pdbx_DOI'                 
2 4 'Structure model' '_database_2.pdbx_database_accession'  
3 4 'Structure model' '_pdbx_database_status.status_code_sf' 
# 
_pdbx_database_status.status_code                     REL 
_pdbx_database_status.entry_id                        2X1F 
_pdbx_database_status.deposit_site                    PDBE 
_pdbx_database_status.process_site                    PDBE 
_pdbx_database_status.SG_entry                        . 
_pdbx_database_status.recvd_initial_deposition_date   2010-01-06 
_pdbx_database_status.pdb_format_compatible           Y 
_pdbx_database_status.status_code_sf                  REL 
_pdbx_database_status.status_code_mr                  ? 
_pdbx_database_status.status_code_cs                  ? 
_pdbx_database_status.methods_development_category    ? 
_pdbx_database_status.status_code_nmr_data            ? 
# 
loop_
_pdbx_database_related.db_name 
_pdbx_database_related.db_id 
_pdbx_database_related.content_type 
_pdbx_database_related.details 
PDB 2X1B unspecified 'STRUCTURE OF RNA15 RRM'                    
PDB 2X1A unspecified 'STRUCTURE OF RNA15 RRM WITH RNA BOUND (G)' 
# 
loop_
_audit_author.name 
_audit_author.pdbx_ordinal 
'Pancevac, C.'    1 
'Goldstone, D.C.' 2 
'Ramos, A.'       3 
'Taylor, I.A.'    4 
# 
_citation.id                        primary 
_citation.title                     
'Structure of the RNA15 Rrm-RNA Complex Reveals the Molecular Basis of Gu Specificity in Transcriptional 3-End Processing Factors.' 
_citation.journal_abbrev            'Nucleic Acids Res.' 
_citation.journal_volume            38 
_citation.page_first                3119 
_citation.page_last                 ? 
_citation.year                      2010 
_citation.journal_id_ASTM           NARHAD 
_citation.country                   UK 
_citation.journal_id_ISSN           0305-1048 
_citation.journal_id_CSD            0389 
_citation.book_publisher            ? 
_citation.pdbx_database_id_PubMed   20097654 
_citation.pdbx_database_id_DOI      10.1093/NAR/GKQ002 
# 
loop_
_citation_author.citation_id 
_citation_author.name 
_citation_author.ordinal 
_citation_author.identifier_ORCID 
primary 'Pancevac, C.'    1 ? 
primary 'Goldstone, D.C.' 2 ? 
primary 'Ramos, A.'       3 ? 
primary 'Taylor, I.A.'    4 ? 
# 
loop_
_entity.id 
_entity.type 
_entity.src_method 
_entity.pdbx_description 
_entity.formula_weight 
_entity.pdbx_number_of_molecules 
_entity.pdbx_ec 
_entity.pdbx_mutation 
_entity.pdbx_fragment 
_entity.details 
1 polymer man 
;MRNA 3'-END-PROCESSING PROTEIN RNA15
;
10769.002 1   ? ? 'RNA RECOGNITION MODULE, RESIDUES 16-103' ? 
2 polymer syn "5'-R(*GP*UP*UP*GP*UP)-3'"             1563.952  1   ? ? ?                                         ? 
3 water   nat water                                  18.015    122 ? ? ?                                         ? 
# 
loop_
_entity_poly.entity_id 
_entity_poly.type 
_entity_poly.nstd_linkage 
_entity_poly.nstd_monomer 
_entity_poly.pdbx_seq_one_letter_code 
_entity_poly.pdbx_seq_one_letter_code_can 
_entity_poly.pdbx_strand_id 
_entity_poly.pdbx_target_identifier 
1 'polypeptide(L)'   no no 
;PSRVVYLGSIPYDQTEEQILDLCSNVGPVINLKMMFDPQTGRSKGYAFIEFRDLESSASAVRNLNGYQLGSRFLKCGYSS
NSDISGVSLEHHHHHH
;
;PSRVVYLGSIPYDQTEEQILDLCSNVGPVINLKMMFDPQTGRSKGYAFIEFRDLESSASAVRNLNGYQLGSRFLKCGYSS
NSDISGVSLEHHHHHH
;
A ? 
2 polyribonucleotide no no GUUGU                                                                                               
GUUGU                                                                                               B ? 
# 
_pdbx_entity_nonpoly.entity_id   3 
_pdbx_entity_nonpoly.name        water 
_pdbx_entity_nonpoly.comp_id     HOH 
# 
loop_
_entity_poly_seq.entity_id 
_entity_poly_seq.num 
_entity_poly_seq.mon_id 
_entity_poly_seq.hetero 
1 1  PRO n 
1 2  SER n 
1 3  ARG n 
1 4  VAL n 
1 5  VAL n 
1 6  TYR n 
1 7  LEU n 
1 8  GLY n 
1 9  SER n 
1 10 ILE n 
1 11 PRO n 
1 12 TYR n 
1 13 ASP n 
1 14 GLN n 
1 15 THR n 
1 16 GLU n 
1 17 GLU n 
1 18 GLN n 
1 19 ILE n 
1 20 LEU n 
1 21 ASP n 
1 22 LEU n 
1 23 CYS n 
1 24 SER n 
1 25 ASN n 
1 26 VAL n 
1 27 GLY n 
1 28 PRO n 
1 29 VAL n 
1 30 ILE n 
1 31 ASN n 
1 32 LEU n 
1 33 LYS n 
1 34 MET n 
1 35 MET n 
1 36 PHE n 
1 37 ASP n 
1 38 PRO n 
1 39 GLN n 
1 40 THR n 
1 41 GLY n 
1 42 ARG n 
1 43 SER n 
1 44 LYS n 
1 45 GLY n 
1 46 TYR n 
1 47 ALA n 
1 48 PHE n 
1 49 ILE n 
1 50 GLU n 
1 51 PHE n 
1 52 ARG n 
1 53 ASP n 
1 54 LEU n 
1 55 GLU n 
1 56 SER n 
1 57 SER n 
1 58 ALA n 
1 59 SER n 
1 60 ALA n 
1 61 VAL n 
1 62 ARG n 
1 63 ASN n 
1 64 LEU n 
1 65 ASN n 
1 66 GLY n 
1 67 TYR n 
1 68 GLN n 
1 69 LEU n 
1 70 GLY n 
1 71 SER n 
1 72 ARG n 
1 73 PHE n 
1 74 LEU n 
1 75 LYS n 
1 76 CYS n 
1 77 GLY n 
1 78 TYR n 
1 79 SER n 
1 80 SER n 
1 81 ASN n 
1 82 SER n 
1 83 ASP n 
1 84 ILE n 
1 85 SER n 
1 86 GLY n 
1 87 VAL n 
1 88 SER n 
1 89 LEU n 
1 90 GLU n 
1 91 HIS n 
1 92 HIS n 
1 93 HIS n 
1 94 HIS n 
1 95 HIS n 
1 96 HIS n 
2 1  G   n 
2 2  U   n 
2 3  U   n 
2 4  G   n 
2 5  U   n 
# 
_entity_src_gen.entity_id                          1 
_entity_src_gen.pdbx_src_id                        1 
_entity_src_gen.pdbx_alt_source_flag               sample 
_entity_src_gen.pdbx_seq_type                      ? 
_entity_src_gen.pdbx_beg_seq_num                   ? 
_entity_src_gen.pdbx_end_seq_num                   ? 
_entity_src_gen.gene_src_common_name               
;BAKER'S YEAST
;
_entity_src_gen.gene_src_genus                     ? 
_entity_src_gen.pdbx_gene_src_gene                 ? 
_entity_src_gen.gene_src_species                   ? 
_entity_src_gen.gene_src_strain                    ? 
_entity_src_gen.gene_src_tissue                    ? 
_entity_src_gen.gene_src_tissue_fraction           ? 
_entity_src_gen.gene_src_details                   ? 
_entity_src_gen.pdbx_gene_src_fragment             ? 
_entity_src_gen.pdbx_gene_src_scientific_name      'SACCHAROMYCES CEREVISIAE' 
_entity_src_gen.pdbx_gene_src_ncbi_taxonomy_id     4932 
_entity_src_gen.pdbx_gene_src_variant              ? 
_entity_src_gen.pdbx_gene_src_cell_line            ? 
_entity_src_gen.pdbx_gene_src_atcc                 ? 
_entity_src_gen.pdbx_gene_src_organ                ? 
_entity_src_gen.pdbx_gene_src_organelle            ? 
_entity_src_gen.pdbx_gene_src_cell                 ? 
_entity_src_gen.pdbx_gene_src_cellular_location    ? 
_entity_src_gen.host_org_common_name               ? 
_entity_src_gen.pdbx_host_org_scientific_name      'ESCHERICHIA COLI' 
_entity_src_gen.pdbx_host_org_ncbi_taxonomy_id     562 
_entity_src_gen.host_org_genus                     ? 
_entity_src_gen.pdbx_host_org_gene                 ? 
_entity_src_gen.pdbx_host_org_organ                ? 
_entity_src_gen.host_org_species                   ? 
_entity_src_gen.pdbx_host_org_tissue               ? 
_entity_src_gen.pdbx_host_org_tissue_fraction      ? 
_entity_src_gen.pdbx_host_org_strain               ? 
_entity_src_gen.pdbx_host_org_variant              ? 
_entity_src_gen.pdbx_host_org_cell_line            ? 
_entity_src_gen.pdbx_host_org_atcc                 ? 
_entity_src_gen.pdbx_host_org_culture_collection   ? 
_entity_src_gen.pdbx_host_org_cell                 ? 
_entity_src_gen.pdbx_host_org_organelle            ? 
_entity_src_gen.pdbx_host_org_cellular_location    ? 
_entity_src_gen.pdbx_host_org_vector_type          ? 
_entity_src_gen.pdbx_host_org_vector               ? 
_entity_src_gen.host_org_details                   ? 
_entity_src_gen.expression_system_id               ? 
_entity_src_gen.plasmid_name                       ? 
_entity_src_gen.plasmid_details                    ? 
_entity_src_gen.pdbx_description                   ? 
# 
loop_
_chem_comp.id 
_chem_comp.type 
_chem_comp.mon_nstd_flag 
_chem_comp.name 
_chem_comp.pdbx_synonyms 
_chem_comp.formula 
_chem_comp.formula_weight 
ALA 'L-peptide linking' y ALANINE                      ? 'C3 H7 N O2'      89.093  
ARG 'L-peptide linking' y ARGININE                     ? 'C6 H15 N4 O2 1'  175.209 
ASN 'L-peptide linking' y ASPARAGINE                   ? 'C4 H8 N2 O3'     132.118 
ASP 'L-peptide linking' y 'ASPARTIC ACID'              ? 'C4 H7 N O4'      133.103 
CYS 'L-peptide linking' y CYSTEINE                     ? 'C3 H7 N O2 S'    121.158 
G   'RNA linking'       y "GUANOSINE-5'-MONOPHOSPHATE" ? 'C10 H14 N5 O8 P' 363.221 
GLN 'L-peptide linking' y GLUTAMINE                    ? 'C5 H10 N2 O3'    146.144 
GLU 'L-peptide linking' y 'GLUTAMIC ACID'              ? 'C5 H9 N O4'      147.129 
GLY 'peptide linking'   y GLYCINE                      ? 'C2 H5 N O2'      75.067  
HIS 'L-peptide linking' y HISTIDINE                    ? 'C6 H10 N3 O2 1'  156.162 
HOH non-polymer         . WATER                        ? 'H2 O'            18.015  
ILE 'L-peptide linking' y ISOLEUCINE                   ? 'C6 H13 N O2'     131.173 
LEU 'L-peptide linking' y LEUCINE                      ? 'C6 H13 N O2'     131.173 
LYS 'L-peptide linking' y LYSINE                       ? 'C6 H15 N2 O2 1'  147.195 
MET 'L-peptide linking' y METHIONINE                   ? 'C5 H11 N O2 S'   149.211 
PHE 'L-peptide linking' y PHENYLALANINE                ? 'C9 H11 N O2'     165.189 
PRO 'L-peptide linking' y PROLINE                      ? 'C5 H9 N O2'      115.130 
SER 'L-peptide linking' y SERINE                       ? 'C3 H7 N O3'      105.093 
THR 'L-peptide linking' y THREONINE                    ? 'C4 H9 N O3'      119.119 
TYR 'L-peptide linking' y TYROSINE                     ? 'C9 H11 N O3'     181.189 
U   'RNA linking'       y "URIDINE-5'-MONOPHOSPHATE"   ? 'C9 H13 N2 O9 P'  324.181 
VAL 'L-peptide linking' y VALINE                       ? 'C5 H11 N O2'     117.146 
# 
loop_
_pdbx_poly_seq_scheme.asym_id 
_pdbx_poly_seq_scheme.entity_id 
_pdbx_poly_seq_scheme.seq_id 
_pdbx_poly_seq_scheme.mon_id 
_pdbx_poly_seq_scheme.ndb_seq_num 
_pdbx_poly_seq_scheme.pdb_seq_num 
_pdbx_poly_seq_scheme.auth_seq_num 
_pdbx_poly_seq_scheme.pdb_mon_id 
_pdbx_poly_seq_scheme.auth_mon_id 
_pdbx_poly_seq_scheme.pdb_strand_id 
_pdbx_poly_seq_scheme.pdb_ins_code 
_pdbx_poly_seq_scheme.hetero 
A 1 1  PRO 1  16  16  PRO PRO A . n 
A 1 2  SER 2  17  17  SER SER A . n 
A 1 3  ARG 3  18  18  ARG ARG A . n 
A 1 4  VAL 4  19  19  VAL VAL A . n 
A 1 5  VAL 5  20  20  VAL VAL A . n 
A 1 6  TYR 6  21  21  TYR TYR A . n 
A 1 7  LEU 7  22  22  LEU LEU A . n 
A 1 8  GLY 8  23  23  GLY GLY A . n 
A 1 9  SER 9  24  24  SER SER A . n 
A 1 10 ILE 10 25  25  ILE ILE A . n 
A 1 11 PRO 11 26  26  PRO PRO A . n 
A 1 12 TYR 12 27  27  TYR TYR A . n 
A 1 13 ASP 13 28  28  ASP ASP A . n 
A 1 14 GLN 14 29  29  GLN GLN A . n 
A 1 15 THR 15 30  30  THR THR A . n 
A 1 16 GLU 16 31  31  GLU GLU A . n 
A 1 17 GLU 17 32  32  GLU GLU A . n 
A 1 18 GLN 18 33  33  GLN GLN A . n 
A 1 19 ILE 19 34  34  ILE ILE A . n 
A 1 20 LEU 20 35  35  LEU LEU A . n 
A 1 21 ASP 21 36  36  ASP ASP A . n 
A 1 22 LEU 22 37  37  LEU LEU A . n 
A 1 23 CYS 23 38  38  CYS CYS A . n 
A 1 24 SER 24 39  39  SER SER A . n 
A 1 25 ASN 25 40  40  ASN ASN A . n 
A 1 26 VAL 26 41  41  VAL VAL A . n 
A 1 27 GLY 27 42  42  GLY GLY A . n 
A 1 28 PRO 28 43  43  PRO PRO A . n 
A 1 29 VAL 29 44  44  VAL VAL A . n 
A 1 30 ILE 30 45  45  ILE ILE A . n 
A 1 31 ASN 31 46  46  ASN ASN A . n 
A 1 32 LEU 32 47  47  LEU LEU A . n 
A 1 33 LYS 33 48  48  LYS LYS A . n 
A 1 34 MET 34 49  49  MET MET A . n 
A 1 35 MET 35 50  50  MET MET A . n 
A 1 36 PHE 36 51  51  PHE PHE A . n 
A 1 37 ASP 37 52  52  ASP ASP A . n 
A 1 38 PRO 38 53  53  PRO PRO A . n 
A 1 39 GLN 39 54  54  GLN GLN A . n 
A 1 40 THR 40 55  55  THR THR A . n 
A 1 41 GLY 41 56  56  GLY GLY A . n 
A 1 42 ARG 42 57  57  ARG ARG A . n 
A 1 43 SER 43 58  58  SER SER A . n 
A 1 44 LYS 44 59  59  LYS LYS A . n 
A 1 45 GLY 45 60  60  GLY GLY A . n 
A 1 46 TYR 46 61  61  TYR TYR A . n 
A 1 47 ALA 47 62  62  ALA ALA A . n 
A 1 48 PHE 48 63  63  PHE PHE A . n 
A 1 49 ILE 49 64  64  ILE ILE A . n 
A 1 50 GLU 50 65  65  GLU GLU A . n 
A 1 51 PHE 51 66  66  PHE PHE A . n 
A 1 52 ARG 52 67  67  ARG ARG A . n 
A 1 53 ASP 53 68  68  ASP ASP A . n 
A 1 54 LEU 54 69  69  LEU LEU A . n 
A 1 55 GLU 55 70  70  GLU GLU A . n 
A 1 56 SER 56 71  71  SER SER A . n 
A 1 57 SER 57 72  72  SER SER A . n 
A 1 58 ALA 58 73  73  ALA ALA A . n 
A 1 59 SER 59 74  74  SER SER A . n 
A 1 60 ALA 60 75  75  ALA ALA A . n 
A 1 61 VAL 61 76  76  VAL VAL A . n 
A 1 62 ARG 62 77  77  ARG ARG A . n 
A 1 63 ASN 63 78  78  ASN ASN A . n 
A 1 64 LEU 64 79  79  LEU LEU A . n 
A 1 65 ASN 65 80  80  ASN ASN A . n 
A 1 66 GLY 66 81  81  GLY GLY A . n 
A 1 67 TYR 67 82  82  TYR TYR A . n 
A 1 68 GLN 68 83  83  GLN GLN A . n 
A 1 69 LEU 69 84  84  LEU LEU A . n 
A 1 70 GLY 70 85  85  GLY GLY A . n 
A 1 71 SER 71 86  86  SER SER A . n 
A 1 72 ARG 72 87  87  ARG ARG A . n 
A 1 73 PHE 73 88  88  PHE PHE A . n 
A 1 74 LEU 74 89  89  LEU LEU A . n 
A 1 75 LYS 75 90  90  LYS LYS A . n 
A 1 76 CYS 76 91  91  CYS CYS A . n 
A 1 77 GLY 77 92  92  GLY GLY A . n 
A 1 78 TYR 78 93  93  TYR TYR A . n 
A 1 79 SER 79 94  94  SER SER A . n 
A 1 80 SER 80 95  95  SER SER A . n 
A 1 81 ASN 81 96  96  ASN ASN A . n 
A 1 82 SER 82 97  97  SER SER A . n 
A 1 83 ASP 83 98  98  ASP ASP A . n 
A 1 84 ILE 84 99  99  ILE ILE A . n 
A 1 85 SER 85 100 100 SER SER A . n 
A 1 86 GLY 86 101 101 GLY GLY A . n 
A 1 87 VAL 87 102 102 VAL VAL A . n 
A 1 88 SER 88 103 103 SER SER A . n 
A 1 89 LEU 89 104 104 LEU LEU A . n 
A 1 90 GLU 90 105 105 GLU GLU A . n 
A 1 91 HIS 91 106 106 HIS HIS A . n 
A 1 92 HIS 92 107 107 HIS HIS A . n 
A 1 93 HIS 93 108 108 HIS HIS A . n 
A 1 94 HIS 94 109 109 HIS HIS A . n 
A 1 95 HIS 95 110 ?   ?   ?   A . n 
A 1 96 HIS 96 111 ?   ?   ?   A . n 
B 2 1  G   1  1   1   G   G   B . n 
B 2 2  U   2  2   2   U   U   B . n 
B 2 3  U   3  3   ?   ?   ?   B . n 
B 2 4  G   4  4   ?   ?   ?   B . n 
B 2 5  U   5  5   ?   ?   ?   B . n 
# 
loop_
_pdbx_nonpoly_scheme.asym_id 
_pdbx_nonpoly_scheme.entity_id 
_pdbx_nonpoly_scheme.mon_id 
_pdbx_nonpoly_scheme.ndb_seq_num 
_pdbx_nonpoly_scheme.pdb_seq_num 
_pdbx_nonpoly_scheme.auth_seq_num 
_pdbx_nonpoly_scheme.pdb_mon_id 
_pdbx_nonpoly_scheme.auth_mon_id 
_pdbx_nonpoly_scheme.pdb_strand_id 
_pdbx_nonpoly_scheme.pdb_ins_code 
C 3 HOH 1   2001 2001 HOH HOH A . 
C 3 HOH 2   2002 2002 HOH HOH A . 
C 3 HOH 3   2003 2003 HOH HOH A . 
C 3 HOH 4   2004 2004 HOH HOH A . 
C 3 HOH 5   2005 2005 HOH HOH A . 
C 3 HOH 6   2006 2006 HOH HOH A . 
C 3 HOH 7   2007 2007 HOH HOH A . 
C 3 HOH 8   2008 2008 HOH HOH A . 
C 3 HOH 9   2009 2009 HOH HOH A . 
C 3 HOH 10  2010 2010 HOH HOH A . 
C 3 HOH 11  2011 2011 HOH HOH A . 
C 3 HOH 12  2012 2012 HOH HOH A . 
C 3 HOH 13  2013 2013 HOH HOH A . 
C 3 HOH 14  2014 2014 HOH HOH A . 
C 3 HOH 15  2015 2015 HOH HOH A . 
C 3 HOH 16  2016 2016 HOH HOH A . 
C 3 HOH 17  2017 2017 HOH HOH A . 
C 3 HOH 18  2018 2018 HOH HOH A . 
C 3 HOH 19  2019 2019 HOH HOH A . 
C 3 HOH 20  2020 2020 HOH HOH A . 
C 3 HOH 21  2021 2021 HOH HOH A . 
C 3 HOH 22  2022 2022 HOH HOH A . 
C 3 HOH 23  2023 2023 HOH HOH A . 
C 3 HOH 24  2024 2024 HOH HOH A . 
C 3 HOH 25  2025 2025 HOH HOH A . 
C 3 HOH 26  2026 2026 HOH HOH A . 
C 3 HOH 27  2027 2027 HOH HOH A . 
C 3 HOH 28  2028 2028 HOH HOH A . 
C 3 HOH 29  2029 2029 HOH HOH A . 
C 3 HOH 30  2030 2030 HOH HOH A . 
C 3 HOH 31  2031 2031 HOH HOH A . 
C 3 HOH 32  2032 2032 HOH HOH A . 
C 3 HOH 33  2033 2033 HOH HOH A . 
C 3 HOH 34  2034 2034 HOH HOH A . 
C 3 HOH 35  2035 2035 HOH HOH A . 
C 3 HOH 36  2036 2036 HOH HOH A . 
C 3 HOH 37  2037 2037 HOH HOH A . 
C 3 HOH 38  2038 2038 HOH HOH A . 
C 3 HOH 39  2039 2039 HOH HOH A . 
C 3 HOH 40  2040 2040 HOH HOH A . 
C 3 HOH 41  2041 2041 HOH HOH A . 
C 3 HOH 42  2042 2042 HOH HOH A . 
C 3 HOH 43  2043 2043 HOH HOH A . 
C 3 HOH 44  2044 2044 HOH HOH A . 
C 3 HOH 45  2045 2045 HOH HOH A . 
C 3 HOH 46  2046 2046 HOH HOH A . 
C 3 HOH 47  2047 2047 HOH HOH A . 
C 3 HOH 48  2048 2048 HOH HOH A . 
C 3 HOH 49  2049 2049 HOH HOH A . 
C 3 HOH 50  2050 2050 HOH HOH A . 
C 3 HOH 51  2051 2051 HOH HOH A . 
C 3 HOH 52  2052 2052 HOH HOH A . 
C 3 HOH 53  2053 2053 HOH HOH A . 
C 3 HOH 54  2054 2054 HOH HOH A . 
C 3 HOH 55  2055 2055 HOH HOH A . 
C 3 HOH 56  2056 2056 HOH HOH A . 
C 3 HOH 57  2057 2057 HOH HOH A . 
C 3 HOH 58  2058 2058 HOH HOH A . 
C 3 HOH 59  2059 2059 HOH HOH A . 
C 3 HOH 60  2060 2060 HOH HOH A . 
C 3 HOH 61  2061 2061 HOH HOH A . 
C 3 HOH 62  2062 2062 HOH HOH A . 
C 3 HOH 63  2063 2063 HOH HOH A . 
C 3 HOH 64  2064 2064 HOH HOH A . 
C 3 HOH 65  2065 2065 HOH HOH A . 
C 3 HOH 66  2066 2066 HOH HOH A . 
C 3 HOH 67  2067 2067 HOH HOH A . 
C 3 HOH 68  2068 2068 HOH HOH A . 
C 3 HOH 69  2069 2069 HOH HOH A . 
C 3 HOH 70  2070 2070 HOH HOH A . 
C 3 HOH 71  2071 2071 HOH HOH A . 
C 3 HOH 72  2072 2072 HOH HOH A . 
C 3 HOH 73  2073 2073 HOH HOH A . 
C 3 HOH 74  2074 2074 HOH HOH A . 
C 3 HOH 75  2075 2075 HOH HOH A . 
C 3 HOH 76  2076 2076 HOH HOH A . 
C 3 HOH 77  2077 2077 HOH HOH A . 
C 3 HOH 78  2078 2078 HOH HOH A . 
C 3 HOH 79  2079 2079 HOH HOH A . 
C 3 HOH 80  2080 2080 HOH HOH A . 
C 3 HOH 81  2081 2081 HOH HOH A . 
C 3 HOH 82  2082 2082 HOH HOH A . 
C 3 HOH 83  2083 2083 HOH HOH A . 
C 3 HOH 84  2084 2084 HOH HOH A . 
C 3 HOH 85  2085 2085 HOH HOH A . 
C 3 HOH 86  2086 2086 HOH HOH A . 
C 3 HOH 87  2087 2087 HOH HOH A . 
C 3 HOH 88  2088 2088 HOH HOH A . 
C 3 HOH 89  2089 2089 HOH HOH A . 
C 3 HOH 90  2090 2090 HOH HOH A . 
C 3 HOH 91  2091 2091 HOH HOH A . 
C 3 HOH 92  2092 2092 HOH HOH A . 
C 3 HOH 93  2093 2093 HOH HOH A . 
C 3 HOH 94  2094 2094 HOH HOH A . 
C 3 HOH 95  2095 2095 HOH HOH A . 
C 3 HOH 96  2096 2096 HOH HOH A . 
C 3 HOH 97  2097 2097 HOH HOH A . 
C 3 HOH 98  2098 2098 HOH HOH A . 
C 3 HOH 99  2099 2099 HOH HOH A . 
C 3 HOH 100 2100 2100 HOH HOH A . 
C 3 HOH 101 2101 2101 HOH HOH A . 
C 3 HOH 102 2102 2102 HOH HOH A . 
C 3 HOH 103 2103 2103 HOH HOH A . 
C 3 HOH 104 2104 2104 HOH HOH A . 
C 3 HOH 105 2105 2105 HOH HOH A . 
C 3 HOH 106 2106 2106 HOH HOH A . 
C 3 HOH 107 2107 2107 HOH HOH A . 
C 3 HOH 108 2108 2108 HOH HOH A . 
C 3 HOH 109 2109 2109 HOH HOH A . 
C 3 HOH 110 2110 2110 HOH HOH A . 
C 3 HOH 111 2111 2111 HOH HOH A . 
C 3 HOH 112 2112 2112 HOH HOH A . 
C 3 HOH 113 2113 2113 HOH HOH A . 
D 3 HOH 1   2001 2001 HOH HOH B . 
D 3 HOH 2   2002 2002 HOH HOH B . 
D 3 HOH 3   2003 2003 HOH HOH B . 
D 3 HOH 4   2004 2004 HOH HOH B . 
D 3 HOH 5   2005 2005 HOH HOH B . 
D 3 HOH 6   2006 2006 HOH HOH B . 
D 3 HOH 7   2007 2007 HOH HOH B . 
D 3 HOH 8   2008 2008 HOH HOH B . 
D 3 HOH 9   2009 2009 HOH HOH B . 
# 
loop_
_pdbx_unobs_or_zero_occ_atoms.id 
_pdbx_unobs_or_zero_occ_atoms.PDB_model_num 
_pdbx_unobs_or_zero_occ_atoms.polymer_flag 
_pdbx_unobs_or_zero_occ_atoms.occupancy_flag 
_pdbx_unobs_or_zero_occ_atoms.auth_asym_id 
_pdbx_unobs_or_zero_occ_atoms.auth_comp_id 
_pdbx_unobs_or_zero_occ_atoms.auth_seq_id 
_pdbx_unobs_or_zero_occ_atoms.PDB_ins_code 
_pdbx_unobs_or_zero_occ_atoms.auth_atom_id 
_pdbx_unobs_or_zero_occ_atoms.label_alt_id 
_pdbx_unobs_or_zero_occ_atoms.label_asym_id 
_pdbx_unobs_or_zero_occ_atoms.label_comp_id 
_pdbx_unobs_or_zero_occ_atoms.label_seq_id 
_pdbx_unobs_or_zero_occ_atoms.label_atom_id 
1 1 Y 1 A ARG 67 ? CG  ? A ARG 52 CG  
2 1 Y 1 A ARG 67 ? CD  ? A ARG 52 CD  
3 1 Y 1 A ARG 67 ? NE  ? A ARG 52 NE  
4 1 Y 1 A ARG 67 ? CZ  ? A ARG 52 CZ  
5 1 Y 1 A ARG 67 ? NH1 ? A ARG 52 NH1 
6 1 Y 1 A ARG 67 ? NH2 ? A ARG 52 NH2 
# 
loop_
_software.name 
_software.classification 
_software.version 
_software.citation_id 
_software.pdbx_ordinal 
REFMAC    refinement       5.5.0088 ? 1 
DENZO     'data reduction' .        ? 2 
SCALEPACK 'data scaling'   .        ? 3 
# 
_cell.entry_id           2X1F 
_cell.length_a           56.719 
_cell.length_b           56.719 
_cell.length_c           29.169 
_cell.angle_alpha        90.00 
_cell.angle_beta         90.00 
_cell.angle_gamma        90.00 
_cell.Z_PDB              4 
_cell.pdbx_unique_axis   ? 
# 
_symmetry.entry_id                         2X1F 
_symmetry.space_group_name_H-M             'P 4' 
_symmetry.pdbx_full_space_group_name_H-M   ? 
_symmetry.cell_setting                     ? 
_symmetry.Int_Tables_number                75 
# 
_exptl.entry_id          2X1F 
_exptl.method            'X-RAY DIFFRACTION' 
_exptl.crystals_number   ? 
# 
_exptl_crystal.id                    1 
_exptl_crystal.density_meas          ? 
_exptl_crystal.density_Matthews      1.90 
_exptl_crystal.density_percent_sol   35.3 
_exptl_crystal.description           NONE 
# 
_diffrn.id                     1 
_diffrn.ambient_temp           100 
_diffrn.ambient_temp_details   ? 
_diffrn.crystal_id             1 
# 
_diffrn_radiation.diffrn_id                        1 
_diffrn_radiation.wavelength_id                    1 
_diffrn_radiation.pdbx_monochromatic_or_laue_m_l   M 
_diffrn_radiation.monochromator                    ? 
_diffrn_radiation.pdbx_diffrn_protocol             'SINGLE WAVELENGTH' 
_diffrn_radiation.pdbx_scattering_type             x-ray 
# 
_diffrn_radiation_wavelength.id           1 
_diffrn_radiation_wavelength.wavelength   1.5418 
_diffrn_radiation_wavelength.wt           1.0 
# 
_diffrn_source.diffrn_id                   1 
_diffrn_source.source                      'ROTATING ANODE' 
_diffrn_source.type                        ? 
_diffrn_source.pdbx_synchrotron_site       ? 
_diffrn_source.pdbx_synchrotron_beamline   ? 
_diffrn_source.pdbx_wavelength             1.5418 
_diffrn_source.pdbx_wavelength_list        ? 
# 
_reflns.pdbx_diffrn_id               1 
_reflns.pdbx_ordinal                 1 
_reflns.entry_id                     2X1F 
_reflns.observed_criterion_sigma_I   3.0 
_reflns.observed_criterion_sigma_F   ? 
_reflns.d_resolution_low             20.00 
_reflns.d_resolution_high            1.60 
_reflns.number_obs                   12488 
_reflns.number_all                   ? 
_reflns.percent_possible_obs         99.3 
_reflns.pdbx_Rmerge_I_obs            0.05 
_reflns.pdbx_Rsym_value              ? 
_reflns.pdbx_netI_over_sigmaI        52.10 
_reflns.B_iso_Wilson_estimate        13.52 
_reflns.pdbx_redundancy              13 
# 
_refine.pdbx_refine_id                           'X-RAY DIFFRACTION' 
_refine.entry_id                                 2X1F 
_refine.pdbx_diffrn_id                           1 
_refine.pdbx_TLS_residual_ADP_flag               ? 
_refine.ls_number_reflns_obs                     11789 
_refine.ls_number_reflns_all                     ? 
_refine.pdbx_ls_sigma_I                          ? 
_refine.pdbx_ls_sigma_F                          . 
_refine.pdbx_data_cutoff_high_absF               ? 
_refine.pdbx_data_cutoff_low_absF                ? 
_refine.pdbx_data_cutoff_high_rms_absF           ? 
_refine.ls_d_res_low                             56.70 
_refine.ls_d_res_high                            1.60 
_refine.ls_percent_reflns_obs                    99.20 
_refine.ls_R_factor_obs                          0.21040 
_refine.ls_R_factor_all                          ? 
_refine.ls_R_factor_R_work                       0.20884 
_refine.ls_R_factor_R_free                       0.23998 
_refine.ls_R_factor_R_free_error                 ? 
_refine.ls_R_factor_R_free_error_details         ? 
_refine.ls_percent_reflns_R_free                 4.8 
_refine.ls_number_reflns_R_free                  594 
_refine.ls_number_parameters                     ? 
_refine.ls_number_restraints                     ? 
_refine.occupancy_min                            ? 
_refine.occupancy_max                            ? 
_refine.correlation_coeff_Fo_to_Fc               0.957 
_refine.correlation_coeff_Fo_to_Fc_free          0.940 
_refine.B_iso_mean                               17.154 
_refine.aniso_B[1][1]                            -0.53 
_refine.aniso_B[2][2]                            -0.53 
_refine.aniso_B[3][3]                            1.05 
_refine.aniso_B[1][2]                            0.00 
_refine.aniso_B[1][3]                            0.00 
_refine.aniso_B[2][3]                            0.00 
_refine.solvent_model_details                    MASK 
_refine.solvent_model_param_ksol                 ? 
_refine.solvent_model_param_bsol                 ? 
_refine.pdbx_solvent_vdw_probe_radii             1.40 
_refine.pdbx_solvent_ion_probe_radii             0.80 
_refine.pdbx_solvent_shrinkage_radii             0.80 
_refine.pdbx_ls_cross_valid_method               THROUGHOUT 
_refine.details                                  
'HYDROGENS HAVE BEEN ADDED IN THE RIDING POSITIONS. U VALUES REFINED INDIVIDUALLY.' 
_refine.pdbx_starting_model                      ? 
_refine.pdbx_method_to_determine_struct          OTHER 
_refine.pdbx_isotropic_thermal_model             ? 
_refine.pdbx_stereochemistry_target_values       'MAXIMUM LIKELIHOOD' 
_refine.pdbx_stereochem_target_val_spec_case     ? 
_refine.pdbx_R_Free_selection_details            RANDOM 
_refine.pdbx_overall_ESU_R                       0.113 
_refine.pdbx_overall_ESU_R_Free                  0.108 
_refine.overall_SU_ML                            0.075 
_refine.pdbx_overall_phase_error                 ? 
_refine.overall_SU_B                             2.094 
_refine.overall_SU_R_Cruickshank_DPI             ? 
_refine.pdbx_overall_SU_R_free_Cruickshank_DPI   ? 
_refine.pdbx_overall_SU_R_Blow_DPI               ? 
_refine.pdbx_overall_SU_R_free_Blow_DPI          ? 
# 
_refine_hist.pdbx_refine_id                   'X-RAY DIFFRACTION' 
_refine_hist.cycle_id                         LAST 
_refine_hist.pdbx_number_atoms_protein        730 
_refine_hist.pdbx_number_atoms_nucleic_acid   40 
_refine_hist.pdbx_number_atoms_ligand         0 
_refine_hist.number_atoms_solvent             122 
_refine_hist.number_atoms_total               892 
_refine_hist.d_res_high                       1.60 
_refine_hist.d_res_low                        56.70 
# 
loop_
_refine_ls_restr.type 
_refine_ls_restr.dev_ideal 
_refine_ls_restr.dev_ideal_target 
_refine_ls_restr.weight 
_refine_ls_restr.number 
_refine_ls_restr.pdbx_refine_id 
_refine_ls_restr.pdbx_restraint_function 
r_bond_refined_d             0.007  0.021  ? 804  'X-RAY DIFFRACTION' ? 
r_bond_other_d               0.003  0.020  ? 531  'X-RAY DIFFRACTION' ? 
r_angle_refined_deg          1.068  2.014  ? 1098 'X-RAY DIFFRACTION' ? 
r_angle_other_deg            0.790  3.000  ? 1297 'X-RAY DIFFRACTION' ? 
r_dihedral_angle_1_deg       5.336  5.000  ? 99   'X-RAY DIFFRACTION' ? 
r_dihedral_angle_2_deg       40.685 24.324 ? 37   'X-RAY DIFFRACTION' ? 
r_dihedral_angle_3_deg       13.588 15.000 ? 125  'X-RAY DIFFRACTION' ? 
r_dihedral_angle_4_deg       9.518  15.000 ? 4    'X-RAY DIFFRACTION' ? 
r_chiral_restr               0.067  0.200  ? 120  'X-RAY DIFFRACTION' ? 
r_gen_planes_refined         0.004  0.020  ? 888  'X-RAY DIFFRACTION' ? 
r_gen_planes_other           0.001  0.020  ? 162  'X-RAY DIFFRACTION' ? 
r_nbd_refined                ?      ?      ? ?    'X-RAY DIFFRACTION' ? 
r_nbd_other                  ?      ?      ? ?    'X-RAY DIFFRACTION' ? 
r_nbtor_refined              ?      ?      ? ?    'X-RAY DIFFRACTION' ? 
r_nbtor_other                ?      ?      ? ?    'X-RAY DIFFRACTION' ? 
r_xyhbond_nbd_refined        ?      ?      ? ?    'X-RAY DIFFRACTION' ? 
r_xyhbond_nbd_other          ?      ?      ? ?    'X-RAY DIFFRACTION' ? 
r_metal_ion_refined          ?      ?      ? ?    'X-RAY DIFFRACTION' ? 
r_metal_ion_other            ?      ?      ? ?    'X-RAY DIFFRACTION' ? 
r_symmetry_vdw_refined       ?      ?      ? ?    'X-RAY DIFFRACTION' ? 
r_symmetry_vdw_other         ?      ?      ? ?    'X-RAY DIFFRACTION' ? 
r_symmetry_hbond_refined     ?      ?      ? ?    'X-RAY DIFFRACTION' ? 
r_symmetry_hbond_other       ?      ?      ? ?    'X-RAY DIFFRACTION' ? 
r_symmetry_metal_ion_refined ?      ?      ? ?    'X-RAY DIFFRACTION' ? 
r_symmetry_metal_ion_other   ?      ?      ? ?    'X-RAY DIFFRACTION' ? 
r_mcbond_it                  0.643  1.500  ? 474  'X-RAY DIFFRACTION' ? 
r_mcbond_other               0.119  1.500  ? 197  'X-RAY DIFFRACTION' ? 
r_mcangle_it                 1.203  2.000  ? 763  'X-RAY DIFFRACTION' ? 
r_mcangle_other              ?      ?      ? ?    'X-RAY DIFFRACTION' ? 
r_scbond_it                  1.750  3.000  ? 330  'X-RAY DIFFRACTION' ? 
r_scbond_other               ?      ?      ? ?    'X-RAY DIFFRACTION' ? 
r_scangle_it                 2.785  4.500  ? 332  'X-RAY DIFFRACTION' ? 
r_scangle_other              ?      ?      ? ?    'X-RAY DIFFRACTION' ? 
r_long_range_B_refined       ?      ?      ? ?    'X-RAY DIFFRACTION' ? 
r_long_range_B_other         ?      ?      ? ?    'X-RAY DIFFRACTION' ? 
r_rigid_bond_restr           ?      ?      ? ?    'X-RAY DIFFRACTION' ? 
r_sphericity_free            ?      ?      ? ?    'X-RAY DIFFRACTION' ? 
r_sphericity_bonded          ?      ?      ? ?    'X-RAY DIFFRACTION' ? 
# 
_refine_ls_shell.pdbx_refine_id                   'X-RAY DIFFRACTION' 
_refine_ls_shell.pdbx_total_number_of_bins_used   20 
_refine_ls_shell.d_res_high                       1.601 
_refine_ls_shell.d_res_low                        1.642 
_refine_ls_shell.number_reflns_R_work             784 
_refine_ls_shell.R_factor_R_work                  0.412 
_refine_ls_shell.percent_reflns_obs               90.24 
_refine_ls_shell.R_factor_R_free                  0.473 
_refine_ls_shell.R_factor_R_free_error            ? 
_refine_ls_shell.percent_reflns_R_free            ? 
_refine_ls_shell.number_reflns_R_free             39 
_refine_ls_shell.number_reflns_all                ? 
_refine_ls_shell.R_factor_all                     ? 
# 
_struct.entry_id                  2X1F 
_struct.title                     'Structure of Rna15 RRM with bound RNA (GU)' 
_struct.pdbx_model_details        ? 
_struct.pdbx_CASP_flag            ? 
_struct.pdbx_model_type_details   ? 
# 
_struct_keywords.entry_id        2X1F 
_struct_keywords.pdbx_keywords   TRANSCRIPTION/RNA 
_struct_keywords.text            'TRANSCRIPTION-RNA COMPLEX, MRNA PROCESSING' 
# 
loop_
_struct_asym.id 
_struct_asym.pdbx_blank_PDB_chainid_flag 
_struct_asym.pdbx_modified 
_struct_asym.entity_id 
_struct_asym.details 
A N N 1 ? 
B N N 2 ? 
C N N 3 ? 
D N N 3 ? 
# 
loop_
_struct_ref.id 
_struct_ref.db_name 
_struct_ref.db_code 
_struct_ref.entity_id 
_struct_ref.pdbx_seq_one_letter_code 
_struct_ref.pdbx_align_begin 
_struct_ref.pdbx_db_accession 
_struct_ref.pdbx_db_isoform 
1 UNP RNA15_YEAST 1 ? ? P25299 ? 
2 PDB 2X1F        1 ? ? 2X1F   ? 
3 PDB 2X1F        2 ? ? 2X1F   ? 
# 
loop_
_struct_ref_seq.align_id 
_struct_ref_seq.ref_id 
_struct_ref_seq.pdbx_PDB_id_code 
_struct_ref_seq.pdbx_strand_id 
_struct_ref_seq.seq_align_beg 
_struct_ref_seq.pdbx_seq_align_beg_ins_code 
_struct_ref_seq.seq_align_end 
_struct_ref_seq.pdbx_seq_align_end_ins_code 
_struct_ref_seq.pdbx_db_accession 
_struct_ref_seq.db_align_beg 
_struct_ref_seq.pdbx_db_align_beg_ins_code 
_struct_ref_seq.db_align_end 
_struct_ref_seq.pdbx_db_align_end_ins_code 
_struct_ref_seq.pdbx_auth_seq_align_beg 
_struct_ref_seq.pdbx_auth_seq_align_end 
1 1 2X1F A 1  ? 88 ? P25299 16  ? 103 ? 16  103 
2 2 2X1F A 89 ? 96 ? 2X1F   104 ? 111 ? 104 111 
3 3 2X1F B 1  ? 5  ? 2X1F   1   ? 5   ? 1   5   
# 
_pdbx_struct_assembly.id                   1 
_pdbx_struct_assembly.details              author_and_software_defined_assembly 
_pdbx_struct_assembly.method_details       PISA 
_pdbx_struct_assembly.oligomeric_details   dimeric 
_pdbx_struct_assembly.oligomeric_count     2 
# 
loop_
_pdbx_struct_assembly_prop.biol_id 
_pdbx_struct_assembly_prop.type 
_pdbx_struct_assembly_prop.value 
_pdbx_struct_assembly_prop.details 
1 'ABSA (A^2)' 500  ? 
1 MORE         -2.0 ? 
1 'SSA (A^2)'  5690 ? 
# 
_pdbx_struct_assembly_gen.assembly_id       1 
_pdbx_struct_assembly_gen.oper_expression   1 
_pdbx_struct_assembly_gen.asym_id_list      A,B,C,D 
# 
_pdbx_struct_oper_list.id                   1 
_pdbx_struct_oper_list.type                 'identity operation' 
_pdbx_struct_oper_list.name                 1_555 
_pdbx_struct_oper_list.symmetry_operation   x,y,z 
_pdbx_struct_oper_list.matrix[1][1]         1.0000000000 
_pdbx_struct_oper_list.matrix[1][2]         0.0000000000 
_pdbx_struct_oper_list.matrix[1][3]         0.0000000000 
_pdbx_struct_oper_list.vector[1]            0.0000000000 
_pdbx_struct_oper_list.matrix[2][1]         0.0000000000 
_pdbx_struct_oper_list.matrix[2][2]         1.0000000000 
_pdbx_struct_oper_list.matrix[2][3]         0.0000000000 
_pdbx_struct_oper_list.vector[2]            0.0000000000 
_pdbx_struct_oper_list.matrix[3][1]         0.0000000000 
_pdbx_struct_oper_list.matrix[3][2]         0.0000000000 
_pdbx_struct_oper_list.matrix[3][3]         1.0000000000 
_pdbx_struct_oper_list.vector[3]            0.0000000000 
# 
_struct_biol.id   1 
# 
loop_
_struct_conf.conf_type_id 
_struct_conf.id 
_struct_conf.pdbx_PDB_helix_id 
_struct_conf.beg_label_comp_id 
_struct_conf.beg_label_asym_id 
_struct_conf.beg_label_seq_id 
_struct_conf.pdbx_beg_PDB_ins_code 
_struct_conf.end_label_comp_id 
_struct_conf.end_label_asym_id 
_struct_conf.end_label_seq_id 
_struct_conf.pdbx_end_PDB_ins_code 
_struct_conf.beg_auth_comp_id 
_struct_conf.beg_auth_asym_id 
_struct_conf.beg_auth_seq_id 
_struct_conf.end_auth_comp_id 
_struct_conf.end_auth_asym_id 
_struct_conf.end_auth_seq_id 
_struct_conf.pdbx_PDB_helix_class 
_struct_conf.details 
_struct_conf.pdbx_PDB_helix_length 
HELX_P HELX_P1 1 THR A 15 ? ASN A 25 ? THR A 30  ASN A 40  1 ? 11 
HELX_P HELX_P2 2 ASP A 53 ? ASN A 65 ? ASP A 68  ASN A 80  1 ? 13 
HELX_P HELX_P3 3 ASP A 83 ? SER A 85 ? ASP A 98  SER A 100 5 ? 3  
HELX_P HELX_P4 4 GLY A 86 ? HIS A 92 ? GLY A 101 HIS A 107 1 ? 7  
# 
_struct_conf_type.id          HELX_P 
_struct_conf_type.criteria    ? 
_struct_conf_type.reference   ? 
# 
loop_
_struct_sheet.id 
_struct_sheet.type 
_struct_sheet.number_strands 
_struct_sheet.details 
AA ? 4 ? 
AB ? 2 ? 
# 
loop_
_struct_sheet_order.sheet_id 
_struct_sheet_order.range_id_1 
_struct_sheet_order.range_id_2 
_struct_sheet_order.offset 
_struct_sheet_order.sense 
AA 1 2 ? anti-parallel 
AA 2 3 ? anti-parallel 
AA 3 4 ? anti-parallel 
AB 1 2 ? anti-parallel 
# 
loop_
_struct_sheet_range.sheet_id 
_struct_sheet_range.id 
_struct_sheet_range.beg_label_comp_id 
_struct_sheet_range.beg_label_asym_id 
_struct_sheet_range.beg_label_seq_id 
_struct_sheet_range.pdbx_beg_PDB_ins_code 
_struct_sheet_range.end_label_comp_id 
_struct_sheet_range.end_label_asym_id 
_struct_sheet_range.end_label_seq_id 
_struct_sheet_range.pdbx_end_PDB_ins_code 
_struct_sheet_range.beg_auth_comp_id 
_struct_sheet_range.beg_auth_asym_id 
_struct_sheet_range.beg_auth_seq_id 
_struct_sheet_range.end_auth_comp_id 
_struct_sheet_range.end_auth_asym_id 
_struct_sheet_range.end_auth_seq_id 
AA 1 VAL A 29 ? LYS A 33 ? VAL A 44 LYS A 48 
AA 2 TYR A 46 ? PHE A 51 ? TYR A 61 PHE A 66 
AA 3 VAL A 4  ? GLY A 8  ? VAL A 19 GLY A 23 
AA 4 LYS A 75 ? TYR A 78 ? LYS A 90 TYR A 93 
AB 1 GLN A 68 ? LEU A 69 ? GLN A 83 LEU A 84 
AB 2 ARG A 72 ? PHE A 73 ? ARG A 87 PHE A 88 
# 
loop_
_pdbx_struct_sheet_hbond.sheet_id 
_pdbx_struct_sheet_hbond.range_id_1 
_pdbx_struct_sheet_hbond.range_id_2 
_pdbx_struct_sheet_hbond.range_1_label_atom_id 
_pdbx_struct_sheet_hbond.range_1_label_comp_id 
_pdbx_struct_sheet_hbond.range_1_label_asym_id 
_pdbx_struct_sheet_hbond.range_1_label_seq_id 
_pdbx_struct_sheet_hbond.range_1_PDB_ins_code 
_pdbx_struct_sheet_hbond.range_1_auth_atom_id 
_pdbx_struct_sheet_hbond.range_1_auth_comp_id 
_pdbx_struct_sheet_hbond.range_1_auth_asym_id 
_pdbx_struct_sheet_hbond.range_1_auth_seq_id 
_pdbx_struct_sheet_hbond.range_2_label_atom_id 
_pdbx_struct_sheet_hbond.range_2_label_comp_id 
_pdbx_struct_sheet_hbond.range_2_label_asym_id 
_pdbx_struct_sheet_hbond.range_2_label_seq_id 
_pdbx_struct_sheet_hbond.range_2_PDB_ins_code 
_pdbx_struct_sheet_hbond.range_2_auth_atom_id 
_pdbx_struct_sheet_hbond.range_2_auth_comp_id 
_pdbx_struct_sheet_hbond.range_2_auth_asym_id 
_pdbx_struct_sheet_hbond.range_2_auth_seq_id 
AA 1 2 N LYS A 33 ? N LYS A 48 O PHE A 48 ? O PHE A 63 
AA 2 3 N ILE A 49 ? N ILE A 64 O VAL A 5  ? O VAL A 20 
AA 3 4 N GLY A 8  ? N GLY A 23 O LYS A 75 ? O LYS A 90 
AB 1 2 N LEU A 69 ? N LEU A 84 O ARG A 72 ? O ARG A 87 
# 
_pdbx_entry_details.entry_id                 2X1F 
_pdbx_entry_details.compound_details         ? 
_pdbx_entry_details.source_details           ? 
_pdbx_entry_details.nonpolymer_details       ? 
_pdbx_entry_details.sequence_details         'P16 TO S103 WITH C-TERMINAL HISTAG' 
_pdbx_entry_details.has_ligand_of_interest   ? 
# 
loop_
_pdbx_unobs_or_zero_occ_residues.id 
_pdbx_unobs_or_zero_occ_residues.PDB_model_num 
_pdbx_unobs_or_zero_occ_residues.polymer_flag 
_pdbx_unobs_or_zero_occ_residues.occupancy_flag 
_pdbx_unobs_or_zero_occ_residues.auth_asym_id 
_pdbx_unobs_or_zero_occ_residues.auth_comp_id 
_pdbx_unobs_or_zero_occ_residues.auth_seq_id 
_pdbx_unobs_or_zero_occ_residues.PDB_ins_code 
_pdbx_unobs_or_zero_occ_residues.label_asym_id 
_pdbx_unobs_or_zero_occ_residues.label_comp_id 
_pdbx_unobs_or_zero_occ_residues.label_seq_id 
1 1 Y 1 A HIS 110 ? A HIS 95 
2 1 Y 1 A HIS 111 ? A HIS 96 
3 1 Y 1 B U   3   ? B U   3  
4 1 Y 1 B G   4   ? B G   4  
5 1 Y 1 B U   5   ? B U   5  
# 
loop_
_chem_comp_atom.comp_id 
_chem_comp_atom.atom_id 
_chem_comp_atom.type_symbol 
_chem_comp_atom.pdbx_aromatic_flag 
_chem_comp_atom.pdbx_stereo_config 
_chem_comp_atom.pdbx_ordinal 
ALA N      N N N 1   
ALA CA     C N S 2   
ALA C      C N N 3   
ALA O      O N N 4   
ALA CB     C N N 5   
ALA OXT    O N N 6   
ALA H      H N N 7   
ALA H2     H N N 8   
ALA HA     H N N 9   
ALA HB1    H N N 10  
ALA HB2    H N N 11  
ALA HB3    H N N 12  
ALA HXT    H N N 13  
ARG N      N N N 14  
ARG CA     C N S 15  
ARG C      C N N 16  
ARG O      O N N 17  
ARG CB     C N N 18  
ARG CG     C N N 19  
ARG CD     C N N 20  
ARG NE     N N N 21  
ARG CZ     C N N 22  
ARG NH1    N N N 23  
ARG NH2    N N N 24  
ARG OXT    O N N 25  
ARG H      H N N 26  
ARG H2     H N N 27  
ARG HA     H N N 28  
ARG HB2    H N N 29  
ARG HB3    H N N 30  
ARG HG2    H N N 31  
ARG HG3    H N N 32  
ARG HD2    H N N 33  
ARG HD3    H N N 34  
ARG HE     H N N 35  
ARG HH11   H N N 36  
ARG HH12   H N N 37  
ARG HH21   H N N 38  
ARG HH22   H N N 39  
ARG HXT    H N N 40  
ASN N      N N N 41  
ASN CA     C N S 42  
ASN C      C N N 43  
ASN O      O N N 44  
ASN CB     C N N 45  
ASN CG     C N N 46  
ASN OD1    O N N 47  
ASN ND2    N N N 48  
ASN OXT    O N N 49  
ASN H      H N N 50  
ASN H2     H N N 51  
ASN HA     H N N 52  
ASN HB2    H N N 53  
ASN HB3    H N N 54  
ASN HD21   H N N 55  
ASN HD22   H N N 56  
ASN HXT    H N N 57  
ASP N      N N N 58  
ASP CA     C N S 59  
ASP C      C N N 60  
ASP O      O N N 61  
ASP CB     C N N 62  
ASP CG     C N N 63  
ASP OD1    O N N 64  
ASP OD2    O N N 65  
ASP OXT    O N N 66  
ASP H      H N N 67  
ASP H2     H N N 68  
ASP HA     H N N 69  
ASP HB2    H N N 70  
ASP HB3    H N N 71  
ASP HD2    H N N 72  
ASP HXT    H N N 73  
CYS N      N N N 74  
CYS CA     C N R 75  
CYS C      C N N 76  
CYS O      O N N 77  
CYS CB     C N N 78  
CYS SG     S N N 79  
CYS OXT    O N N 80  
CYS H      H N N 81  
CYS H2     H N N 82  
CYS HA     H N N 83  
CYS HB2    H N N 84  
CYS HB3    H N N 85  
CYS HG     H N N 86  
CYS HXT    H N N 87  
G   OP3    O N N 88  
G   P      P N N 89  
G   OP1    O N N 90  
G   OP2    O N N 91  
G   "O5'"  O N N 92  
G   "C5'"  C N N 93  
G   "C4'"  C N R 94  
G   "O4'"  O N N 95  
G   "C3'"  C N S 96  
G   "O3'"  O N N 97  
G   "C2'"  C N R 98  
G   "O2'"  O N N 99  
G   "C1'"  C N R 100 
G   N9     N Y N 101 
G   C8     C Y N 102 
G   N7     N Y N 103 
G   C5     C Y N 104 
G   C6     C N N 105 
G   O6     O N N 106 
G   N1     N N N 107 
G   C2     C N N 108 
G   N2     N N N 109 
G   N3     N N N 110 
G   C4     C Y N 111 
G   HOP3   H N N 112 
G   HOP2   H N N 113 
G   "H5'"  H N N 114 
G   "H5''" H N N 115 
G   "H4'"  H N N 116 
G   "H3'"  H N N 117 
G   "HO3'" H N N 118 
G   "H2'"  H N N 119 
G   "HO2'" H N N 120 
G   "H1'"  H N N 121 
G   H8     H N N 122 
G   H1     H N N 123 
G   H21    H N N 124 
G   H22    H N N 125 
GLN N      N N N 126 
GLN CA     C N S 127 
GLN C      C N N 128 
GLN O      O N N 129 
GLN CB     C N N 130 
GLN CG     C N N 131 
GLN CD     C N N 132 
GLN OE1    O N N 133 
GLN NE2    N N N 134 
GLN OXT    O N N 135 
GLN H      H N N 136 
GLN H2     H N N 137 
GLN HA     H N N 138 
GLN HB2    H N N 139 
GLN HB3    H N N 140 
GLN HG2    H N N 141 
GLN HG3    H N N 142 
GLN HE21   H N N 143 
GLN HE22   H N N 144 
GLN HXT    H N N 145 
GLU N      N N N 146 
GLU CA     C N S 147 
GLU C      C N N 148 
GLU O      O N N 149 
GLU CB     C N N 150 
GLU CG     C N N 151 
GLU CD     C N N 152 
GLU OE1    O N N 153 
GLU OE2    O N N 154 
GLU OXT    O N N 155 
GLU H      H N N 156 
GLU H2     H N N 157 
GLU HA     H N N 158 
GLU HB2    H N N 159 
GLU HB3    H N N 160 
GLU HG2    H N N 161 
GLU HG3    H N N 162 
GLU HE2    H N N 163 
GLU HXT    H N N 164 
GLY N      N N N 165 
GLY CA     C N N 166 
GLY C      C N N 167 
GLY O      O N N 168 
GLY OXT    O N N 169 
GLY H      H N N 170 
GLY H2     H N N 171 
GLY HA2    H N N 172 
GLY HA3    H N N 173 
GLY HXT    H N N 174 
HIS N      N N N 175 
HIS CA     C N S 176 
HIS C      C N N 177 
HIS O      O N N 178 
HIS CB     C N N 179 
HIS CG     C Y N 180 
HIS ND1    N Y N 181 
HIS CD2    C Y N 182 
HIS CE1    C Y N 183 
HIS NE2    N Y N 184 
HIS OXT    O N N 185 
HIS H      H N N 186 
HIS H2     H N N 187 
HIS HA     H N N 188 
HIS HB2    H N N 189 
HIS HB3    H N N 190 
HIS HD1    H N N 191 
HIS HD2    H N N 192 
HIS HE1    H N N 193 
HIS HE2    H N N 194 
HIS HXT    H N N 195 
HOH O      O N N 196 
HOH H1     H N N 197 
HOH H2     H N N 198 
ILE N      N N N 199 
ILE CA     C N S 200 
ILE C      C N N 201 
ILE O      O N N 202 
ILE CB     C N S 203 
ILE CG1    C N N 204 
ILE CG2    C N N 205 
ILE CD1    C N N 206 
ILE OXT    O N N 207 
ILE H      H N N 208 
ILE H2     H N N 209 
ILE HA     H N N 210 
ILE HB     H N N 211 
ILE HG12   H N N 212 
ILE HG13   H N N 213 
ILE HG21   H N N 214 
ILE HG22   H N N 215 
ILE HG23   H N N 216 
ILE HD11   H N N 217 
ILE HD12   H N N 218 
ILE HD13   H N N 219 
ILE HXT    H N N 220 
LEU N      N N N 221 
LEU CA     C N S 222 
LEU C      C N N 223 
LEU O      O N N 224 
LEU CB     C N N 225 
LEU CG     C N N 226 
LEU CD1    C N N 227 
LEU CD2    C N N 228 
LEU OXT    O N N 229 
LEU H      H N N 230 
LEU H2     H N N 231 
LEU HA     H N N 232 
LEU HB2    H N N 233 
LEU HB3    H N N 234 
LEU HG     H N N 235 
LEU HD11   H N N 236 
LEU HD12   H N N 237 
LEU HD13   H N N 238 
LEU HD21   H N N 239 
LEU HD22   H N N 240 
LEU HD23   H N N 241 
LEU HXT    H N N 242 
LYS N      N N N 243 
LYS CA     C N S 244 
LYS C      C N N 245 
LYS O      O N N 246 
LYS CB     C N N 247 
LYS CG     C N N 248 
LYS CD     C N N 249 
LYS CE     C N N 250 
LYS NZ     N N N 251 
LYS OXT    O N N 252 
LYS H      H N N 253 
LYS H2     H N N 254 
LYS HA     H N N 255 
LYS HB2    H N N 256 
LYS HB3    H N N 257 
LYS HG2    H N N 258 
LYS HG3    H N N 259 
LYS HD2    H N N 260 
LYS HD3    H N N 261 
LYS HE2    H N N 262 
LYS HE3    H N N 263 
LYS HZ1    H N N 264 
LYS HZ2    H N N 265 
LYS HZ3    H N N 266 
LYS HXT    H N N 267 
MET N      N N N 268 
MET CA     C N S 269 
MET C      C N N 270 
MET O      O N N 271 
MET CB     C N N 272 
MET CG     C N N 273 
MET SD     S N N 274 
MET CE     C N N 275 
MET OXT    O N N 276 
MET H      H N N 277 
MET H2     H N N 278 
MET HA     H N N 279 
MET HB2    H N N 280 
MET HB3    H N N 281 
MET HG2    H N N 282 
MET HG3    H N N 283 
MET HE1    H N N 284 
MET HE2    H N N 285 
MET HE3    H N N 286 
MET HXT    H N N 287 
PHE N      N N N 288 
PHE CA     C N S 289 
PHE C      C N N 290 
PHE O      O N N 291 
PHE CB     C N N 292 
PHE CG     C Y N 293 
PHE CD1    C Y N 294 
PHE CD2    C Y N 295 
PHE CE1    C Y N 296 
PHE CE2    C Y N 297 
PHE CZ     C Y N 298 
PHE OXT    O N N 299 
PHE H      H N N 300 
PHE H2     H N N 301 
PHE HA     H N N 302 
PHE HB2    H N N 303 
PHE HB3    H N N 304 
PHE HD1    H N N 305 
PHE HD2    H N N 306 
PHE HE1    H N N 307 
PHE HE2    H N N 308 
PHE HZ     H N N 309 
PHE HXT    H N N 310 
PRO N      N N N 311 
PRO CA     C N S 312 
PRO C      C N N 313 
PRO O      O N N 314 
PRO CB     C N N 315 
PRO CG     C N N 316 
PRO CD     C N N 317 
PRO OXT    O N N 318 
PRO H      H N N 319 
PRO HA     H N N 320 
PRO HB2    H N N 321 
PRO HB3    H N N 322 
PRO HG2    H N N 323 
PRO HG3    H N N 324 
PRO HD2    H N N 325 
PRO HD3    H N N 326 
PRO HXT    H N N 327 
SER N      N N N 328 
SER CA     C N S 329 
SER C      C N N 330 
SER O      O N N 331 
SER CB     C N N 332 
SER OG     O N N 333 
SER OXT    O N N 334 
SER H      H N N 335 
SER H2     H N N 336 
SER HA     H N N 337 
SER HB2    H N N 338 
SER HB3    H N N 339 
SER HG     H N N 340 
SER HXT    H N N 341 
THR N      N N N 342 
THR CA     C N S 343 
THR C      C N N 344 
THR O      O N N 345 
THR CB     C N R 346 
THR OG1    O N N 347 
THR CG2    C N N 348 
THR OXT    O N N 349 
THR H      H N N 350 
THR H2     H N N 351 
THR HA     H N N 352 
THR HB     H N N 353 
THR HG1    H N N 354 
THR HG21   H N N 355 
THR HG22   H N N 356 
THR HG23   H N N 357 
THR HXT    H N N 358 
TYR N      N N N 359 
TYR CA     C N S 360 
TYR C      C N N 361 
TYR O      O N N 362 
TYR CB     C N N 363 
TYR CG     C Y N 364 
TYR CD1    C Y N 365 
TYR CD2    C Y N 366 
TYR CE1    C Y N 367 
TYR CE2    C Y N 368 
TYR CZ     C Y N 369 
TYR OH     O N N 370 
TYR OXT    O N N 371 
TYR H      H N N 372 
TYR H2     H N N 373 
TYR HA     H N N 374 
TYR HB2    H N N 375 
TYR HB3    H N N 376 
TYR HD1    H N N 377 
TYR HD2    H N N 378 
TYR HE1    H N N 379 
TYR HE2    H N N 380 
TYR HH     H N N 381 
TYR HXT    H N N 382 
U   OP3    O N N 383 
U   P      P N N 384 
U   OP1    O N N 385 
U   OP2    O N N 386 
U   "O5'"  O N N 387 
U   "C5'"  C N N 388 
U   "C4'"  C N R 389 
U   "O4'"  O N N 390 
U   "C3'"  C N S 391 
U   "O3'"  O N N 392 
U   "C2'"  C N R 393 
U   "O2'"  O N N 394 
U   "C1'"  C N R 395 
U   N1     N N N 396 
U   C2     C N N 397 
U   O2     O N N 398 
U   N3     N N N 399 
U   C4     C N N 400 
U   O4     O N N 401 
U   C5     C N N 402 
U   C6     C N N 403 
U   HOP3   H N N 404 
U   HOP2   H N N 405 
U   "H5'"  H N N 406 
U   "H5''" H N N 407 
U   "H4'"  H N N 408 
U   "H3'"  H N N 409 
U   "HO3'" H N N 410 
U   "H2'"  H N N 411 
U   "HO2'" H N N 412 
U   "H1'"  H N N 413 
U   H3     H N N 414 
U   H5     H N N 415 
U   H6     H N N 416 
VAL N      N N N 417 
VAL CA     C N S 418 
VAL C      C N N 419 
VAL O      O N N 420 
VAL CB     C N N 421 
VAL CG1    C N N 422 
VAL CG2    C N N 423 
VAL OXT    O N N 424 
VAL H      H N N 425 
VAL H2     H N N 426 
VAL HA     H N N 427 
VAL HB     H N N 428 
VAL HG11   H N N 429 
VAL HG12   H N N 430 
VAL HG13   H N N 431 
VAL HG21   H N N 432 
VAL HG22   H N N 433 
VAL HG23   H N N 434 
VAL HXT    H N N 435 
# 
loop_
_chem_comp_bond.comp_id 
_chem_comp_bond.atom_id_1 
_chem_comp_bond.atom_id_2 
_chem_comp_bond.value_order 
_chem_comp_bond.pdbx_aromatic_flag 
_chem_comp_bond.pdbx_stereo_config 
_chem_comp_bond.pdbx_ordinal 
ALA N     CA     sing N N 1   
ALA N     H      sing N N 2   
ALA N     H2     sing N N 3   
ALA CA    C      sing N N 4   
ALA CA    CB     sing N N 5   
ALA CA    HA     sing N N 6   
ALA C     O      doub N N 7   
ALA C     OXT    sing N N 8   
ALA CB    HB1    sing N N 9   
ALA CB    HB2    sing N N 10  
ALA CB    HB3    sing N N 11  
ALA OXT   HXT    sing N N 12  
ARG N     CA     sing N N 13  
ARG N     H      sing N N 14  
ARG N     H2     sing N N 15  
ARG CA    C      sing N N 16  
ARG CA    CB     sing N N 17  
ARG CA    HA     sing N N 18  
ARG C     O      doub N N 19  
ARG C     OXT    sing N N 20  
ARG CB    CG     sing N N 21  
ARG CB    HB2    sing N N 22  
ARG CB    HB3    sing N N 23  
ARG CG    CD     sing N N 24  
ARG CG    HG2    sing N N 25  
ARG CG    HG3    sing N N 26  
ARG CD    NE     sing N N 27  
ARG CD    HD2    sing N N 28  
ARG CD    HD3    sing N N 29  
ARG NE    CZ     sing N N 30  
ARG NE    HE     sing N N 31  
ARG CZ    NH1    sing N N 32  
ARG CZ    NH2    doub N N 33  
ARG NH1   HH11   sing N N 34  
ARG NH1   HH12   sing N N 35  
ARG NH2   HH21   sing N N 36  
ARG NH2   HH22   sing N N 37  
ARG OXT   HXT    sing N N 38  
ASN N     CA     sing N N 39  
ASN N     H      sing N N 40  
ASN N     H2     sing N N 41  
ASN CA    C      sing N N 42  
ASN CA    CB     sing N N 43  
ASN CA    HA     sing N N 44  
ASN C     O      doub N N 45  
ASN C     OXT    sing N N 46  
ASN CB    CG     sing N N 47  
ASN CB    HB2    sing N N 48  
ASN CB    HB3    sing N N 49  
ASN CG    OD1    doub N N 50  
ASN CG    ND2    sing N N 51  
ASN ND2   HD21   sing N N 52  
ASN ND2   HD22   sing N N 53  
ASN OXT   HXT    sing N N 54  
ASP N     CA     sing N N 55  
ASP N     H      sing N N 56  
ASP N     H2     sing N N 57  
ASP CA    C      sing N N 58  
ASP CA    CB     sing N N 59  
ASP CA    HA     sing N N 60  
ASP C     O      doub N N 61  
ASP C     OXT    sing N N 62  
ASP CB    CG     sing N N 63  
ASP CB    HB2    sing N N 64  
ASP CB    HB3    sing N N 65  
ASP CG    OD1    doub N N 66  
ASP CG    OD2    sing N N 67  
ASP OD2   HD2    sing N N 68  
ASP OXT   HXT    sing N N 69  
CYS N     CA     sing N N 70  
CYS N     H      sing N N 71  
CYS N     H2     sing N N 72  
CYS CA    C      sing N N 73  
CYS CA    CB     sing N N 74  
CYS CA    HA     sing N N 75  
CYS C     O      doub N N 76  
CYS C     OXT    sing N N 77  
CYS CB    SG     sing N N 78  
CYS CB    HB2    sing N N 79  
CYS CB    HB3    sing N N 80  
CYS SG    HG     sing N N 81  
CYS OXT   HXT    sing N N 82  
G   OP3   P      sing N N 83  
G   OP3   HOP3   sing N N 84  
G   P     OP1    doub N N 85  
G   P     OP2    sing N N 86  
G   P     "O5'"  sing N N 87  
G   OP2   HOP2   sing N N 88  
G   "O5'" "C5'"  sing N N 89  
G   "C5'" "C4'"  sing N N 90  
G   "C5'" "H5'"  sing N N 91  
G   "C5'" "H5''" sing N N 92  
G   "C4'" "O4'"  sing N N 93  
G   "C4'" "C3'"  sing N N 94  
G   "C4'" "H4'"  sing N N 95  
G   "O4'" "C1'"  sing N N 96  
G   "C3'" "O3'"  sing N N 97  
G   "C3'" "C2'"  sing N N 98  
G   "C3'" "H3'"  sing N N 99  
G   "O3'" "HO3'" sing N N 100 
G   "C2'" "O2'"  sing N N 101 
G   "C2'" "C1'"  sing N N 102 
G   "C2'" "H2'"  sing N N 103 
G   "O2'" "HO2'" sing N N 104 
G   "C1'" N9     sing N N 105 
G   "C1'" "H1'"  sing N N 106 
G   N9    C8     sing Y N 107 
G   N9    C4     sing Y N 108 
G   C8    N7     doub Y N 109 
G   C8    H8     sing N N 110 
G   N7    C5     sing Y N 111 
G   C5    C6     sing N N 112 
G   C5    C4     doub Y N 113 
G   C6    O6     doub N N 114 
G   C6    N1     sing N N 115 
G   N1    C2     sing N N 116 
G   N1    H1     sing N N 117 
G   C2    N2     sing N N 118 
G   C2    N3     doub N N 119 
G   N2    H21    sing N N 120 
G   N2    H22    sing N N 121 
G   N3    C4     sing N N 122 
GLN N     CA     sing N N 123 
GLN N     H      sing N N 124 
GLN N     H2     sing N N 125 
GLN CA    C      sing N N 126 
GLN CA    CB     sing N N 127 
GLN CA    HA     sing N N 128 
GLN C     O      doub N N 129 
GLN C     OXT    sing N N 130 
GLN CB    CG     sing N N 131 
GLN CB    HB2    sing N N 132 
GLN CB    HB3    sing N N 133 
GLN CG    CD     sing N N 134 
GLN CG    HG2    sing N N 135 
GLN CG    HG3    sing N N 136 
GLN CD    OE1    doub N N 137 
GLN CD    NE2    sing N N 138 
GLN NE2   HE21   sing N N 139 
GLN NE2   HE22   sing N N 140 
GLN OXT   HXT    sing N N 141 
GLU N     CA     sing N N 142 
GLU N     H      sing N N 143 
GLU N     H2     sing N N 144 
GLU CA    C      sing N N 145 
GLU CA    CB     sing N N 146 
GLU CA    HA     sing N N 147 
GLU C     O      doub N N 148 
GLU C     OXT    sing N N 149 
GLU CB    CG     sing N N 150 
GLU CB    HB2    sing N N 151 
GLU CB    HB3    sing N N 152 
GLU CG    CD     sing N N 153 
GLU CG    HG2    sing N N 154 
GLU CG    HG3    sing N N 155 
GLU CD    OE1    doub N N 156 
GLU CD    OE2    sing N N 157 
GLU OE2   HE2    sing N N 158 
GLU OXT   HXT    sing N N 159 
GLY N     CA     sing N N 160 
GLY N     H      sing N N 161 
GLY N     H2     sing N N 162 
GLY CA    C      sing N N 163 
GLY CA    HA2    sing N N 164 
GLY CA    HA3    sing N N 165 
GLY C     O      doub N N 166 
GLY C     OXT    sing N N 167 
GLY OXT   HXT    sing N N 168 
HIS N     CA     sing N N 169 
HIS N     H      sing N N 170 
HIS N     H2     sing N N 171 
HIS CA    C      sing N N 172 
HIS CA    CB     sing N N 173 
HIS CA    HA     sing N N 174 
HIS C     O      doub N N 175 
HIS C     OXT    sing N N 176 
HIS CB    CG     sing N N 177 
HIS CB    HB2    sing N N 178 
HIS CB    HB3    sing N N 179 
HIS CG    ND1    sing Y N 180 
HIS CG    CD2    doub Y N 181 
HIS ND1   CE1    doub Y N 182 
HIS ND1   HD1    sing N N 183 
HIS CD2   NE2    sing Y N 184 
HIS CD2   HD2    sing N N 185 
HIS CE1   NE2    sing Y N 186 
HIS CE1   HE1    sing N N 187 
HIS NE2   HE2    sing N N 188 
HIS OXT   HXT    sing N N 189 
HOH O     H1     sing N N 190 
HOH O     H2     sing N N 191 
ILE N     CA     sing N N 192 
ILE N     H      sing N N 193 
ILE N     H2     sing N N 194 
ILE CA    C      sing N N 195 
ILE CA    CB     sing N N 196 
ILE CA    HA     sing N N 197 
ILE C     O      doub N N 198 
ILE C     OXT    sing N N 199 
ILE CB    CG1    sing N N 200 
ILE CB    CG2    sing N N 201 
ILE CB    HB     sing N N 202 
ILE CG1   CD1    sing N N 203 
ILE CG1   HG12   sing N N 204 
ILE CG1   HG13   sing N N 205 
ILE CG2   HG21   sing N N 206 
ILE CG2   HG22   sing N N 207 
ILE CG2   HG23   sing N N 208 
ILE CD1   HD11   sing N N 209 
ILE CD1   HD12   sing N N 210 
ILE CD1   HD13   sing N N 211 
ILE OXT   HXT    sing N N 212 
LEU N     CA     sing N N 213 
LEU N     H      sing N N 214 
LEU N     H2     sing N N 215 
LEU CA    C      sing N N 216 
LEU CA    CB     sing N N 217 
LEU CA    HA     sing N N 218 
LEU C     O      doub N N 219 
LEU C     OXT    sing N N 220 
LEU CB    CG     sing N N 221 
LEU CB    HB2    sing N N 222 
LEU CB    HB3    sing N N 223 
LEU CG    CD1    sing N N 224 
LEU CG    CD2    sing N N 225 
LEU CG    HG     sing N N 226 
LEU CD1   HD11   sing N N 227 
LEU CD1   HD12   sing N N 228 
LEU CD1   HD13   sing N N 229 
LEU CD2   HD21   sing N N 230 
LEU CD2   HD22   sing N N 231 
LEU CD2   HD23   sing N N 232 
LEU OXT   HXT    sing N N 233 
LYS N     CA     sing N N 234 
LYS N     H      sing N N 235 
LYS N     H2     sing N N 236 
LYS CA    C      sing N N 237 
LYS CA    CB     sing N N 238 
LYS CA    HA     sing N N 239 
LYS C     O      doub N N 240 
LYS C     OXT    sing N N 241 
LYS CB    CG     sing N N 242 
LYS CB    HB2    sing N N 243 
LYS CB    HB3    sing N N 244 
LYS CG    CD     sing N N 245 
LYS CG    HG2    sing N N 246 
LYS CG    HG3    sing N N 247 
LYS CD    CE     sing N N 248 
LYS CD    HD2    sing N N 249 
LYS CD    HD3    sing N N 250 
LYS CE    NZ     sing N N 251 
LYS CE    HE2    sing N N 252 
LYS CE    HE3    sing N N 253 
LYS NZ    HZ1    sing N N 254 
LYS NZ    HZ2    sing N N 255 
LYS NZ    HZ3    sing N N 256 
LYS OXT   HXT    sing N N 257 
MET N     CA     sing N N 258 
MET N     H      sing N N 259 
MET N     H2     sing N N 260 
MET CA    C      sing N N 261 
MET CA    CB     sing N N 262 
MET CA    HA     sing N N 263 
MET C     O      doub N N 264 
MET C     OXT    sing N N 265 
MET CB    CG     sing N N 266 
MET CB    HB2    sing N N 267 
MET CB    HB3    sing N N 268 
MET CG    SD     sing N N 269 
MET CG    HG2    sing N N 270 
MET CG    HG3    sing N N 271 
MET SD    CE     sing N N 272 
MET CE    HE1    sing N N 273 
MET CE    HE2    sing N N 274 
MET CE    HE3    sing N N 275 
MET OXT   HXT    sing N N 276 
PHE N     CA     sing N N 277 
PHE N     H      sing N N 278 
PHE N     H2     sing N N 279 
PHE CA    C      sing N N 280 
PHE CA    CB     sing N N 281 
PHE CA    HA     sing N N 282 
PHE C     O      doub N N 283 
PHE C     OXT    sing N N 284 
PHE CB    CG     sing N N 285 
PHE CB    HB2    sing N N 286 
PHE CB    HB3    sing N N 287 
PHE CG    CD1    doub Y N 288 
PHE CG    CD2    sing Y N 289 
PHE CD1   CE1    sing Y N 290 
PHE CD1   HD1    sing N N 291 
PHE CD2   CE2    doub Y N 292 
PHE CD2   HD2    sing N N 293 
PHE CE1   CZ     doub Y N 294 
PHE CE1   HE1    sing N N 295 
PHE CE2   CZ     sing Y N 296 
PHE CE2   HE2    sing N N 297 
PHE CZ    HZ     sing N N 298 
PHE OXT   HXT    sing N N 299 
PRO N     CA     sing N N 300 
PRO N     CD     sing N N 301 
PRO N     H      sing N N 302 
PRO CA    C      sing N N 303 
PRO CA    CB     sing N N 304 
PRO CA    HA     sing N N 305 
PRO C     O      doub N N 306 
PRO C     OXT    sing N N 307 
PRO CB    CG     sing N N 308 
PRO CB    HB2    sing N N 309 
PRO CB    HB3    sing N N 310 
PRO CG    CD     sing N N 311 
PRO CG    HG2    sing N N 312 
PRO CG    HG3    sing N N 313 
PRO CD    HD2    sing N N 314 
PRO CD    HD3    sing N N 315 
PRO OXT   HXT    sing N N 316 
SER N     CA     sing N N 317 
SER N     H      sing N N 318 
SER N     H2     sing N N 319 
SER CA    C      sing N N 320 
SER CA    CB     sing N N 321 
SER CA    HA     sing N N 322 
SER C     O      doub N N 323 
SER C     OXT    sing N N 324 
SER CB    OG     sing N N 325 
SER CB    HB2    sing N N 326 
SER CB    HB3    sing N N 327 
SER OG    HG     sing N N 328 
SER OXT   HXT    sing N N 329 
THR N     CA     sing N N 330 
THR N     H      sing N N 331 
THR N     H2     sing N N 332 
THR CA    C      sing N N 333 
THR CA    CB     sing N N 334 
THR CA    HA     sing N N 335 
THR C     O      doub N N 336 
THR C     OXT    sing N N 337 
THR CB    OG1    sing N N 338 
THR CB    CG2    sing N N 339 
THR CB    HB     sing N N 340 
THR OG1   HG1    sing N N 341 
THR CG2   HG21   sing N N 342 
THR CG2   HG22   sing N N 343 
THR CG2   HG23   sing N N 344 
THR OXT   HXT    sing N N 345 
TYR N     CA     sing N N 346 
TYR N     H      sing N N 347 
TYR N     H2     sing N N 348 
TYR CA    C      sing N N 349 
TYR CA    CB     sing N N 350 
TYR CA    HA     sing N N 351 
TYR C     O      doub N N 352 
TYR C     OXT    sing N N 353 
TYR CB    CG     sing N N 354 
TYR CB    HB2    sing N N 355 
TYR CB    HB3    sing N N 356 
TYR CG    CD1    doub Y N 357 
TYR CG    CD2    sing Y N 358 
TYR CD1   CE1    sing Y N 359 
TYR CD1   HD1    sing N N 360 
TYR CD2   CE2    doub Y N 361 
TYR CD2   HD2    sing N N 362 
TYR CE1   CZ     doub Y N 363 
TYR CE1   HE1    sing N N 364 
TYR CE2   CZ     sing Y N 365 
TYR CE2   HE2    sing N N 366 
TYR CZ    OH     sing N N 367 
TYR OH    HH     sing N N 368 
TYR OXT   HXT    sing N N 369 
U   OP3   P      sing N N 370 
U   OP3   HOP3   sing N N 371 
U   P     OP1    doub N N 372 
U   P     OP2    sing N N 373 
U   P     "O5'"  sing N N 374 
U   OP2   HOP2   sing N N 375 
U   "O5'" "C5'"  sing N N 376 
U   "C5'" "C4'"  sing N N 377 
U   "C5'" "H5'"  sing N N 378 
U   "C5'" "H5''" sing N N 379 
U   "C4'" "O4'"  sing N N 380 
U   "C4'" "C3'"  sing N N 381 
U   "C4'" "H4'"  sing N N 382 
U   "O4'" "C1'"  sing N N 383 
U   "C3'" "O3'"  sing N N 384 
U   "C3'" "C2'"  sing N N 385 
U   "C3'" "H3'"  sing N N 386 
U   "O3'" "HO3'" sing N N 387 
U   "C2'" "O2'"  sing N N 388 
U   "C2'" "C1'"  sing N N 389 
U   "C2'" "H2'"  sing N N 390 
U   "O2'" "HO2'" sing N N 391 
U   "C1'" N1     sing N N 392 
U   "C1'" "H1'"  sing N N 393 
U   N1    C2     sing N N 394 
U   N1    C6     sing N N 395 
U   C2    O2     doub N N 396 
U   C2    N3     sing N N 397 
U   N3    C4     sing N N 398 
U   N3    H3     sing N N 399 
U   C4    O4     doub N N 400 
U   C4    C5     sing N N 401 
U   C5    C6     doub N N 402 
U   C5    H5     sing N N 403 
U   C6    H6     sing N N 404 
VAL N     CA     sing N N 405 
VAL N     H      sing N N 406 
VAL N     H2     sing N N 407 
VAL CA    C      sing N N 408 
VAL CA    CB     sing N N 409 
VAL CA    HA     sing N N 410 
VAL C     O      doub N N 411 
VAL C     OXT    sing N N 412 
VAL CB    CG1    sing N N 413 
VAL CB    CG2    sing N N 414 
VAL CB    HB     sing N N 415 
VAL CG1   HG11   sing N N 416 
VAL CG1   HG12   sing N N 417 
VAL CG1   HG13   sing N N 418 
VAL CG2   HG21   sing N N 419 
VAL CG2   HG22   sing N N 420 
VAL CG2   HG23   sing N N 421 
VAL OXT   HXT    sing N N 422 
# 
_atom_sites.entry_id                    2X1F 
_atom_sites.fract_transf_matrix[1][1]   0.00710610 
_atom_sites.fract_transf_matrix[1][2]   0.00313527 
_atom_sites.fract_transf_matrix[1][3]   0.01582800 
_atom_sites.fract_transf_matrix[2][1]   0.01611740 
_atom_sites.fract_transf_matrix[2][2]   -0.00055942 
_atom_sites.fract_transf_matrix[2][3]   -0.00712522 
_atom_sites.fract_transf_matrix[3][1]   -0.00148723 
_atom_sites.fract_transf_matrix[3][2]   0.03371905 
_atom_sites.fract_transf_matrix[3][3]   -0.00601150 
_atom_sites.fract_transf_vector[1]      0.177045 
_atom_sites.fract_transf_vector[2]      0.295776 
_atom_sites.fract_transf_vector[3]      0.973331 
# 
loop_
_atom_type.symbol 
C 
N 
O 
P 
S 
# 
loop_
_atom_site.group_PDB 
_atom_site.id 
_atom_site.type_symbol 
_atom_site.label_atom_id 
_atom_site.label_alt_id 
_atom_site.label_comp_id 
_atom_site.label_asym_id 
_atom_site.label_entity_id 
_atom_site.label_seq_id 
_atom_site.pdbx_PDB_ins_code 
_atom_site.Cartn_x 
_atom_site.Cartn_y 
_atom_site.Cartn_z 
_atom_site.occupancy 
_atom_site.B_iso_or_equiv 
_atom_site.pdbx_formal_charge 
_atom_site.auth_seq_id 
_atom_site.auth_comp_id 
_atom_site.auth_asym_id 
_atom_site.auth_atom_id 
_atom_site.pdbx_PDB_model_num 
ATOM   1   N N     . PRO A 1 1  ? -8.537  4.738   12.669  1.00 25.58 ? 16   PRO A N     1 
ATOM   2   C CA    . PRO A 1 1  ? -8.507  3.899   11.484  1.00 24.88 ? 16   PRO A CA    1 
ATOM   3   C C     . PRO A 1 1  ? -9.099  4.518   10.216  1.00 23.77 ? 16   PRO A C     1 
ATOM   4   O O     . PRO A 1 1  ? -9.711  5.588   10.247  1.00 25.13 ? 16   PRO A O     1 
ATOM   5   C CB    . PRO A 1 1  ? -9.309  2.681   11.934  1.00 25.27 ? 16   PRO A CB    1 
ATOM   6   C CG    . PRO A 1 1  ? -8.968  2.558   13.416  1.00 26.01 ? 16   PRO A CG    1 
ATOM   7   C CD    . PRO A 1 1  ? -8.461  3.906   13.882  1.00 25.62 ? 16   PRO A CD    1 
ATOM   8   N N     . SER A 1 2  ? -8.898  3.819   9.107   1.00 21.43 ? 17   SER A N     1 
ATOM   9   C CA    . SER A 1 2  ? -9.333  4.262   7.790   1.00 19.35 ? 17   SER A CA    1 
ATOM   10  C C     . SER A 1 2  ? -9.407  3.004   6.963   1.00 17.69 ? 17   SER A C     1 
ATOM   11  O O     . SER A 1 2  ? -8.792  2.009   7.330   1.00 17.15 ? 17   SER A O     1 
ATOM   12  C CB    . SER A 1 2  ? -8.306  5.229   7.186   1.00 19.39 ? 17   SER A CB    1 
ATOM   13  O OG    . SER A 1 2  ? -8.515  5.422   5.805   1.00 17.56 ? 17   SER A OG    1 
ATOM   14  N N     . ARG A 1 3  ? -10.132 3.048   5.845   1.00 16.49 ? 18   ARG A N     1 
ATOM   15  C CA    . ARG A 1 3  ? -10.093 1.948   4.891   1.00 15.66 ? 18   ARG A CA    1 
ATOM   16  C C     . ARG A 1 3  ? -8.820  2.020   4.049   1.00 14.62 ? 18   ARG A C     1 
ATOM   17  O O     . ARG A 1 3  ? -8.478  1.044   3.368   1.00 13.95 ? 18   ARG A O     1 
ATOM   18  C CB    . ARG A 1 3  ? -11.312 1.958   3.966   1.00 15.88 ? 18   ARG A CB    1 
ATOM   19  C CG    . ARG A 1 3  ? -12.638 1.751   4.677   1.00 17.43 ? 18   ARG A CG    1 
ATOM   20  C CD    . ARG A 1 3  ? -13.787 1.518   3.693   1.00 20.55 ? 18   ARG A CD    1 
ATOM   21  N NE    . ARG A 1 3  ? -13.774 2.461   2.580   1.00 24.61 ? 18   ARG A NE    1 
ATOM   22  C CZ    . ARG A 1 3  ? -14.212 3.715   2.625   1.00 27.23 ? 18   ARG A CZ    1 
ATOM   23  N NH1   . ARG A 1 3  ? -14.715 4.234   3.745   1.00 29.92 ? 18   ARG A NH1   1 
ATOM   24  N NH2   . ARG A 1 3  ? -14.148 4.465   1.534   1.00 29.50 ? 18   ARG A NH2   1 
ATOM   25  N N     . VAL A 1 4  ? -8.137  3.162   4.095   1.00 13.48 ? 19   VAL A N     1 
ATOM   26  C CA    . VAL A 1 4  ? -6.890  3.358   3.351   1.00 13.00 ? 19   VAL A CA    1 
ATOM   27  C C     . VAL A 1 4  ? -5.670  3.098   4.246   1.00 12.83 ? 19   VAL A C     1 
ATOM   28  O O     . VAL A 1 4  ? -5.566  3.630   5.356   1.00 13.26 ? 19   VAL A O     1 
ATOM   29  C CB    . VAL A 1 4  ? -6.794  4.782   2.762   1.00 12.99 ? 19   VAL A CB    1 
ATOM   30  C CG1   . VAL A 1 4  ? -5.542  4.926   1.901   1.00 13.39 ? 19   VAL A CG1   1 
ATOM   31  C CG2   . VAL A 1 4  ? -8.038  5.122   1.947   1.00 14.31 ? 19   VAL A CG2   1 
ATOM   32  N N     . VAL A 1 5  ? -4.736  2.305   3.750   1.00 12.01 ? 20   VAL A N     1 
ATOM   33  C CA    . VAL A 1 5  ? -3.478  2.068   4.447   1.00 11.63 ? 20   VAL A CA    1 
ATOM   34  C C     . VAL A 1 5  ? -2.306  2.522   3.580   1.00 11.52 ? 20   VAL A C     1 
ATOM   35  O O     . VAL A 1 5  ? -2.388  2.543   2.351   1.00 12.67 ? 20   VAL A O     1 
ATOM   36  C CB    . VAL A 1 5  ? -3.276  0.578   4.843   1.00 11.92 ? 20   VAL A CB    1 
ATOM   37  C CG1   . VAL A 1 5  ? -4.452  0.073   5.712   1.00 13.01 ? 20   VAL A CG1   1 
ATOM   38  C CG2   . VAL A 1 5  ? -3.093  -0.297  3.628   1.00 12.37 ? 20   VAL A CG2   1 
ATOM   39  N N     . TYR A 1 6  ? -1.238  2.912   4.256   1.00 11.68 ? 21   TYR A N     1 
ATOM   40  C CA    . TYR A 1 6  ? 0.056   3.137   3.628   1.00 11.60 ? 21   TYR A CA    1 
ATOM   41  C C     . TYR A 1 6  ? 0.901   1.881   3.763   1.00 11.92 ? 21   TYR A C     1 
ATOM   42  O O     . TYR A 1 6  ? 0.965   1.271   4.835   1.00 11.71 ? 21   TYR A O     1 
ATOM   43  C CB    . TYR A 1 6  ? 0.768   4.315   4.288   1.00 11.63 ? 21   TYR A CB    1 
ATOM   44  C CG    . TYR A 1 6  ? 2.191   4.493   3.834   1.00 11.68 ? 21   TYR A CG    1 
ATOM   45  C CD1   . TYR A 1 6  ? 2.480   5.177   2.666   1.00 12.71 ? 21   TYR A CD1   1 
ATOM   46  C CD2   . TYR A 1 6  ? 3.255   3.968   4.560   1.00 14.29 ? 21   TYR A CD2   1 
ATOM   47  C CE1   . TYR A 1 6  ? 3.774   5.333   2.223   1.00 13.61 ? 21   TYR A CE1   1 
ATOM   48  C CE2   . TYR A 1 6  ? 4.576   4.160   4.133   1.00 13.69 ? 21   TYR A CE2   1 
ATOM   49  C CZ    . TYR A 1 6  ? 4.819   4.838   2.956   1.00 14.37 ? 21   TYR A CZ    1 
ATOM   50  O OH    . TYR A 1 6  ? 6.116   5.019   2.496   1.00 15.18 ? 21   TYR A OH    1 
ATOM   51  N N     . LEU A 1 7  ? 1.559   1.500   2.667   1.00 11.79 ? 22   LEU A N     1 
ATOM   52  C CA    . LEU A 1 7  ? 2.466   0.364   2.637   1.00 12.28 ? 22   LEU A CA    1 
ATOM   53  C C     . LEU A 1 7  ? 3.822   0.859   2.133   1.00 12.33 ? 22   LEU A C     1 
ATOM   54  O O     . LEU A 1 7  ? 3.905   1.416   1.040   1.00 13.20 ? 22   LEU A O     1 
ATOM   55  C CB    . LEU A 1 7  ? 1.920   -0.730  1.707   1.00 11.91 ? 22   LEU A CB    1 
ATOM   56  C CG    . LEU A 1 7  ? 2.677   -2.063  1.710   1.00 12.06 ? 22   LEU A CG    1 
ATOM   57  C CD1   . LEU A 1 7  ? 2.603   -2.725  3.101   1.00 12.81 ? 22   LEU A CD1   1 
ATOM   58  C CD2   . LEU A 1 7  ? 2.139   -2.998  0.624   1.00 13.83 ? 22   LEU A CD2   1 
ATOM   59  N N     . GLY A 1 8  ? 4.868   0.673   2.932   1.00 12.95 ? 23   GLY A N     1 
ATOM   60  C CA    . GLY A 1 8  ? 6.186   1.198   2.618   1.00 13.16 ? 23   GLY A CA    1 
ATOM   61  C C     . GLY A 1 8  ? 7.285   0.155   2.710   1.00 13.58 ? 23   GLY A C     1 
ATOM   62  O O     . GLY A 1 8  ? 7.076   -0.985  3.145   1.00 13.12 ? 23   GLY A O     1 
ATOM   63  N N     . SER A 1 9  ? 8.463   0.571   2.275   1.00 14.73 ? 24   SER A N     1 
ATOM   64  C CA    . SER A 1 9  ? 9.651   -0.269  2.214   1.00 15.80 ? 24   SER A CA    1 
ATOM   65  C C     . SER A 1 9  ? 9.468   -1.405  1.203   1.00 15.80 ? 24   SER A C     1 
ATOM   66  O O     . SER A 1 9  ? 10.029  -2.496  1.372   1.00 16.36 ? 24   SER A O     1 
ATOM   67  C CB    . SER A 1 9  ? 10.009  -0.811  3.599   1.00 16.11 ? 24   SER A CB    1 
ATOM   68  O OG    . SER A 1 9  ? 11.410  -1.035  3.707   1.00 19.92 ? 24   SER A OG    1 
ATOM   69  N N     . ILE A 1 10 ? 8.680   -1.133  0.162   1.00 15.64 ? 25   ILE A N     1 
ATOM   70  C CA    . ILE A 1 10 ? 8.380   -2.116  -0.882  1.00 16.23 ? 25   ILE A CA    1 
ATOM   71  C C     . ILE A 1 10 ? 9.576   -2.190  -1.839  1.00 16.83 ? 25   ILE A C     1 
ATOM   72  O O     . ILE A 1 10 ? 10.043  -1.151  -2.325  1.00 16.96 ? 25   ILE A O     1 
ATOM   73  C CB    . ILE A 1 10 ? 7.144   -1.729  -1.707  1.00 16.27 ? 25   ILE A CB    1 
ATOM   74  C CG1   . ILE A 1 10 ? 5.913   -1.538  -0.820  1.00 15.41 ? 25   ILE A CG1   1 
ATOM   75  C CG2   . ILE A 1 10 ? 6.832   -2.798  -2.740  1.00 16.27 ? 25   ILE A CG2   1 
ATOM   76  C CD1   . ILE A 1 10 ? 4.706   -1.065  -1.589  1.00 15.86 ? 25   ILE A CD1   1 
ATOM   77  N N     . PRO A 1 11 ? 10.057  -3.407  -2.127  1.00 18.52 ? 26   PRO A N     1 
ATOM   78  C CA    . PRO A 1 11 ? 11.095  -3.511  -3.155  1.00 19.17 ? 26   PRO A CA    1 
ATOM   79  C C     . PRO A 1 11 ? 10.663  -2.833  -4.462  1.00 20.50 ? 26   PRO A C     1 
ATOM   80  O O     . PRO A 1 11 ? 9.545   -3.035  -4.926  1.00 20.13 ? 26   PRO A O     1 
ATOM   81  C CB    . PRO A 1 11 ? 11.271  -5.024  -3.313  1.00 19.44 ? 26   PRO A CB    1 
ATOM   82  C CG    . PRO A 1 11 ? 10.947  -5.570  -1.987  1.00 19.01 ? 26   PRO A CG    1 
ATOM   83  C CD    . PRO A 1 11 ? 9.816   -4.697  -1.464  1.00 18.25 ? 26   PRO A CD    1 
ATOM   84  N N     . TYR A 1 12 ? 11.557  -2.040  -5.048  1.00 20.97 ? 27   TYR A N     1 
ATOM   85  C CA    . TYR A 1 12 ? 11.216  -1.133  -6.159  1.00 22.28 ? 27   TYR A CA    1 
ATOM   86  C C     . TYR A 1 12 ? 10.690  -1.769  -7.448  1.00 23.19 ? 27   TYR A C     1 
ATOM   87  O O     . TYR A 1 12 ? 9.955   -1.121  -8.207  1.00 23.85 ? 27   TYR A O     1 
ATOM   88  C CB    . TYR A 1 12 ? 12.432  -0.293  -6.541  1.00 22.29 ? 27   TYR A CB    1 
ATOM   89  C CG    . TYR A 1 12 ? 12.855  0.738   -5.524  1.00 22.24 ? 27   TYR A CG    1 
ATOM   90  C CD1   . TYR A 1 12 ? 11.916  1.499   -4.831  1.00 21.23 ? 27   TYR A CD1   1 
ATOM   91  C CD2   . TYR A 1 12 ? 14.198  0.981   -5.283  1.00 21.29 ? 27   TYR A CD2   1 
ATOM   92  C CE1   . TYR A 1 12 ? 12.304  2.452   -3.922  1.00 21.23 ? 27   TYR A CE1   1 
ATOM   93  C CE2   . TYR A 1 12 ? 14.598  1.938   -4.375  1.00 20.69 ? 27   TYR A CE2   1 
ATOM   94  C CZ    . TYR A 1 12 ? 13.643  2.673   -3.695  1.00 20.28 ? 27   TYR A CZ    1 
ATOM   95  O OH    . TYR A 1 12 ? 14.022  3.626   -2.790  1.00 20.42 ? 27   TYR A OH    1 
ATOM   96  N N     . ASP A 1 13 ? 11.077  -3.006  -7.700  1.00 24.03 ? 28   ASP A N     1 
ATOM   97  C CA    . ASP A 1 13 ? 10.671  -3.685  -8.931  1.00 25.15 ? 28   ASP A CA    1 
ATOM   98  C C     . ASP A 1 13 ? 9.298   -4.328  -8.803  1.00 24.95 ? 28   ASP A C     1 
ATOM   99  O O     . ASP A 1 13 ? 8.707   -4.702  -9.820  1.00 26.14 ? 28   ASP A O     1 
ATOM   100 C CB    . ASP A 1 13 ? 11.710  -4.723  -9.372  1.00 25.39 ? 28   ASP A CB    1 
ATOM   101 C CG    . ASP A 1 13 ? 12.060  -5.709  -8.285  1.00 27.04 ? 28   ASP A CG    1 
ATOM   102 O OD1   . ASP A 1 13 ? 11.839  -5.394  -7.095  1.00 32.50 ? 28   ASP A OD1   1 
ATOM   103 O OD2   . ASP A 1 13 ? 12.575  -6.796  -8.620  1.00 30.19 ? 28   ASP A OD2   1 
ATOM   104 N N     . GLN A 1 14 ? 8.780   -4.455  -7.578  1.00 24.72 ? 29   GLN A N     1 
ATOM   105 C CA    . GLN A 1 14 ? 7.437   -5.012  -7.403  1.00 23.99 ? 29   GLN A CA    1 
ATOM   106 C C     . GLN A 1 14 ? 6.443   -4.173  -8.190  1.00 23.66 ? 29   GLN A C     1 
ATOM   107 O O     . GLN A 1 14 ? 6.440   -2.940  -8.098  1.00 23.83 ? 29   GLN A O     1 
ATOM   108 C CB    . GLN A 1 14 ? 7.016   -5.061  -5.922  1.00 23.36 ? 29   GLN A CB    1 
ATOM   109 C CG    . GLN A 1 14 ? 7.824   -6.013  -5.051  1.00 23.60 ? 29   GLN A CG    1 
ATOM   110 C CD    . GLN A 1 14 ? 7.539   -7.475  -5.336  1.00 24.48 ? 29   GLN A CD    1 
ATOM   111 O OE1   . GLN A 1 14 ? 8.454   -8.245  -5.656  1.00 27.29 ? 29   GLN A OE1   1 
ATOM   112 N NE2   . GLN A 1 14 ? 6.279   -7.868  -5.225  1.00 24.32 ? 29   GLN A NE2   1 
ATOM   113 N N     . THR A 1 15 ? 5.599   -4.841  -8.971  1.00 23.53 ? 30   THR A N     1 
ATOM   114 C CA    . THR A 1 15 ? 4.633   -4.157  -9.820  1.00 23.55 ? 30   THR A CA    1 
ATOM   115 C C     . THR A 1 15 ? 3.328   -3.899  -9.062  1.00 23.26 ? 30   THR A C     1 
ATOM   116 O O     . THR A 1 15 ? 3.129   -4.431  -7.970  1.00 23.14 ? 30   THR A O     1 
ATOM   117 C CB    . THR A 1 15 ? 4.335   -4.988  -11.068 1.00 23.70 ? 30   THR A CB    1 
ATOM   118 O OG1   . THR A 1 15 ? 3.694   -6.209  -10.686 1.00 23.70 ? 30   THR A OG1   1 
ATOM   119 C CG2   . THR A 1 15 ? 5.638   -5.329  -11.808 1.00 23.89 ? 30   THR A CG2   1 
ATOM   120 N N     . GLU A 1 16 ? 2.448   -3.090  -9.643  1.00 23.73 ? 31   GLU A N     1 
ATOM   121 C CA    . GLU A 1 16 ? 1.131   -2.814  -9.055  1.00 24.10 ? 31   GLU A CA    1 
ATOM   122 C C     . GLU A 1 16 ? 0.323   -4.107  -8.923  1.00 23.73 ? 31   GLU A C     1 
ATOM   123 O O     . GLU A 1 16 ? -0.403  -4.315  -7.949  1.00 23.22 ? 31   GLU A O     1 
ATOM   124 C CB    . GLU A 1 16 ? 0.361   -1.802  -9.911  1.00 24.69 ? 31   GLU A CB    1 
ATOM   125 C CG    . GLU A 1 16 ? -0.581  -0.909  -9.137  1.00 27.20 ? 31   GLU A CG    1 
ATOM   126 C CD    . GLU A 1 16 ? -0.870  0.398   -9.858  1.00 30.34 ? 31   GLU A CD    1 
ATOM   127 O OE1   . GLU A 1 16 ? -0.359  1.457   -9.428  1.00 33.00 ? 31   GLU A OE1   1 
ATOM   128 O OE2   . GLU A 1 16 ? -1.596  0.367   -10.866 1.00 33.66 ? 31   GLU A OE2   1 
ATOM   129 N N     . GLU A 1 17 ? 0.493   -4.984  -9.904  1.00 23.45 ? 32   GLU A N     1 
ATOM   130 C CA    . GLU A 1 17 ? -0.200  -6.263  -9.944  1.00 23.14 ? 32   GLU A CA    1 
ATOM   131 C C     . GLU A 1 17 ? 0.263   -7.164  -8.785  1.00 22.05 ? 32   GLU A C     1 
ATOM   132 O O     . GLU A 1 17 ? -0.554  -7.820  -8.135  1.00 22.14 ? 32   GLU A O     1 
ATOM   133 C CB    . GLU A 1 17 ? 0.023   -6.935  -11.316 1.00 23.89 ? 32   GLU A CB    1 
ATOM   134 C CG    . GLU A 1 17 ? -0.275  -6.006  -12.523 1.00 26.41 ? 32   GLU A CG    1 
ATOM   135 C CD    . GLU A 1 17 ? 0.859   -5.008  -12.835 1.00 28.78 ? 32   GLU A CD    1 
ATOM   136 O OE1   . GLU A 1 17 ? 1.991   -5.463  -13.077 1.00 30.93 ? 32   GLU A OE1   1 
ATOM   137 O OE2   . GLU A 1 17 ? 0.618   -3.772  -12.848 1.00 28.56 ? 32   GLU A OE2   1 
ATOM   138 N N     . GLN A 1 18 ? 1.568   -7.165  -8.506  1.00 20.87 ? 33   GLN A N     1 
ATOM   139 C CA    . GLN A 1 18 ? 2.142   -7.936  -7.407  1.00 19.89 ? 33   GLN A CA    1 
ATOM   140 C C     . GLN A 1 18 ? 1.696   -7.427  -6.039  1.00 18.70 ? 33   GLN A C     1 
ATOM   141 O O     . GLN A 1 18 ? 1.451   -8.220  -5.137  1.00 18.55 ? 33   GLN A O     1 
ATOM   142 C CB    . GLN A 1 18 ? 3.664   -7.924  -7.478  1.00 20.58 ? 33   GLN A CB    1 
ATOM   143 C CG    . GLN A 1 18 ? 4.232   -8.814  -8.564  1.00 21.33 ? 33   GLN A CG    1 
ATOM   144 C CD    . GLN A 1 18 ? 5.733   -8.646  -8.698  1.00 22.10 ? 33   GLN A CD    1 
ATOM   145 O OE1   . GLN A 1 18 ? 6.208   -7.573  -9.052  1.00 23.43 ? 33   GLN A OE1   1 
ATOM   146 N NE2   . GLN A 1 18 ? 6.482   -9.704  -8.412  1.00 25.22 ? 33   GLN A NE2   1 
ATOM   147 N N     . ILE A 1 19 ? 1.604   -6.109  -5.900  1.00 17.64 ? 34   ILE A N     1 
ATOM   148 C CA    . ILE A 1 19 ? 1.129   -5.506  -4.649  1.00 16.74 ? 34   ILE A CA    1 
ATOM   149 C C     . ILE A 1 19 ? -0.363  -5.765  -4.491  1.00 16.53 ? 34   ILE A C     1 
ATOM   150 O O     . ILE A 1 19 ? -0.821  -6.074  -3.396  1.00 15.92 ? 34   ILE A O     1 
ATOM   151 C CB    . ILE A 1 19 ? 1.472   -4.006  -4.566  1.00 16.53 ? 34   ILE A CB    1 
ATOM   152 C CG1   . ILE A 1 19 ? 2.993   -3.820  -4.538  1.00 17.53 ? 34   ILE A CG1   1 
ATOM   153 C CG2   . ILE A 1 19 ? 0.844   -3.349  -3.317  1.00 16.16 ? 34   ILE A CG2   1 
ATOM   154 C CD1   . ILE A 1 19 ? 3.696   -4.593  -3.445  1.00 17.84 ? 34   ILE A CD1   1 
ATOM   155 N N     . LEU A 1 20 ? -1.119  -5.668  -5.584  1.00 16.37 ? 35   LEU A N     1 
ATOM   156 C CA    . LEU A 1 20 ? -2.537  -6.021  -5.561  1.00 16.89 ? 35   LEU A CA    1 
ATOM   157 C C     . LEU A 1 20 ? -2.734  -7.470  -5.112  1.00 17.24 ? 35   LEU A C     1 
ATOM   158 O O     . LEU A 1 20 ? -3.576  -7.745  -4.256  1.00 17.28 ? 35   LEU A O     1 
ATOM   159 C CB    . LEU A 1 20 ? -3.155  -5.826  -6.943  1.00 16.73 ? 35   LEU A CB    1 
ATOM   160 C CG    . LEU A 1 20 ? -4.610  -6.261  -7.079  1.00 18.04 ? 35   LEU A CG    1 
ATOM   161 C CD1   . LEU A 1 20 ? -5.487  -5.451  -6.147  1.00 18.53 ? 35   LEU A CD1   1 
ATOM   162 C CD2   . LEU A 1 20 ? -5.072  -6.110  -8.526  1.00 18.45 ? 35   LEU A CD2   1 
ATOM   163 N N     . ASP A 1 21 ? -1.954  -8.386  -5.693  1.00 17.47 ? 36   ASP A N     1 
ATOM   164 C CA    A ASP A 1 21 ? -2.030  -9.803  -5.338  0.70 18.19 ? 36   ASP A CA    1 
ATOM   165 C CA    B ASP A 1 21 ? -2.005  -9.809  -5.342  0.30 17.90 ? 36   ASP A CA    1 
ATOM   166 C C     . ASP A 1 21 ? -1.718  -10.014 -3.857  1.00 18.04 ? 36   ASP A C     1 
ATOM   167 O O     . ASP A 1 21 ? -2.422  -10.768 -3.169  1.00 18.47 ? 36   ASP A O     1 
ATOM   168 C CB    A ASP A 1 21 ? -1.095  -10.641 -6.227  0.70 18.56 ? 36   ASP A CB    1 
ATOM   169 C CB    B ASP A 1 21 ? -0.991  -10.599 -6.181  0.30 18.07 ? 36   ASP A CB    1 
ATOM   170 C CG    A ASP A 1 21 ? -1.640  -10.828 -7.641  0.70 19.96 ? 36   ASP A CG    1 
ATOM   171 C CG    B ASP A 1 21 ? -1.031  -12.093 -5.902  0.30 18.51 ? 36   ASP A CG    1 
ATOM   172 O OD1   A ASP A 1 21 ? -2.725  -10.290 -7.949  0.70 22.48 ? 36   ASP A OD1   1 
ATOM   173 O OD1   B ASP A 1 21 ? -2.110  -12.706 -6.044  0.30 19.76 ? 36   ASP A OD1   1 
ATOM   174 O OD2   A ASP A 1 21 ? -0.984  -11.531 -8.443  0.70 23.28 ? 36   ASP A OD2   1 
ATOM   175 O OD2   B ASP A 1 21 ? 0.024   -12.658 -5.547  0.30 20.82 ? 36   ASP A OD2   1 
ATOM   176 N N     . LEU A 1 22 ? -0.680  -9.343  -3.361  1.00 17.24 ? 37   LEU A N     1 
ATOM   177 C CA    . LEU A 1 22 ? -0.333  -9.396  -1.933  1.00 17.45 ? 37   LEU A CA    1 
ATOM   178 C C     . LEU A 1 22 ? -1.519  -8.952  -1.077  1.00 17.29 ? 37   LEU A C     1 
ATOM   179 O O     . LEU A 1 22 ? -1.954  -9.670  -0.164  1.00 17.23 ? 37   LEU A O     1 
ATOM   180 C CB    . LEU A 1 22 ? 0.880   -8.495  -1.647  1.00 17.44 ? 37   LEU A CB    1 
ATOM   181 C CG    . LEU A 1 22 ? 1.276   -8.269  -0.181  1.00 18.12 ? 37   LEU A CG    1 
ATOM   182 C CD1   . LEU A 1 22 ? 1.634   -9.592  0.492   1.00 18.83 ? 37   LEU A CD1   1 
ATOM   183 C CD2   . LEU A 1 22 ? 2.428   -7.282  -0.065  1.00 17.50 ? 37   LEU A CD2   1 
ATOM   184 N N     . CYS A 1 23 ? -2.033  -7.764  -1.378  1.00 17.33 ? 38   CYS A N     1 
ATOM   185 C CA    . CYS A 1 23 ? -3.097  -7.163  -0.586  1.00 17.75 ? 38   CYS A CA    1 
ATOM   186 C C     . CYS A 1 23 ? -4.404  -7.959  -0.655  1.00 18.82 ? 38   CYS A C     1 
ATOM   187 O O     . CYS A 1 23 ? -5.198  -7.916  0.291   1.00 18.76 ? 38   CYS A O     1 
ATOM   188 C CB    . CYS A 1 23 ? -3.311  -5.698  -0.993  1.00 17.27 ? 38   CYS A CB    1 
ATOM   189 S SG    . CYS A 1 23 ? -1.943  -4.614  -0.519  1.00 17.58 ? 38   CYS A SG    1 
ATOM   190 N N     . SER A 1 24 ? -4.613  -8.701  -1.747  1.00 19.60 ? 39   SER A N     1 
ATOM   191 C CA    A SER A 1 24 ? -5.799  -9.552  -1.917  0.70 20.45 ? 39   SER A CA    1 
ATOM   192 C CA    B SER A 1 24 ? -5.818  -9.525  -1.903  0.30 19.96 ? 39   SER A CA    1 
ATOM   193 C C     . SER A 1 24 ? -5.893  -10.644 -0.863  1.00 20.16 ? 39   SER A C     1 
ATOM   194 O O     . SER A 1 24 ? -6.983  -11.143 -0.569  1.00 20.92 ? 39   SER A O     1 
ATOM   195 C CB    A SER A 1 24 ? -5.777  -10.218 -3.291  0.70 20.56 ? 39   SER A CB    1 
ATOM   196 C CB    B SER A 1 24 ? -5.905  -10.118 -3.316  0.30 20.00 ? 39   SER A CB    1 
ATOM   197 O OG    A SER A 1 24 ? -5.519  -9.269  -4.301  0.70 22.57 ? 39   SER A OG    1 
ATOM   198 O OG    B SER A 1 24 ? -5.084  -11.265 -3.459  0.30 19.80 ? 39   SER A OG    1 
ATOM   199 N N     . ASN A 1 25 ? -4.747  -11.042 -0.322  1.00 20.02 ? 40   ASN A N     1 
ATOM   200 C CA    . ASN A 1 25 ? -4.712  -12.015 0.772   1.00 20.36 ? 40   ASN A CA    1 
ATOM   201 C C     . ASN A 1 25 ? -5.339  -11.452 2.047   1.00 19.91 ? 40   ASN A C     1 
ATOM   202 O O     . ASN A 1 25 ? -5.724  -12.214 2.936   1.00 19.96 ? 40   ASN A O     1 
ATOM   203 C CB    . ASN A 1 25 ? -3.282  -12.454 1.068   1.00 20.57 ? 40   ASN A CB    1 
ATOM   204 C CG    . ASN A 1 25 ? -2.629  -13.149 -0.105  1.00 22.59 ? 40   ASN A CG    1 
ATOM   205 O OD1   . ASN A 1 25 ? -3.114  -14.172 -0.583  1.00 26.12 ? 40   ASN A OD1   1 
ATOM   206 N ND2   . ASN A 1 25 ? -1.524  -12.592 -0.581  1.00 25.29 ? 40   ASN A ND2   1 
ATOM   207 N N     . VAL A 1 26 ? -5.405  -10.120 2.138   1.00 19.52 ? 41   VAL A N     1 
ATOM   208 C CA    . VAL A 1 26 ? -6.041  -9.426  3.250   1.00 19.17 ? 41   VAL A CA    1 
ATOM   209 C C     . VAL A 1 26 ? -7.538  -9.266  3.002   1.00 19.30 ? 41   VAL A C     1 
ATOM   210 O O     . VAL A 1 26 ? -8.356  -9.627  3.853   1.00 19.78 ? 41   VAL A O     1 
ATOM   211 C CB    . VAL A 1 26 ? -5.403  -8.033  3.476   1.00 19.06 ? 41   VAL A CB    1 
ATOM   212 C CG1   . VAL A 1 26 ? -6.120  -7.293  4.586   1.00 19.27 ? 41   VAL A CG1   1 
ATOM   213 C CG2   . VAL A 1 26 ? -3.911  -8.165  3.798   1.00 19.09 ? 41   VAL A CG2   1 
ATOM   214 N N     . GLY A 1 27 ? -7.889  -8.715  1.840   1.00 19.06 ? 42   GLY A N     1 
ATOM   215 C CA    . GLY A 1 27 ? -9.282  -8.463  1.478   1.00 19.48 ? 42   GLY A CA    1 
ATOM   216 C C     . GLY A 1 27 ? -9.380  -7.736  0.144   1.00 19.63 ? 42   GLY A C     1 
ATOM   217 O O     . GLY A 1 27 ? -8.357  -7.331  -0.403  1.00 19.69 ? 42   GLY A O     1 
ATOM   218 N N     . PRO A 1 28 ? -10.606 -7.568  -0.387  1.00 19.78 ? 43   PRO A N     1 
ATOM   219 C CA    . PRO A 1 28 ? -10.838 -6.841  -1.644  1.00 19.72 ? 43   PRO A CA    1 
ATOM   220 C C     . PRO A 1 28 ? -10.276 -5.430  -1.635  1.00 18.69 ? 43   PRO A C     1 
ATOM   221 O O     . PRO A 1 28 ? -10.438 -4.711  -0.652  1.00 18.96 ? 43   PRO A O     1 
ATOM   222 C CB    . PRO A 1 28 ? -12.364 -6.795  -1.743  1.00 20.28 ? 43   PRO A CB    1 
ATOM   223 C CG    . PRO A 1 28 ? -12.805 -8.016  -1.038  1.00 20.43 ? 43   PRO A CG    1 
ATOM   224 C CD    . PRO A 1 28 ? -11.833 -8.254  0.066   1.00 20.18 ? 43   PRO A CD    1 
ATOM   225 N N     . VAL A 1 29 ? -9.637  -5.044  -2.739  1.00 17.53 ? 44   VAL A N     1 
ATOM   226 C CA    . VAL A 1 29 ? -9.031  -3.728  -2.874  1.00 17.12 ? 44   VAL A CA    1 
ATOM   227 C C     . VAL A 1 29 ? -9.860  -2.915  -3.866  1.00 17.40 ? 44   VAL A C     1 
ATOM   228 O O     . VAL A 1 29 ? -10.096 -3.362  -4.995  1.00 16.53 ? 44   VAL A O     1 
ATOM   229 C CB    . VAL A 1 29 ? -7.580  -3.832  -3.387  1.00 16.77 ? 44   VAL A CB    1 
ATOM   230 C CG1   . VAL A 1 29 ? -7.009  -2.433  -3.657  1.00 15.49 ? 44   VAL A CG1   1 
ATOM   231 C CG2   . VAL A 1 29 ? -6.706  -4.622  -2.393  1.00 17.29 ? 44   VAL A CG2   1 
ATOM   232 N N     . ILE A 1 30 ? -10.309 -1.733  -3.458  1.00 17.90 ? 45   ILE A N     1 
ATOM   233 C CA    . ILE A 1 30 ? -11.093 -0.874  -4.351  1.00 18.68 ? 45   ILE A CA    1 
ATOM   234 C C     . ILE A 1 30 ? -10.261 0.218   -5.036  1.00 19.06 ? 45   ILE A C     1 
ATOM   235 O O     . ILE A 1 30 ? -10.599 0.652   -6.135  1.00 19.40 ? 45   ILE A O     1 
ATOM   236 C CB    . ILE A 1 30 ? -12.360 -0.289  -3.659  1.00 19.47 ? 45   ILE A CB    1 
ATOM   237 C CG1   . ILE A 1 30 ? -12.008 0.681   -2.539  1.00 20.06 ? 45   ILE A CG1   1 
ATOM   238 C CG2   . ILE A 1 30 ? -13.246 -1.431  -3.154  1.00 20.04 ? 45   ILE A CG2   1 
ATOM   239 C CD1   . ILE A 1 30 ? -13.240 1.348   -1.933  1.00 21.31 ? 45   ILE A CD1   1 
ATOM   240 N N     . ASN A 1 31 ? -9.155  0.630   -4.421  1.00 18.86 ? 46   ASN A N     1 
ATOM   241 C CA    . ASN A 1 31 ? -8.252  1.603   -5.037  1.00 19.23 ? 46   ASN A CA    1 
ATOM   242 C C     . ASN A 1 31 ? -6.815  1.317   -4.630  1.00 19.06 ? 46   ASN A C     1 
ATOM   243 O O     . ASN A 1 31 ? -6.560  0.825   -3.534  1.00 17.68 ? 46   ASN A O     1 
ATOM   244 C CB    . ASN A 1 31 ? -8.629  3.037   -4.635  1.00 19.73 ? 46   ASN A CB    1 
ATOM   245 C CG    . ASN A 1 31 ? -9.831  3.576   -5.397  1.00 22.01 ? 46   ASN A CG    1 
ATOM   246 O OD1   . ASN A 1 31 ? -9.813  3.656   -6.624  1.00 25.05 ? 46   ASN A OD1   1 
ATOM   247 N ND2   . ASN A 1 31 ? -10.872 3.975   -4.670  1.00 23.50 ? 46   ASN A ND2   1 
ATOM   248 N N     . LEU A 1 32 ? -5.871  1.621   -5.517  1.00 19.40 ? 47   LEU A N     1 
ATOM   249 C CA    . LEU A 1 32 ? -4.467  1.396   -5.219  1.00 20.13 ? 47   LEU A CA    1 
ATOM   250 C C     . LEU A 1 32 ? -3.632  2.444   -5.935  1.00 20.75 ? 47   LEU A C     1 
ATOM   251 O O     . LEU A 1 32 ? -3.685  2.538   -7.162  1.00 21.33 ? 47   LEU A O     1 
ATOM   252 C CB    . LEU A 1 32 ? -4.058  -0.019  -5.638  1.00 20.37 ? 47   LEU A CB    1 
ATOM   253 C CG    . LEU A 1 32 ? -2.711  -0.519  -5.116  1.00 22.25 ? 47   LEU A CG    1 
ATOM   254 C CD1   . LEU A 1 32 ? -2.707  -2.042  -5.021  1.00 24.44 ? 47   LEU A CD1   1 
ATOM   255 C CD2   . LEU A 1 32 ? -1.597  -0.014  -6.012  1.00 25.38 ? 47   LEU A CD2   1 
ATOM   256 N N     . LYS A 1 33 ? -2.880  3.230   -5.165  1.00 20.12 ? 48   LYS A N     1 
ATOM   257 C CA    . LYS A 1 33 ? -2.061  4.324   -5.695  1.00 20.79 ? 48   LYS A CA    1 
ATOM   258 C C     . LYS A 1 33 ? -0.586  4.038   -5.456  1.00 20.48 ? 48   LYS A C     1 
ATOM   259 O O     . LYS A 1 33 ? -0.155  3.900   -4.308  1.00 19.67 ? 48   LYS A O     1 
ATOM   260 C CB    . LYS A 1 33 ? -2.420  5.640   -5.025  1.00 21.36 ? 48   LYS A CB    1 
ATOM   261 C CG    . LYS A 1 33 ? -3.691  6.283   -5.525  1.00 23.94 ? 48   LYS A CG    1 
ATOM   262 C CD    . LYS A 1 33 ? -3.770  7.739   -5.072  1.00 26.74 ? 48   LYS A CD    1 
ATOM   263 C CE    . LYS A 1 33 ? -4.922  8.477   -5.727  1.00 28.26 ? 48   LYS A CE    1 
ATOM   264 N NZ    . LYS A 1 33 ? -5.173  9.810   -5.119  1.00 29.89 ? 48   LYS A NZ    1 
ATOM   265 N N     . MET A 1 34 ? 0.171   3.935   -6.550  1.00 20.54 ? 49   MET A N     1 
ATOM   266 C CA    . MET A 1 34 ? 1.626   3.802   -6.510  1.00 21.00 ? 49   MET A CA    1 
ATOM   267 C C     . MET A 1 34 ? 2.231   4.785   -7.508  1.00 21.47 ? 49   MET A C     1 
ATOM   268 O O     . MET A 1 34 ? 1.515   5.392   -8.289  1.00 22.20 ? 49   MET A O     1 
ATOM   269 C CB    . MET A 1 34 ? 2.057   2.382   -6.871  1.00 20.90 ? 49   MET A CB    1 
ATOM   270 C CG    . MET A 1 34 ? 1.697   1.339   -5.836  1.00 21.03 ? 49   MET A CG    1 
ATOM   271 S SD    . MET A 1 34 ? 2.249   -0.337  -6.193  1.00 19.21 ? 49   MET A SD    1 
ATOM   272 C CE    . MET A 1 34 ? 4.023   -0.177  -6.069  1.00 20.77 ? 49   MET A CE    1 
ATOM   273 N N     . MET A 1 35 ? 3.548   4.938   -7.466  1.00 22.70 ? 50   MET A N     1 
ATOM   274 C CA    . MET A 1 35 ? 4.253   5.798   -8.411  1.00 23.93 ? 50   MET A CA    1 
ATOM   275 C C     . MET A 1 35 ? 5.416   5.053   -9.003  1.00 23.82 ? 50   MET A C     1 
ATOM   276 O O     . MET A 1 35 ? 6.135   4.353   -8.291  1.00 23.70 ? 50   MET A O     1 
ATOM   277 C CB    . MET A 1 35 ? 4.755   7.050   -7.707  1.00 24.59 ? 50   MET A CB    1 
ATOM   278 C CG    . MET A 1 35 ? 3.651   8.024   -7.379  1.00 27.63 ? 50   MET A CG    1 
ATOM   279 S SD    . MET A 1 35 ? 2.842   8.654   -8.857  1.00 34.23 ? 50   MET A SD    1 
ATOM   280 C CE    . MET A 1 35 ? 4.162   9.623   -9.586  1.00 33.08 ? 50   MET A CE    1 
ATOM   281 N N     . PHE A 1 36 ? 5.595   5.224   -10.311 1.00 24.14 ? 51   PHE A N     1 
ATOM   282 C CA    . PHE A 1 36 ? 6.637   4.538   -11.059 1.00 24.44 ? 51   PHE A CA    1 
ATOM   283 C C     . PHE A 1 36 ? 7.364   5.559   -11.914 1.00 25.13 ? 51   PHE A C     1 
ATOM   284 O O     . PHE A 1 36 ? 6.746   6.493   -12.415 1.00 25.57 ? 51   PHE A O     1 
ATOM   285 C CB    . PHE A 1 36 ? 6.018   3.463   -11.952 1.00 23.99 ? 51   PHE A CB    1 
ATOM   286 C CG    . PHE A 1 36 ? 5.213   2.453   -11.197 1.00 22.99 ? 51   PHE A CG    1 
ATOM   287 C CD1   . PHE A 1 36 ? 5.792   1.269   -10.773 1.00 21.90 ? 51   PHE A CD1   1 
ATOM   288 C CD2   . PHE A 1 36 ? 3.887   2.702   -10.889 1.00 22.23 ? 51   PHE A CD2   1 
ATOM   289 C CE1   . PHE A 1 36 ? 5.062   0.337   -10.056 1.00 20.88 ? 51   PHE A CE1   1 
ATOM   290 C CE2   . PHE A 1 36 ? 3.148   1.775   -10.181 1.00 21.48 ? 51   PHE A CE2   1 
ATOM   291 C CZ    . PHE A 1 36 ? 3.741   0.592   -9.762  1.00 20.60 ? 51   PHE A CZ    1 
ATOM   292 N N     . ASP A 1 37 ? 8.671   5.375   -12.064 1.00 26.40 ? 52   ASP A N     1 
ATOM   293 C CA    . ASP A 1 37 ? 9.475   6.194   -12.968 1.00 27.25 ? 52   ASP A CA    1 
ATOM   294 C C     . ASP A 1 37 ? 9.084   5.862   -14.412 1.00 27.71 ? 52   ASP A C     1 
ATOM   295 O O     . ASP A 1 37 ? 9.048   4.683   -14.785 1.00 27.18 ? 52   ASP A O     1 
ATOM   296 C CB    . ASP A 1 37 ? 10.964  5.926   -12.728 1.00 27.79 ? 52   ASP A CB    1 
ATOM   297 C CG    . ASP A 1 37 ? 11.871  6.827   -13.558 1.00 29.44 ? 52   ASP A CG    1 
ATOM   298 O OD1   . ASP A 1 37 ? 12.665  7.587   -12.962 1.00 32.42 ? 52   ASP A OD1   1 
ATOM   299 O OD2   . ASP A 1 37 ? 11.799  6.778   -14.803 1.00 30.60 ? 52   ASP A OD2   1 
ATOM   300 N N     . PRO A 1 38 ? 8.783   6.894   -15.231 1.00 28.48 ? 53   PRO A N     1 
ATOM   301 C CA    . PRO A 1 38 ? 8.286   6.622   -16.585 1.00 28.97 ? 53   PRO A CA    1 
ATOM   302 C C     . PRO A 1 38 ? 9.298   5.939   -17.517 1.00 29.48 ? 53   PRO A C     1 
ATOM   303 O O     . PRO A 1 38 ? 8.894   5.306   -18.495 1.00 29.51 ? 53   PRO A O     1 
ATOM   304 C CB    . PRO A 1 38 ? 7.921   8.017   -17.134 1.00 29.00 ? 53   PRO A CB    1 
ATOM   305 C CG    . PRO A 1 38 ? 8.074   8.963   -16.024 1.00 29.04 ? 53   PRO A CG    1 
ATOM   306 C CD    . PRO A 1 38 ? 8.935   8.337   -14.984 1.00 28.55 ? 53   PRO A CD    1 
ATOM   307 N N     . GLN A 1 39 ? 10.588  6.073   -17.209 1.00 30.39 ? 54   GLN A N     1 
ATOM   308 C CA    . GLN A 1 39 ? 11.664  5.511   -18.036 1.00 30.98 ? 54   GLN A CA    1 
ATOM   309 C C     . GLN A 1 39 ? 12.048  4.090   -17.625 1.00 31.06 ? 54   GLN A C     1 
ATOM   310 O O     . GLN A 1 39 ? 12.381  3.266   -18.474 1.00 31.27 ? 54   GLN A O     1 
ATOM   311 C CB    . GLN A 1 39 ? 12.909  6.414   -17.986 1.00 31.34 ? 54   GLN A CB    1 
ATOM   312 C CG    . GLN A 1 39 ? 12.943  7.529   -19.025 1.00 33.25 ? 54   GLN A CG    1 
ATOM   313 C CD    . GLN A 1 39 ? 11.676  8.367   -19.063 1.00 35.33 ? 54   GLN A CD    1 
ATOM   314 O OE1   . GLN A 1 39 ? 10.629  7.909   -19.520 1.00 37.89 ? 54   GLN A OE1   1 
ATOM   315 N NE2   . GLN A 1 39 ? 11.773  9.612   -18.603 1.00 36.45 ? 54   GLN A NE2   1 
ATOM   316 N N     . THR A 1 40 ? 11.998  3.801   -16.327 1.00 31.10 ? 55   THR A N     1 
ATOM   317 C CA    . THR A 1 40 ? 12.460  2.509   -15.808 1.00 30.74 ? 55   THR A CA    1 
ATOM   318 C C     . THR A 1 40 ? 11.340  1.536   -15.421 1.00 30.44 ? 55   THR A C     1 
ATOM   319 O O     . THR A 1 40 ? 11.539  0.315   -15.424 1.00 30.42 ? 55   THR A O     1 
ATOM   320 C CB    . THR A 1 40 ? 13.387  2.719   -14.593 1.00 30.92 ? 55   THR A CB    1 
ATOM   321 O OG1   . THR A 1 40 ? 12.639  3.258   -13.500 1.00 31.43 ? 55   THR A OG1   1 
ATOM   322 C CG2   . THR A 1 40 ? 14.521  3.671   -14.939 1.00 31.49 ? 55   THR A CG2   1 
ATOM   323 N N     . GLY A 1 41 ? 10.172  2.064   -15.065 1.00 29.68 ? 56   GLY A N     1 
ATOM   324 C CA    . GLY A 1 41 ? 9.065   1.233   -14.592 1.00 29.25 ? 56   GLY A CA    1 
ATOM   325 C C     . GLY A 1 41 ? 9.237   0.804   -13.140 1.00 28.79 ? 56   GLY A C     1 
ATOM   326 O O     . GLY A 1 41 ? 8.436   0.023   -12.616 1.00 28.53 ? 56   GLY A O     1 
ATOM   327 N N     . ARG A 1 42 ? 10.281  1.320   -12.494 1.00 28.82 ? 57   ARG A N     1 
ATOM   328 C CA    . ARG A 1 42 ? 10.584  0.991   -11.102 1.00 28.52 ? 57   ARG A CA    1 
ATOM   329 C C     . ARG A 1 42 ? 9.708   1.863   -10.224 1.00 28.03 ? 57   ARG A C     1 
ATOM   330 O O     . ARG A 1 42 ? 9.551   3.059   -10.495 1.00 27.77 ? 57   ARG A O     1 
ATOM   331 C CB    . ARG A 1 42 ? 12.056  1.273   -10.780 1.00 28.73 ? 57   ARG A CB    1 
ATOM   332 C CG    . ARG A 1 42 ? 13.067  0.557   -11.675 1.00 29.05 ? 57   ARG A CG    1 
ATOM   333 C CD    . ARG A 1 42 ? 13.467  -0.788  -11.128 1.00 28.57 ? 57   ARG A CD    1 
ATOM   334 N NE    . ARG A 1 42 ? 14.354  -0.688  -9.967  1.00 26.69 ? 57   ARG A NE    1 
ATOM   335 C CZ    . ARG A 1 42 ? 14.910  -1.737  -9.367  1.00 26.23 ? 57   ARG A CZ    1 
ATOM   336 N NH1   . ARG A 1 42 ? 14.676  -2.965  -9.814  1.00 26.19 ? 57   ARG A NH1   1 
ATOM   337 N NH2   . ARG A 1 42 ? 15.698  -1.566  -8.314  1.00 26.78 ? 57   ARG A NH2   1 
ATOM   338 N N     . SER A 1 43 ? 9.157   1.284   -9.160  1.00 27.68 ? 58   SER A N     1 
ATOM   339 C CA    . SER A 1 43 ? 8.306   2.047   -8.260  1.00 27.14 ? 58   SER A CA    1 
ATOM   340 C C     . SER A 1 43 ? 9.151   2.868   -7.287  1.00 26.47 ? 58   SER A C     1 
ATOM   341 O O     . SER A 1 43 ? 10.386  2.756   -7.260  1.00 26.53 ? 58   SER A O     1 
ATOM   342 C CB    . SER A 1 43 ? 7.347   1.138   -7.485  1.00 27.48 ? 58   SER A CB    1 
ATOM   343 O OG    . SER A 1 43 ? 7.790   0.936   -6.154  1.00 27.91 ? 58   SER A OG    1 
ATOM   344 N N     . LYS A 1 44 ? 8.470   3.681   -6.485  1.00 25.29 ? 59   LYS A N     1 
ATOM   345 C CA    . LYS A 1 44 ? 9.125   4.519   -5.489  1.00 24.27 ? 59   LYS A CA    1 
ATOM   346 C C     . LYS A 1 44 ? 9.104   3.924   -4.071  1.00 22.49 ? 59   LYS A C     1 
ATOM   347 O O     . LYS A 1 44 ? 9.481   4.601   -3.119  1.00 21.86 ? 59   LYS A O     1 
ATOM   348 C CB    . LYS A 1 44 ? 8.513   5.922   -5.497  1.00 24.89 ? 59   LYS A CB    1 
ATOM   349 C CG    . LYS A 1 44 ? 8.702   6.683   -6.818  1.00 26.50 ? 59   LYS A CG    1 
ATOM   350 C CD    . LYS A 1 44 ? 10.172  6.968   -7.090  1.00 28.59 ? 59   LYS A CD    1 
ATOM   351 C CE    . LYS A 1 44 ? 10.387  7.513   -8.489  1.00 29.52 ? 59   LYS A CE    1 
ATOM   352 N NZ    . LYS A 1 44 ? 11.833  7.522   -8.855  1.00 30.99 ? 59   LYS A NZ    1 
ATOM   353 N N     . GLY A 1 45 ? 8.684   2.664   -3.926  1.00 20.34 ? 60   GLY A N     1 
ATOM   354 C CA    . GLY A 1 45 ? 8.822   1.957   -2.651  1.00 19.01 ? 60   GLY A CA    1 
ATOM   355 C C     . GLY A 1 45 ? 7.622   1.984   -1.721  1.00 17.97 ? 60   GLY A C     1 
ATOM   356 O O     . GLY A 1 45 ? 7.713   1.548   -0.570  1.00 16.41 ? 60   GLY A O     1 
ATOM   357 N N     . TYR A 1 46 ? 6.504   2.509   -2.202  1.00 16.91 ? 61   TYR A N     1 
ATOM   358 C CA    . TYR A 1 46 ? 5.315   2.611   -1.359  1.00 16.98 ? 61   TYR A CA    1 
ATOM   359 C C     . TYR A 1 46 ? 4.036   2.500   -2.167  1.00 16.39 ? 61   TYR A C     1 
ATOM   360 O O     . TYR A 1 46 ? 4.049   2.596   -3.389  1.00 16.96 ? 61   TYR A O     1 
ATOM   361 C CB    . TYR A 1 46 ? 5.321   3.940   -0.598  1.00 16.85 ? 61   TYR A CB    1 
ATOM   362 C CG    . TYR A 1 46 ? 5.059   5.118   -1.500  1.00 19.07 ? 61   TYR A CG    1 
ATOM   363 C CD1   . TYR A 1 46 ? 3.765   5.568   -1.737  1.00 20.74 ? 61   TYR A CD1   1 
ATOM   364 C CD2   . TYR A 1 46 ? 6.108   5.752   -2.152  1.00 21.89 ? 61   TYR A CD2   1 
ATOM   365 C CE1   . TYR A 1 46 ? 3.523   6.640   -2.584  1.00 22.73 ? 61   TYR A CE1   1 
ATOM   366 C CE2   . TYR A 1 46 ? 5.879   6.822   -3.007  1.00 23.62 ? 61   TYR A CE2   1 
ATOM   367 C CZ    . TYR A 1 46 ? 4.588   7.261   -3.220  1.00 24.21 ? 61   TYR A CZ    1 
ATOM   368 O OH    . TYR A 1 46 ? 4.359   8.327   -4.066  1.00 28.77 ? 61   TYR A OH    1 
ATOM   369 N N     . ALA A 1 47 ? 2.927   2.308   -1.459  1.00 15.59 ? 62   ALA A N     1 
ATOM   370 C CA    . ALA A 1 47 ? 1.614   2.273   -2.061  1.00 14.97 ? 62   ALA A CA    1 
ATOM   371 C C     . ALA A 1 47 ? 0.604   2.709   -1.008  1.00 14.50 ? 62   ALA A C     1 
ATOM   372 O O     . ALA A 1 47 ? 0.851   2.543   0.197   1.00 15.02 ? 62   ALA A O     1 
ATOM   373 C CB    . ALA A 1 47 ? 1.289   0.879   -2.536  1.00 14.74 ? 62   ALA A CB    1 
ATOM   374 N N     . PHE A 1 48 ? -0.488  3.295   -1.472  1.00 13.49 ? 63   PHE A N     1 
ATOM   375 C CA    . PHE A 1 48 ? -1.675  3.508   -0.654  1.00 13.08 ? 63   PHE A CA    1 
ATOM   376 C C     . PHE A 1 48 ? -2.728  2.563   -1.202  1.00 12.95 ? 63   PHE A C     1 
ATOM   377 O O     . PHE A 1 48 ? -2.960  2.514   -2.406  1.00 12.96 ? 63   PHE A O     1 
ATOM   378 C CB    . PHE A 1 48 ? -2.166  4.955   -0.726  1.00 13.54 ? 63   PHE A CB    1 
ATOM   379 C CG    . PHE A 1 48 ? -1.301  5.917   0.015   1.00 13.91 ? 63   PHE A CG    1 
ATOM   380 C CD1   . PHE A 1 48 ? -1.529  6.169   1.358   1.00 13.39 ? 63   PHE A CD1   1 
ATOM   381 C CD2   . PHE A 1 48 ? -0.253  6.563   -0.620  1.00 14.41 ? 63   PHE A CD2   1 
ATOM   382 C CE1   . PHE A 1 48 ? -0.724  7.050   2.066   1.00 14.74 ? 63   PHE A CE1   1 
ATOM   383 C CE2   . PHE A 1 48 ? 0.559   7.440   0.084   1.00 14.51 ? 63   PHE A CE2   1 
ATOM   384 C CZ    . PHE A 1 48 ? 0.314   7.685   1.430   1.00 13.89 ? 63   PHE A CZ    1 
ATOM   385 N N     . ILE A 1 49 ? -3.358  1.806   -0.312  1.00 12.71 ? 64   ILE A N     1 
ATOM   386 C CA    . ILE A 1 49 ? -4.310  0.791   -0.691  1.00 12.92 ? 64   ILE A CA    1 
ATOM   387 C C     . ILE A 1 49 ? -5.605  1.053   0.054   1.00 13.58 ? 64   ILE A C     1 
ATOM   388 O O     . ILE A 1 49 ? -5.603  1.108   1.283   1.00 13.94 ? 64   ILE A O     1 
ATOM   389 C CB    . ILE A 1 49 ? -3.798  -0.617  -0.332  1.00 13.32 ? 64   ILE A CB    1 
ATOM   390 C CG1   . ILE A 1 49 ? -2.394  -0.848  -0.897  1.00 13.72 ? 64   ILE A CG1   1 
ATOM   391 C CG2   . ILE A 1 49 ? -4.754  -1.693  -0.827  1.00 13.32 ? 64   ILE A CG2   1 
ATOM   392 C CD1   . ILE A 1 49 ? -1.333  -0.925  0.151   1.00 15.79 ? 64   ILE A CD1   1 
ATOM   393 N N     . GLU A 1 50 ? -6.694  1.215   -0.692  1.00 13.48 ? 65   GLU A N     1 
ATOM   394 C CA    . GLU A 1 50 ? -8.027  1.368   -0.103  1.00 14.36 ? 65   GLU A CA    1 
ATOM   395 C C     . GLU A 1 50 ? -8.759  0.034   -0.156  1.00 14.42 ? 65   GLU A C     1 
ATOM   396 O O     . GLU A 1 50 ? -8.999  -0.522  -1.238  1.00 14.78 ? 65   GLU A O     1 
ATOM   397 C CB    . GLU A 1 50 ? -8.821  2.451   -0.840  1.00 14.09 ? 65   GLU A CB    1 
ATOM   398 C CG    . GLU A 1 50 ? -10.112 2.859   -0.125  1.00 16.92 ? 65   GLU A CG    1 
ATOM   399 C CD    . GLU A 1 50 ? -10.993 3.776   -0.958  1.00 21.40 ? 65   GLU A CD    1 
ATOM   400 O OE1   . GLU A 1 50 ? -10.511 4.355   -1.952  1.00 23.44 ? 65   GLU A OE1   1 
ATOM   401 O OE2   . GLU A 1 50 ? -12.185 3.921   -0.599  1.00 26.52 ? 65   GLU A OE2   1 
ATOM   402 N N     . PHE A 1 51 ? -9.093  -0.501  1.012   1.00 14.58 ? 66   PHE A N     1 
ATOM   403 C CA    . PHE A 1 51 ? -9.885  -1.719  1.118   1.00 14.78 ? 66   PHE A CA    1 
ATOM   404 C C     . PHE A 1 51 ? -11.382 -1.422  1.160   1.00 15.51 ? 66   PHE A C     1 
ATOM   405 O O     . PHE A 1 51 ? -11.800 -0.279  1.359   1.00 15.61 ? 66   PHE A O     1 
ATOM   406 C CB    . PHE A 1 51 ? -9.461  -2.518  2.348   1.00 14.63 ? 66   PHE A CB    1 
ATOM   407 C CG    . PHE A 1 51 ? -8.072  -3.074  2.237   1.00 13.78 ? 66   PHE A CG    1 
ATOM   408 C CD1   . PHE A 1 51 ? -7.852  -4.298  1.630   1.00 13.08 ? 66   PHE A CD1   1 
ATOM   409 C CD2   . PHE A 1 51 ? -6.983  -2.366  2.731   1.00 13.83 ? 66   PHE A CD2   1 
ATOM   410 C CE1   . PHE A 1 51 ? -6.582  -4.806  1.505   1.00 13.18 ? 66   PHE A CE1   1 
ATOM   411 C CE2   . PHE A 1 51 ? -5.706  -2.881  2.619   1.00 13.43 ? 66   PHE A CE2   1 
ATOM   412 C CZ    . PHE A 1 51 ? -5.505  -4.096  1.994   1.00 13.42 ? 66   PHE A CZ    1 
ATOM   413 N N     . ARG A 1 52 ? -12.174 -2.472  0.976   1.00 16.61 ? 67   ARG A N     1 
ATOM   414 C CA    . ARG A 1 52 ? -13.628 -2.357  0.919   1.00 17.19 ? 67   ARG A CA    1 
ATOM   415 C C     . ARG A 1 52 ? -14.237 -2.107  2.291   1.00 17.34 ? 67   ARG A C     1 
ATOM   416 O O     . ARG A 1 52 ? -15.300 -1.491  2.398   1.00 18.31 ? 67   ARG A O     1 
ATOM   417 C CB    . ARG A 1 52 ? -14.213 -3.633  0.315   1.00 17.76 ? 67   ARG A CB    1 
ATOM   418 N N     . ASP A 1 53 ? -13.561 -2.572  3.341   1.00 16.98 ? 68   ASP A N     1 
ATOM   419 C CA    . ASP A 1 53 ? -14.065 -2.410  4.693   1.00 17.01 ? 68   ASP A CA    1 
ATOM   420 C C     . ASP A 1 53 ? -12.958 -2.264  5.734   1.00 16.79 ? 68   ASP A C     1 
ATOM   421 O O     . ASP A 1 53 ? -11.784 -2.544  5.466   1.00 15.99 ? 68   ASP A O     1 
ATOM   422 C CB    . ASP A 1 53 ? -14.998 -3.575  5.038   1.00 17.51 ? 68   ASP A CB    1 
ATOM   423 C CG    . ASP A 1 53 ? -14.347 -4.922  4.848   1.00 19.18 ? 68   ASP A CG    1 
ATOM   424 O OD1   . ASP A 1 53 ? -13.303 -5.173  5.479   1.00 20.20 ? 68   ASP A OD1   1 
ATOM   425 O OD2   . ASP A 1 53 ? -14.898 -5.749  4.082   1.00 23.86 ? 68   ASP A OD2   1 
ATOM   426 N N     . LEU A 1 54 ? -13.354 -1.831  6.925   1.00 16.39 ? 69   LEU A N     1 
ATOM   427 C CA    . LEU A 1 54 ? -12.418 -1.536  8.004   1.00 16.43 ? 69   LEU A CA    1 
ATOM   428 C C     . LEU A 1 54 ? -11.787 -2.784  8.633   1.00 16.67 ? 69   LEU A C     1 
ATOM   429 O O     . LEU A 1 54 ? -10.672 -2.731  9.171   1.00 16.23 ? 69   LEU A O     1 
ATOM   430 C CB    . LEU A 1 54 ? -13.104 -0.694  9.090   1.00 16.03 ? 69   LEU A CB    1 
ATOM   431 C CG    . LEU A 1 54 ? -13.437 0.743   8.697   1.00 16.01 ? 69   LEU A CG    1 
ATOM   432 C CD1   . LEU A 1 54 ? -14.179 1.440   9.831   1.00 17.14 ? 69   LEU A CD1   1 
ATOM   433 C CD2   . LEU A 1 54 ? -12.189 1.526   8.313   1.00 14.75 ? 69   LEU A CD2   1 
ATOM   434 N N     . GLU A 1 55 ? -12.498 -3.912  8.582   1.00 17.19 ? 70   GLU A N     1 
ATOM   435 C CA    . GLU A 1 55 ? -11.934 -5.171  9.040   1.00 17.48 ? 70   GLU A CA    1 
ATOM   436 C C     . GLU A 1 55 ? -10.695 -5.501  8.206   1.00 16.67 ? 70   GLU A C     1 
ATOM   437 O O     . GLU A 1 55 ? -9.663  -5.923  8.727   1.00 16.26 ? 70   GLU A O     1 
ATOM   438 C CB    . GLU A 1 55 ? -12.973 -6.287  8.936   1.00 18.06 ? 70   GLU A CB    1 
ATOM   439 C CG    . GLU A 1 55 ? -14.128 -6.116  9.920   1.00 20.55 ? 70   GLU A CG    1 
ATOM   440 C CD    . GLU A 1 55 ? -15.343 -5.354  9.388   1.00 23.31 ? 70   GLU A CD    1 
ATOM   441 O OE1   . GLU A 1 55 ? -15.349 -4.883  8.235   1.00 23.48 ? 70   GLU A OE1   1 
ATOM   442 O OE2   . GLU A 1 55 ? -16.327 -5.239  10.150  1.00 26.94 ? 70   GLU A OE2   1 
ATOM   443 N N     . SER A 1 56 ? -10.805 -5.260  6.909   1.00 16.20 ? 71   SER A N     1 
ATOM   444 C CA    . SER A 1 56 ? -9.714  -5.556  5.993   1.00 16.35 ? 71   SER A CA    1 
ATOM   445 C C     . SER A 1 56 ? -8.539  -4.610  6.197   1.00 15.19 ? 71   SER A C     1 
ATOM   446 O O     . SER A 1 56 ? -7.395  -5.042  6.232   1.00 15.76 ? 71   SER A O     1 
ATOM   447 C CB    . SER A 1 56 ? -10.194 -5.477  4.551   1.00 16.30 ? 71   SER A CB    1 
ATOM   448 O OG    . SER A 1 56 ? -11.153 -6.476  4.301   1.00 19.48 ? 71   SER A OG    1 
ATOM   449 N N     . SER A 1 57 ? -8.805  -3.311  6.329   1.00 14.73 ? 72   SER A N     1 
ATOM   450 C CA    . SER A 1 57 ? -7.707  -2.370  6.554   1.00 14.26 ? 72   SER A CA    1 
ATOM   451 C C     . SER A 1 57 ? -7.021  -2.623  7.901   1.00 14.05 ? 72   SER A C     1 
ATOM   452 O O     . SER A 1 57 ? -5.809  -2.485  7.999   1.00 13.74 ? 72   SER A O     1 
ATOM   453 C CB    . SER A 1 57 ? -8.154  -0.913  6.430   1.00 14.29 ? 72   SER A CB    1 
ATOM   454 O OG    . SER A 1 57 ? -9.138  -0.596  7.405   1.00 15.32 ? 72   SER A OG    1 
ATOM   455 N N     . ALA A 1 58 ? -7.777  -3.003  8.935   1.00 13.72 ? 73   ALA A N     1 
ATOM   456 C CA    . ALA A 1 58 ? -7.164  -3.396  10.206  1.00 14.22 ? 73   ALA A CA    1 
ATOM   457 C C     . ALA A 1 58 ? -6.246  -4.589  10.029  1.00 14.93 ? 73   ALA A C     1 
ATOM   458 O O     . ALA A 1 58 ? -5.125  -4.615  10.557  1.00 15.22 ? 73   ALA A O     1 
ATOM   459 C CB    . ALA A 1 58 ? -8.227  -3.694  11.256  1.00 14.22 ? 73   ALA A CB    1 
ATOM   460 N N     . SER A 1 59 ? -6.710  -5.566  9.260   1.00 14.85 ? 74   SER A N     1 
ATOM   461 C CA    . SER A 1 59 ? -5.933  -6.757  8.966   1.00 15.43 ? 74   SER A CA    1 
ATOM   462 C C     . SER A 1 59 ? -4.682  -6.414  8.159   1.00 15.06 ? 74   SER A C     1 
ATOM   463 O O     . SER A 1 59 ? -3.624  -7.006  8.360   1.00 15.34 ? 74   SER A O     1 
ATOM   464 C CB    . SER A 1 59 ? -6.780  -7.775  8.214   1.00 15.56 ? 74   SER A CB    1 
ATOM   465 O OG    . SER A 1 59 ? -6.032  -8.932  7.899   1.00 17.43 ? 74   SER A OG    1 
ATOM   466 N N     . ALA A 1 60 ? -4.790  -5.432  7.275   1.00 14.66 ? 75   ALA A N     1 
ATOM   467 C CA    . ALA A 1 60 ? -3.628  -4.993  6.507   1.00 14.79 ? 75   ALA A CA    1 
ATOM   468 C C     . ALA A 1 60 ? -2.580  -4.402  7.440   1.00 14.57 ? 75   ALA A C     1 
ATOM   469 O O     . ALA A 1 60 ? -1.411  -4.749  7.354   1.00 14.35 ? 75   ALA A O     1 
ATOM   470 C CB    . ALA A 1 60 ? -4.027  -3.977  5.449   1.00 13.59 ? 75   ALA A CB    1 
ATOM   471 N N     . VAL A 1 61 ? -2.991  -3.523  8.347   1.00 15.07 ? 76   VAL A N     1 
ATOM   472 C CA    . VAL A 1 61 ? -2.032  -2.906  9.265   1.00 15.79 ? 76   VAL A CA    1 
ATOM   473 C C     . VAL A 1 61 ? -1.378  -3.967  10.170  1.00 16.97 ? 76   VAL A C     1 
ATOM   474 O O     . VAL A 1 61 ? -0.168  -3.922  10.432  1.00 17.71 ? 76   VAL A O     1 
ATOM   475 C CB    . VAL A 1 61 ? -2.699  -1.789  10.108  1.00 15.55 ? 76   VAL A CB    1 
ATOM   476 C CG1   . VAL A 1 61 ? -1.729  -1.270  11.185  1.00 15.37 ? 76   VAL A CG1   1 
ATOM   477 C CG2   . VAL A 1 61 ? -3.138  -0.641  9.202   1.00 15.96 ? 76   VAL A CG2   1 
ATOM   478 N N     . ARG A 1 62 ? -2.169  -4.927  10.641  1.00 17.95 ? 77   ARG A N     1 
ATOM   479 C CA    . ARG A 1 62 ? -1.648  -5.987  11.505  1.00 19.31 ? 77   ARG A CA    1 
ATOM   480 C C     . ARG A 1 62 ? -0.730  -6.965  10.758  1.00 19.10 ? 77   ARG A C     1 
ATOM   481 O O     . ARG A 1 62 ? 0.343   -7.331  11.250  1.00 20.02 ? 77   ARG A O     1 
ATOM   482 C CB    . ARG A 1 62 ? -2.815  -6.739  12.159  1.00 19.81 ? 77   ARG A CB    1 
ATOM   483 C CG    . ARG A 1 62 ? -2.425  -7.588  13.340  1.00 23.70 ? 77   ARG A CG    1 
ATOM   484 C CD    . ARG A 1 62 ? -3.648  -8.102  14.087  1.00 27.28 ? 77   ARG A CD    1 
ATOM   485 N NE    . ARG A 1 62 ? -4.051  -7.225  15.194  1.00 31.02 ? 77   ARG A NE    1 
ATOM   486 C CZ    . ARG A 1 62 ? -5.024  -6.311  15.163  1.00 32.41 ? 77   ARG A CZ    1 
ATOM   487 N NH1   . ARG A 1 62 ? -5.750  -6.097  14.068  1.00 33.37 ? 77   ARG A NH1   1 
ATOM   488 N NH2   . ARG A 1 62 ? -5.274  -5.592  16.255  1.00 34.00 ? 77   ARG A NH2   1 
ATOM   489 N N     . ASN A 1 63 ? -1.130  -7.359  9.555   1.00 19.15 ? 78   ASN A N     1 
ATOM   490 C CA    . ASN A 1 63 ? -0.477  -8.469  8.858   1.00 18.90 ? 78   ASN A CA    1 
ATOM   491 C C     . ASN A 1 63 ? 0.458   -8.107  7.708   1.00 18.44 ? 78   ASN A C     1 
ATOM   492 O O     . ASN A 1 63 ? 1.245   -8.947  7.289   1.00 19.27 ? 78   ASN A O     1 
ATOM   493 C CB    . ASN A 1 63 ? -1.534  -9.455  8.380   1.00 19.32 ? 78   ASN A CB    1 
ATOM   494 C CG    . ASN A 1 63 ? -2.326  -10.032 9.533   1.00 20.06 ? 78   ASN A CG    1 
ATOM   495 O OD1   . ASN A 1 63 ? -1.748  -10.565 10.482  1.00 23.23 ? 78   ASN A OD1   1 
ATOM   496 N ND2   . ASN A 1 63 ? -3.646  -9.900  9.481   1.00 23.02 ? 78   ASN A ND2   1 
ATOM   497 N N     . LEU A 1 64 ? 0.379   -6.889  7.184   1.00 17.94 ? 79   LEU A N     1 
ATOM   498 C CA    . LEU A 1 64 ? 1.362   -6.451  6.191   1.00 17.25 ? 79   LEU A CA    1 
ATOM   499 C C     . LEU A 1 64 ? 2.548   -5.752  6.853   1.00 16.97 ? 79   LEU A C     1 
ATOM   500 O O     . LEU A 1 64 ? 3.658   -5.738  6.315   1.00 16.57 ? 79   LEU A O     1 
ATOM   501 C CB    . LEU A 1 64 ? 0.719   -5.554  5.125   1.00 17.04 ? 79   LEU A CB    1 
ATOM   502 C CG    . LEU A 1 64 ? -0.299  -6.224  4.195   1.00 17.05 ? 79   LEU A CG    1 
ATOM   503 C CD1   . LEU A 1 64 ? -0.867  -5.199  3.258   1.00 18.24 ? 79   LEU A CD1   1 
ATOM   504 C CD2   . LEU A 1 64 ? 0.315   -7.379  3.418   1.00 19.81 ? 79   LEU A CD2   1 
ATOM   505 N N     . ASN A 1 65 ? 2.328   -5.168  8.023   1.00 16.58 ? 80   ASN A N     1 
ATOM   506 C CA    . ASN A 1 65 ? 3.430   -4.607  8.769   1.00 17.49 ? 80   ASN A CA    1 
ATOM   507 C C     . ASN A 1 65 ? 4.353   -5.724  9.243   1.00 18.10 ? 80   ASN A C     1 
ATOM   508 O O     . ASN A 1 65 ? 3.922   -6.654  9.939   1.00 18.74 ? 80   ASN A O     1 
ATOM   509 C CB    . ASN A 1 65 ? 2.937   -3.796  9.957   1.00 17.44 ? 80   ASN A CB    1 
ATOM   510 C CG    . ASN A 1 65 ? 4.035   -2.996  10.580  1.00 18.18 ? 80   ASN A CG    1 
ATOM   511 O OD1   . ASN A 1 65 ? 4.589   -2.088  9.952   1.00 17.39 ? 80   ASN A OD1   1 
ATOM   512 N ND2   . ASN A 1 65 ? 4.397   -3.345  11.812  1.00 22.39 ? 80   ASN A ND2   1 
ATOM   513 N N     . GLY A 1 66 ? 5.617   -5.637  8.840   1.00 18.58 ? 81   GLY A N     1 
ATOM   514 C CA    . GLY A 1 66 ? 6.608   -6.653  9.169   1.00 19.06 ? 81   GLY A CA    1 
ATOM   515 C C     . GLY A 1 66 ? 6.647   -7.824  8.209   1.00 19.36 ? 81   GLY A C     1 
ATOM   516 O O     . GLY A 1 66 ? 7.441   -8.755  8.406   1.00 20.31 ? 81   GLY A O     1 
ATOM   517 N N     . TYR A 1 67 ? 5.816   -7.783  7.165   1.00 19.27 ? 82   TYR A N     1 
ATOM   518 C CA    . TYR A 1 67 ? 5.760   -8.835  6.150   1.00 19.75 ? 82   TYR A CA    1 
ATOM   519 C C     . TYR A 1 67 ? 7.048   -8.812  5.355   1.00 20.49 ? 82   TYR A C     1 
ATOM   520 O O     . TYR A 1 67 ? 7.421   -7.775  4.823   1.00 19.67 ? 82   TYR A O     1 
ATOM   521 C CB    . TYR A 1 67 ? 4.573   -8.601  5.211   1.00 19.44 ? 82   TYR A CB    1 
ATOM   522 C CG    . TYR A 1 67 ? 4.396   -9.602  4.080   1.00 19.29 ? 82   TYR A CG    1 
ATOM   523 C CD1   . TYR A 1 67 ? 3.409   -10.578 4.137   1.00 20.29 ? 82   TYR A CD1   1 
ATOM   524 C CD2   . TYR A 1 67 ? 5.189   -9.544  2.938   1.00 18.95 ? 82   TYR A CD2   1 
ATOM   525 C CE1   . TYR A 1 67 ? 3.232   -11.487 3.095   1.00 20.48 ? 82   TYR A CE1   1 
ATOM   526 C CE2   . TYR A 1 67 ? 5.020   -10.445 1.898   1.00 19.20 ? 82   TYR A CE2   1 
ATOM   527 C CZ    . TYR A 1 67 ? 4.039   -11.413 1.981   1.00 19.67 ? 82   TYR A CZ    1 
ATOM   528 O OH    . TYR A 1 67 ? 3.888   -12.311 0.941   1.00 23.33 ? 82   TYR A OH    1 
ATOM   529 N N     . GLN A 1 68 ? 7.735   -9.949  5.282   1.00 21.71 ? 83   GLN A N     1 
ATOM   530 C CA    . GLN A 1 68 ? 8.982   -10.008 4.528   1.00 23.03 ? 83   GLN A CA    1 
ATOM   531 C C     . GLN A 1 68 ? 8.659   -10.202 3.059   1.00 23.59 ? 83   GLN A C     1 
ATOM   532 O O     . GLN A 1 68 ? 8.112   -11.229 2.679   1.00 23.65 ? 83   GLN A O     1 
ATOM   533 C CB    . GLN A 1 68 ? 9.887   -11.132 5.029   1.00 23.70 ? 83   GLN A CB    1 
ATOM   534 C CG    . GLN A 1 68 ? 11.228  -11.216 4.275   1.00 25.81 ? 83   GLN A CG    1 
ATOM   535 C CD    . GLN A 1 68 ? 12.264  -12.080 4.981   1.00 28.77 ? 83   GLN A CD    1 
ATOM   536 O OE1   . GLN A 1 68 ? 12.042  -12.573 6.092   1.00 31.76 ? 83   GLN A OE1   1 
ATOM   537 N NE2   . GLN A 1 68 ? 13.409  -12.260 4.340   1.00 31.27 ? 83   GLN A NE2   1 
ATOM   538 N N     . LEU A 1 69 ? 8.980   -9.205  2.241   1.00 24.18 ? 84   LEU A N     1 
ATOM   539 C CA    . LEU A 1 69 ? 8.782   -9.282  0.799   1.00 24.74 ? 84   LEU A CA    1 
ATOM   540 C C     . LEU A 1 69 ? 10.154  -9.158  0.148   1.00 25.73 ? 84   LEU A C     1 
ATOM   541 O O     . LEU A 1 69 ? 10.769  -8.094  0.172   1.00 25.68 ? 84   LEU A O     1 
ATOM   542 C CB    . LEU A 1 69 ? 7.840   -8.175  0.319   1.00 24.74 ? 84   LEU A CB    1 
ATOM   543 C CG    . LEU A 1 69 ? 7.434   -8.159  -1.154  1.00 24.42 ? 84   LEU A CG    1 
ATOM   544 C CD1   . LEU A 1 69 ? 6.785   -9.475  -1.576  1.00 25.39 ? 84   LEU A CD1   1 
ATOM   545 C CD2   . LEU A 1 69 ? 6.503   -6.994  -1.432  1.00 23.90 ? 84   LEU A CD2   1 
ATOM   546 N N     . GLY A 1 70 ? 10.634  -10.261 -0.420  1.00 26.72 ? 85   GLY A N     1 
ATOM   547 C CA    . GLY A 1 70 ? 12.021  -10.342 -0.858  1.00 27.23 ? 85   GLY A CA    1 
ATOM   548 C C     . GLY A 1 70 ? 12.951  -10.241 0.337   1.00 27.62 ? 85   GLY A C     1 
ATOM   549 O O     . GLY A 1 70 ? 12.813  -10.990 1.307   1.00 28.29 ? 85   GLY A O     1 
ATOM   550 N N     . SER A 1 71 ? 13.882  -9.292  0.274   1.00 27.79 ? 86   SER A N     1 
ATOM   551 C CA    . SER A 1 71 ? 14.843  -9.045  1.343   1.00 27.63 ? 86   SER A CA    1 
ATOM   552 C C     . SER A 1 71 ? 14.401  -7.934  2.308   1.00 27.00 ? 86   SER A C     1 
ATOM   553 O O     . SER A 1 71 ? 15.144  -7.578  3.230   1.00 27.62 ? 86   SER A O     1 
ATOM   554 C CB    . SER A 1 71 ? 16.189  -8.656  0.720   1.00 27.86 ? 86   SER A CB    1 
ATOM   555 O OG    . SER A 1 71 ? 16.113  -7.389  0.082   1.00 28.82 ? 86   SER A OG    1 
ATOM   556 N N     . ARG A 1 72 ? 13.202  -7.395  2.100   1.00 25.89 ? 87   ARG A N     1 
ATOM   557 C CA    . ARG A 1 72 ? 12.733  -6.228  2.844   1.00 24.82 ? 87   ARG A CA    1 
ATOM   558 C C     . ARG A 1 72 ? 11.584  -6.573  3.782   1.00 23.96 ? 87   ARG A C     1 
ATOM   559 O O     . ARG A 1 72 ? 10.817  -7.498  3.525   1.00 23.91 ? 87   ARG A O     1 
ATOM   560 C CB    . ARG A 1 72 ? 12.277  -5.136  1.880   1.00 24.91 ? 87   ARG A CB    1 
ATOM   561 C CG    . ARG A 1 72 ? 13.349  -4.658  0.904   1.00 25.29 ? 87   ARG A CG    1 
ATOM   562 C CD    . ARG A 1 72 ? 13.008  -3.289  0.327   1.00 25.05 ? 87   ARG A CD    1 
ATOM   563 N NE    . ARG A 1 72 ? 13.062  -2.259  1.362   1.00 24.96 ? 87   ARG A NE    1 
ATOM   564 C CZ    . ARG A 1 72 ? 14.181  -1.714  1.840   1.00 24.94 ? 87   ARG A CZ    1 
ATOM   565 N NH1   . ARG A 1 72 ? 15.375  -2.078  1.377   1.00 24.84 ? 87   ARG A NH1   1 
ATOM   566 N NH2   . ARG A 1 72 ? 14.106  -0.801  2.801   1.00 24.97 ? 87   ARG A NH2   1 
ATOM   567 N N     . PHE A 1 73 ? 11.472  -5.808  4.862   1.00 22.26 ? 88   PHE A N     1 
ATOM   568 C CA    . PHE A 1 73 ? 10.356  -5.936  5.793   1.00 21.39 ? 88   PHE A CA    1 
ATOM   569 C C     . PHE A 1 73 ? 9.438   -4.757  5.579   1.00 19.73 ? 88   PHE A C     1 
ATOM   570 O O     . PHE A 1 73 ? 9.832   -3.612  5.770   1.00 19.88 ? 88   PHE A O     1 
ATOM   571 C CB    . PHE A 1 73 ? 10.857  -5.980  7.228   1.00 21.71 ? 88   PHE A CB    1 
ATOM   572 C CG    . PHE A 1 73 ? 11.703  -7.177  7.517   1.00 23.98 ? 88   PHE A CG    1 
ATOM   573 C CD1   . PHE A 1 73 ? 11.112  -8.410  7.733   1.00 26.03 ? 88   PHE A CD1   1 
ATOM   574 C CD2   . PHE A 1 73 ? 13.087  -7.082  7.530   1.00 27.12 ? 88   PHE A CD2   1 
ATOM   575 C CE1   . PHE A 1 73 ? 11.885  -9.535  7.985   1.00 27.49 ? 88   PHE A CE1   1 
ATOM   576 C CE2   . PHE A 1 73 ? 13.869  -8.200  7.780   1.00 28.27 ? 88   PHE A CE2   1 
ATOM   577 C CZ    . PHE A 1 73 ? 13.268  -9.427  8.007   1.00 27.73 ? 88   PHE A CZ    1 
ATOM   578 N N     . LEU A 1 74 ? 8.215   -5.038  5.146   1.00 17.89 ? 89   LEU A N     1 
ATOM   579 C CA    . LEU A 1 74 ? 7.285   -3.982  4.810   1.00 16.53 ? 89   LEU A CA    1 
ATOM   580 C C     . LEU A 1 74 ? 6.839   -3.251  6.065   1.00 16.38 ? 89   LEU A C     1 
ATOM   581 O O     . LEU A 1 74 ? 6.879   -3.801  7.169   1.00 16.31 ? 89   LEU A O     1 
ATOM   582 C CB    . LEU A 1 74 ? 6.067   -4.532  4.058   1.00 16.07 ? 89   LEU A CB    1 
ATOM   583 C CG    . LEU A 1 74 ? 6.361   -5.318  2.774   1.00 15.02 ? 89   LEU A CG    1 
ATOM   584 C CD1   . LEU A 1 74 ? 5.067   -5.734  2.083   1.00 15.45 ? 89   LEU A CD1   1 
ATOM   585 C CD2   . LEU A 1 74 ? 7.255   -4.524  1.823   1.00 16.29 ? 89   LEU A CD2   1 
ATOM   586 N N     . LYS A 1 75 ? 6.433   -1.999  5.870   1.00 16.02 ? 90   LYS A N     1 
ATOM   587 C CA    . LYS A 1 75 ? 5.852   -1.176  6.914   1.00 16.18 ? 90   LYS A CA    1 
ATOM   588 C C     . LYS A 1 75 ? 4.428   -0.861  6.488   1.00 15.40 ? 90   LYS A C     1 
ATOM   589 O O     . LYS A 1 75 ? 4.195   -0.512  5.343   1.00 16.13 ? 90   LYS A O     1 
ATOM   590 C CB    . LYS A 1 75 ? 6.649   0.118   7.085   1.00 17.10 ? 90   LYS A CB    1 
ATOM   591 C CG    . LYS A 1 75 ? 8.016   -0.103  7.654   1.00 19.84 ? 90   LYS A CG    1 
ATOM   592 C CD    . LYS A 1 75 ? 8.810   1.192   7.759   1.00 23.92 ? 90   LYS A CD    1 
ATOM   593 C CE    . LYS A 1 75 ? 10.029  1.013   8.654   1.00 26.31 ? 90   LYS A CE    1 
ATOM   594 N NZ    . LYS A 1 75 ? 10.757  -0.270  8.390   1.00 29.07 ? 90   LYS A NZ    1 
ATOM   595 N N     . CYS A 1 76 ? 3.478   -0.986  7.405   1.00 15.02 ? 91   CYS A N     1 
ATOM   596 C CA    . CYS A 1 76 ? 2.082   -0.715  7.076   1.00 14.45 ? 91   CYS A CA    1 
ATOM   597 C C     . CYS A 1 76 ? 1.424   0.007   8.226   1.00 14.82 ? 91   CYS A C     1 
ATOM   598 O O     . CYS A 1 76 ? 1.542   -0.395  9.396   1.00 15.85 ? 91   CYS A O     1 
ATOM   599 C CB    . CYS A 1 76 ? 1.301   -1.993  6.735   1.00 14.41 ? 91   CYS A CB    1 
ATOM   600 S SG    . CYS A 1 76 ? -0.354  -1.711  6.027   1.00 13.37 ? 91   CYS A SG    1 
ATOM   601 N N     . GLY A 1 77 ? 0.749   1.088   7.883   1.00 13.70 ? 92   GLY A N     1 
ATOM   602 C CA    . GLY A 1 77 ? 0.014   1.877   8.853   1.00 13.83 ? 92   GLY A CA    1 
ATOM   603 C C     . GLY A 1 77 ? -1.218  2.468   8.238   1.00 13.77 ? 92   GLY A C     1 
ATOM   604 O O     . GLY A 1 77 ? -1.379  2.478   7.025   1.00 13.64 ? 92   GLY A O     1 
ATOM   605 N N     . TYR A 1 78 ? -2.128  2.956   9.071   1.00 13.26 ? 93   TYR A N     1 
ATOM   606 C CA    . TYR A 1 78 ? -3.278  3.647   8.547   1.00 13.63 ? 93   TYR A CA    1 
ATOM   607 C C     . TYR A 1 78 ? -2.885  4.953   7.889   1.00 14.38 ? 93   TYR A C     1 
ATOM   608 O O     . TYR A 1 78 ? -2.023  5.705   8.396   1.00 13.88 ? 93   TYR A O     1 
ATOM   609 C CB    . TYR A 1 78 ? -4.298  3.948   9.636   1.00 13.45 ? 93   TYR A CB    1 
ATOM   610 C CG    . TYR A 1 78 ? -5.045  2.752   10.146  1.00 12.77 ? 93   TYR A CG    1 
ATOM   611 C CD1   . TYR A 1 78 ? -5.923  2.051   9.324   1.00 14.07 ? 93   TYR A CD1   1 
ATOM   612 C CD2   . TYR A 1 78 ? -4.912  2.338   11.468  1.00 13.89 ? 93   TYR A CD2   1 
ATOM   613 C CE1   . TYR A 1 78 ? -6.627  0.954   9.798   1.00 15.50 ? 93   TYR A CE1   1 
ATOM   614 C CE2   . TYR A 1 78 ? -5.608  1.249   11.946  1.00 12.39 ? 93   TYR A CE2   1 
ATOM   615 C CZ    . TYR A 1 78 ? -6.463  0.555   11.112  1.00 14.59 ? 93   TYR A CZ    1 
ATOM   616 O OH    . TYR A 1 78 ? -7.178  -0.515  11.612  1.00 16.29 ? 93   TYR A OH    1 
ATOM   617 N N     . SER A 1 79 ? -3.519  5.230   6.756   1.00 15.04 ? 94   SER A N     1 
ATOM   618 C CA    . SER A 1 79 ? -3.419  6.542   6.146   1.00 16.72 ? 94   SER A CA    1 
ATOM   619 C C     . SER A 1 79 ? -4.160  7.527   7.040   1.00 17.90 ? 94   SER A C     1 
ATOM   620 O O     . SER A 1 79 ? -5.137  7.156   7.708   1.00 17.90 ? 94   SER A O     1 
ATOM   621 C CB    . SER A 1 79 ? -4.047  6.542   4.757   1.00 16.36 ? 94   SER A CB    1 
ATOM   622 O OG    . SER A 1 79 ? -4.140  7.864   4.239   1.00 17.84 ? 94   SER A OG    1 
ATOM   623 N N     . SER A 1 80 ? -3.701  8.776   7.040   1.00 19.66 ? 95   SER A N     1 
ATOM   624 C CA    . SER A 1 80 ? -4.407  9.852   7.730   1.00 20.76 ? 95   SER A CA    1 
ATOM   625 C C     . SER A 1 80 ? -5.650  10.275  6.943   1.00 21.57 ? 95   SER A C     1 
ATOM   626 O O     . SER A 1 80 ? -6.483  11.017  7.455   1.00 22.31 ? 95   SER A O     1 
ATOM   627 C CB    . SER A 1 80 ? -3.487  11.054  7.951   1.00 21.11 ? 95   SER A CB    1 
ATOM   628 O OG    . SER A 1 80 ? -2.982  11.552  6.728   1.00 22.13 ? 95   SER A OG    1 
ATOM   629 N N     . ASN A 1 81 ? -5.756  9.787   5.707   1.00 22.05 ? 96   ASN A N     1 
ATOM   630 C CA    . ASN A 1 81 ? -6.867  10.071  4.818   1.00 22.59 ? 96   ASN A CA    1 
ATOM   631 C C     . ASN A 1 81 ? -7.918  8.968   4.851   1.00 23.34 ? 96   ASN A C     1 
ATOM   632 O O     . ASN A 1 81 ? -7.582  7.786   4.841   1.00 22.89 ? 96   ASN A O     1 
ATOM   633 C CB    . ASN A 1 81 ? -6.351  10.218  3.384   1.00 22.64 ? 96   ASN A CB    1 
ATOM   634 C CG    . ASN A 1 81 ? -5.600  11.510  3.166   1.00 23.00 ? 96   ASN A CG    1 
ATOM   635 O OD1   . ASN A 1 81 ? -4.367  11.549  3.196   1.00 23.92 ? 96   ASN A OD1   1 
ATOM   636 N ND2   . ASN A 1 81 ? -6.343  12.586  2.940   1.00 23.54 ? 96   ASN A ND2   1 
ATOM   637 N N     . SER A 1 82 ? -9.184  9.367   4.867   1.00 24.52 ? 97   SER A N     1 
ATOM   638 C CA    . SER A 1 82 ? -10.305 8.431   4.810   1.00 25.49 ? 97   SER A CA    1 
ATOM   639 C C     . SER A 1 82 ? -10.565 7.930   3.390   1.00 26.10 ? 97   SER A C     1 
ATOM   640 O O     . SER A 1 82 ? -11.227 6.919   3.205   1.00 26.03 ? 97   SER A O     1 
ATOM   641 C CB    . SER A 1 82 ? -11.580 9.097   5.328   1.00 25.73 ? 97   SER A CB    1 
ATOM   642 O OG    . SER A 1 82 ? -12.093 9.995   4.358   1.00 27.94 ? 97   SER A OG    1 
ATOM   643 N N     . ASP A 1 83 ? -10.081 8.653   2.387   1.00 26.73 ? 98   ASP A N     1 
ATOM   644 C CA    . ASP A 1 83 ? -10.182 8.174   1.016   1.00 27.35 ? 98   ASP A CA    1 
ATOM   645 C C     . ASP A 1 83 ? -8.922  8.472   0.223   1.00 26.98 ? 98   ASP A C     1 
ATOM   646 O O     . ASP A 1 83 ? -8.118  9.334   0.595   1.00 26.85 ? 98   ASP A O     1 
ATOM   647 C CB    . ASP A 1 83 ? -11.392 8.779   0.308   1.00 28.25 ? 98   ASP A CB    1 
ATOM   648 C CG    . ASP A 1 83 ? -11.111 10.152  -0.237  1.00 29.43 ? 98   ASP A CG    1 
ATOM   649 O OD1   . ASP A 1 83 ? -10.821 11.055  0.575   1.00 34.78 ? 98   ASP A OD1   1 
ATOM   650 O OD2   . ASP A 1 83 ? -11.162 10.320  -1.474  1.00 32.28 ? 98   ASP A OD2   1 
ATOM   651 N N     . ILE A 1 84 ? -8.810  7.783   -0.905  1.00 26.71 ? 99   ILE A N     1 
ATOM   652 C CA    . ILE A 1 84 ? -7.581  7.720   -1.694  1.00 26.64 ? 99   ILE A CA    1 
ATOM   653 C C     . ILE A 1 84 ? -7.150  9.062   -2.301  1.00 26.45 ? 99   ILE A C     1 
ATOM   654 O O     . ILE A 1 84 ? -5.972  9.262   -2.572  1.00 26.27 ? 99   ILE A O     1 
ATOM   655 C CB    . ILE A 1 84 ? -7.732  6.661   -2.830  1.00 26.80 ? 99   ILE A CB    1 
ATOM   656 C CG1   . ILE A 1 84 ? -6.375  6.082   -3.232  1.00 27.00 ? 99   ILE A CG1   1 
ATOM   657 C CG2   . ILE A 1 84 ? -8.469  7.241   -4.040  1.00 28.07 ? 99   ILE A CG2   1 
ATOM   658 C CD1   . ILE A 1 84 ? -5.847  5.021   -2.288  1.00 26.40 ? 99   ILE A CD1   1 
ATOM   659 N N     . SER A 1 85 ? -8.100  9.976   -2.492  1.00 26.69 ? 100  SER A N     1 
ATOM   660 C CA    . SER A 1 85 ? -7.848  11.226  -3.218  1.00 26.70 ? 100  SER A CA    1 
ATOM   661 C C     . SER A 1 85 ? -6.735  12.100  -2.627  1.00 26.12 ? 100  SER A C     1 
ATOM   662 O O     . SER A 1 85 ? -6.003  12.754  -3.366  1.00 26.75 ? 100  SER A O     1 
ATOM   663 C CB    . SER A 1 85 ? -9.141  12.046  -3.320  1.00 27.20 ? 100  SER A CB    1 
ATOM   664 O OG    . SER A 1 85 ? -9.683  12.316  -2.034  1.00 28.73 ? 100  SER A OG    1 
ATOM   665 N N     . GLY A 1 86 ? -6.607  12.114  -1.303  1.00 25.20 ? 101  GLY A N     1 
ATOM   666 C CA    . GLY A 1 86 ? -5.700  13.046  -0.633  1.00 24.25 ? 101  GLY A CA    1 
ATOM   667 C C     . GLY A 1 86 ? -4.341  12.495  -0.236  1.00 23.39 ? 101  GLY A C     1 
ATOM   668 O O     . GLY A 1 86 ? -3.546  13.200  0.386   1.00 22.73 ? 101  GLY A O     1 
ATOM   669 N N     . VAL A 1 87 ? -4.062  11.240  -0.583  1.00 22.43 ? 102  VAL A N     1 
ATOM   670 C CA    . VAL A 1 87 ? -2.876  10.561  -0.054  1.00 22.03 ? 102  VAL A CA    1 
ATOM   671 C C     . VAL A 1 87 ? -1.532  11.163  -0.497  1.00 22.14 ? 102  VAL A C     1 
ATOM   672 O O     . VAL A 1 87 ? -0.550  11.074  0.246   1.00 21.92 ? 102  VAL A O     1 
ATOM   673 C CB    . VAL A 1 87 ? -2.904  9.040   -0.329  1.00 21.72 ? 102  VAL A CB    1 
ATOM   674 C CG1   . VAL A 1 87 ? -4.131  8.405   0.332   1.00 21.05 ? 102  VAL A CG1   1 
ATOM   675 C CG2   . VAL A 1 87 ? -2.868  8.744   -1.827  1.00 21.45 ? 102  VAL A CG2   1 
ATOM   676 N N     . SER A 1 88 ? -1.482  11.780  -1.678  1.00 22.59 ? 103  SER A N     1 
ATOM   677 C CA    A SER A 1 88 ? -0.258  12.435  -2.146  0.50 22.80 ? 103  SER A CA    1 
ATOM   678 C CA    B SER A 1 88 ? -0.248  12.423  -2.137  0.50 22.62 ? 103  SER A CA    1 
ATOM   679 C C     . SER A 1 88 ? 0.159   13.576  -1.212  1.00 22.68 ? 103  SER A C     1 
ATOM   680 O O     . SER A 1 88 ? 1.350   13.811  -0.997  1.00 23.01 ? 103  SER A O     1 
ATOM   681 C CB    A SER A 1 88 ? -0.439  12.964  -3.573  0.50 23.02 ? 103  SER A CB    1 
ATOM   682 C CB    B SER A 1 88 ? -0.371  12.899  -3.592  0.50 22.79 ? 103  SER A CB    1 
ATOM   683 O OG    A SER A 1 88 ? -0.842  11.929  -4.456  0.50 23.65 ? 103  SER A OG    1 
ATOM   684 O OG    B SER A 1 88 ? -1.288  13.970  -3.727  0.50 22.32 ? 103  SER A OG    1 
ATOM   685 N N     . LEU A 1 89 ? -0.831  14.274  -0.645  1.00 22.67 ? 104  LEU A N     1 
ATOM   686 C CA    . LEU A 1 89 ? -0.575  15.372  0.295   1.00 22.54 ? 104  LEU A CA    1 
ATOM   687 C C     . LEU A 1 89 ? 0.130   14.807  1.521   1.00 22.37 ? 104  LEU A C     1 
ATOM   688 O O     . LEU A 1 89 ? 1.167   15.300  1.953   1.00 22.87 ? 104  LEU A O     1 
ATOM   689 C CB    . LEU A 1 89 ? -1.881  16.061  0.725   1.00 22.70 ? 104  LEU A CB    1 
ATOM   690 C CG    . LEU A 1 89 ? -2.622  16.950  -0.282  1.00 23.55 ? 104  LEU A CG    1 
ATOM   691 C CD1   . LEU A 1 89 ? -2.418  16.481  -1.698  1.00 26.51 ? 104  LEU A CD1   1 
ATOM   692 C CD2   . LEU A 1 89 ? -4.107  17.055  0.057   1.00 24.51 ? 104  LEU A CD2   1 
ATOM   693 N N     . GLU A 1 90 ? -0.463  13.750  2.066   1.00 21.73 ? 105  GLU A N     1 
ATOM   694 C CA    . GLU A 1 90 ? 0.075   13.044  3.223   1.00 21.39 ? 105  GLU A CA    1 
ATOM   695 C C     . GLU A 1 90 ? 1.510   12.581  2.998   1.00 21.12 ? 105  GLU A C     1 
ATOM   696 O O     . GLU A 1 90 ? 2.390   12.836  3.812   1.00 20.82 ? 105  GLU A O     1 
ATOM   697 C CB    . GLU A 1 90 ? -0.836  11.853  3.527   1.00 21.32 ? 105  GLU A CB    1 
ATOM   698 C CG    . GLU A 1 90 ? -0.327  10.856  4.535   1.00 21.34 ? 105  GLU A CG    1 
ATOM   699 C CD    . GLU A 1 90 ? -1.247  9.665   4.675   1.00 21.21 ? 105  GLU A CD    1 
ATOM   700 O OE1   . GLU A 1 90 ? -2.334  9.657   4.058   1.00 18.97 ? 105  GLU A OE1   1 
ATOM   701 O OE2   . GLU A 1 90 ? -0.875  8.723   5.400   1.00 20.18 ? 105  GLU A OE2   1 
ATOM   702 N N     . HIS A 1 91 ? 1.751   11.908  1.883   1.00 21.13 ? 106  HIS A N     1 
ATOM   703 C CA    . HIS A 1 91 ? 3.056   11.314  1.658   1.00 21.83 ? 106  HIS A CA    1 
ATOM   704 C C     . HIS A 1 91 ? 4.171   12.344  1.490   1.00 22.35 ? 106  HIS A C     1 
ATOM   705 O O     . HIS A 1 91 ? 5.304   12.110  1.911   1.00 22.48 ? 106  HIS A O     1 
ATOM   706 C CB    . HIS A 1 91 ? 3.029   10.371  0.469   1.00 21.87 ? 106  HIS A CB    1 
ATOM   707 C CG    . HIS A 1 91 ? 4.257   9.531   0.382   1.00 22.47 ? 106  HIS A CG    1 
ATOM   708 N ND1   . HIS A 1 91 ? 4.622   8.661   1.385   1.00 23.01 ? 106  HIS A ND1   1 
ATOM   709 C CD2   . HIS A 1 91 ? 5.235   9.469   -0.552  1.00 23.61 ? 106  HIS A CD2   1 
ATOM   710 C CE1   . HIS A 1 91 ? 5.761   8.078   1.060   1.00 24.64 ? 106  HIS A CE1   1 
ATOM   711 N NE2   . HIS A 1 91 ? 6.154   8.550   -0.110  1.00 23.41 ? 106  HIS A NE2   1 
ATOM   712 N N     . HIS A 1 92 ? 3.848   13.497  0.916   1.00 22.99 ? 107  HIS A N     1 
ATOM   713 C CA    . HIS A 1 92 ? 4.857   14.538  0.696   1.00 23.90 ? 107  HIS A CA    1 
ATOM   714 C C     . HIS A 1 92 ? 5.136   15.381  1.959   1.00 24.61 ? 107  HIS A C     1 
ATOM   715 O O     . HIS A 1 92 ? 5.803   16.416  1.885   1.00 24.74 ? 107  HIS A O     1 
ATOM   716 C CB    . HIS A 1 92 ? 4.459   15.405  -0.506  1.00 24.01 ? 107  HIS A CB    1 
ATOM   717 C CG    . HIS A 1 92 ? 4.663   14.729  -1.830  1.00 24.44 ? 107  HIS A CG    1 
ATOM   718 N ND1   . HIS A 1 92 ? 3.813   13.756  -2.312  1.00 26.27 ? 107  HIS A ND1   1 
ATOM   719 C CD2   . HIS A 1 92 ? 5.622   14.884  -2.773  1.00 25.34 ? 107  HIS A CD2   1 
ATOM   720 C CE1   . HIS A 1 92 ? 4.240   13.340  -3.491  1.00 25.87 ? 107  HIS A CE1   1 
ATOM   721 N NE2   . HIS A 1 92 ? 5.336   14.011  -3.795  1.00 27.45 ? 107  HIS A NE2   1 
ATOM   722 N N     . HIS A 1 93 ? 4.623   14.939  3.111   1.00 25.17 ? 108  HIS A N     1 
ATOM   723 C CA    . HIS A 1 93 ? 5.046   15.463  4.419   1.00 26.37 ? 108  HIS A CA    1 
ATOM   724 C C     . HIS A 1 93 ? 5.951   14.492  5.166   1.00 27.34 ? 108  HIS A C     1 
ATOM   725 O O     . HIS A 1 93 ? 6.386   14.782  6.286   1.00 28.08 ? 108  HIS A O     1 
ATOM   726 C CB    . HIS A 1 93 ? 3.837   15.784  5.285   1.00 26.07 ? 108  HIS A CB    1 
ATOM   727 C CG    . HIS A 1 93 ? 3.154   17.047  4.893   1.00 26.27 ? 108  HIS A CG    1 
ATOM   728 N ND1   . HIS A 1 93 ? 2.232   17.102  3.872   1.00 25.93 ? 108  HIS A ND1   1 
ATOM   729 C CD2   . HIS A 1 93 ? 3.276   18.311  5.363   1.00 26.28 ? 108  HIS A CD2   1 
ATOM   730 C CE1   . HIS A 1 93 ? 1.807   18.345  3.739   1.00 25.49 ? 108  HIS A CE1   1 
ATOM   731 N NE2   . HIS A 1 93 ? 2.421   19.098  4.632   1.00 26.82 ? 108  HIS A NE2   1 
ATOM   732 N N     . HIS A 1 94 ? 6.224   13.348  4.546   1.00 28.35 ? 109  HIS A N     1 
ATOM   733 C CA    . HIS A 1 94 ? 7.121   12.341  5.103   1.00 29.15 ? 109  HIS A CA    1 
ATOM   734 C C     . HIS A 1 94 ? 8.465   12.395  4.386   1.00 29.62 ? 109  HIS A C     1 
ATOM   735 O O     . HIS A 1 94 ? 8.523   12.529  3.161   1.00 30.32 ? 109  HIS A O     1 
ATOM   736 C CB    . HIS A 1 94 ? 6.513   10.941  4.961   1.00 29.27 ? 109  HIS A CB    1 
ATOM   737 C CG    . HIS A 1 94 ? 5.481   10.617  5.995   1.00 29.73 ? 109  HIS A CG    1 
ATOM   738 N ND1   . HIS A 1 94 ? 4.164   11.008  5.887   1.00 30.11 ? 109  HIS A ND1   1 
ATOM   739 C CD2   . HIS A 1 94 ? 5.574   9.928   7.157   1.00 29.77 ? 109  HIS A CD2   1 
ATOM   740 C CE1   . HIS A 1 94 ? 3.490   10.575  6.938   1.00 30.06 ? 109  HIS A CE1   1 
ATOM   741 N NE2   . HIS A 1 94 ? 4.323   9.917   7.725   1.00 30.36 ? 109  HIS A NE2   1 
ATOM   742 O "O5'" . G   B 2 1  ? 2.808   4.170   8.704   1.00 22.24 ? 1    G   B "O5'" 1 
ATOM   743 C "C5'" . G   B 2 1  ? 3.787   3.128   8.672   1.00 22.18 ? 1    G   B "C5'" 1 
ATOM   744 C "C4'" . G   B 2 1  ? 5.220   3.621   8.546   1.00 22.45 ? 1    G   B "C4'" 1 
ATOM   745 O "O4'" . G   B 2 1  ? 5.416   4.262   7.262   1.00 21.27 ? 1    G   B "O4'" 1 
ATOM   746 C "C3'" . G   B 2 1  ? 5.711   4.637   9.574   1.00 21.55 ? 1    G   B "C3'" 1 
ATOM   747 O "O3'" . G   B 2 1  ? 7.084   4.412   9.860   1.00 24.18 ? 1    G   B "O3'" 1 
ATOM   748 C "C2'" . G   B 2 1  ? 5.513   5.978   8.860   1.00 20.87 ? 1    G   B "C2'" 1 
ATOM   749 O "O2'" . G   B 2 1  ? 6.365   7.032   9.245   1.00 21.94 ? 1    G   B "O2'" 1 
ATOM   750 C "C1'" . G   B 2 1  ? 5.897   5.593   7.454   1.00 18.99 ? 1    G   B "C1'" 1 
ATOM   751 N N9    . G   B 2 1  ? 5.353   6.441   6.406   1.00 16.92 ? 1    G   B N9    1 
ATOM   752 C C8    . G   B 2 1  ? 6.067   7.026   5.394   1.00 15.54 ? 1    G   B C8    1 
ATOM   753 N N7    . G   B 2 1  ? 5.330   7.715   4.560   1.00 15.13 ? 1    G   B N7    1 
ATOM   754 C C5    . G   B 2 1  ? 4.043   7.569   5.059   1.00 14.81 ? 1    G   B C5    1 
ATOM   755 C C6    . G   B 2 1  ? 2.817   8.095   4.586   1.00 15.46 ? 1    G   B C6    1 
ATOM   756 O O6    . G   B 2 1  ? 2.635   8.806   3.587   1.00 16.44 ? 1    G   B O6    1 
ATOM   757 N N1    . G   B 2 1  ? 1.742   7.726   5.383   1.00 16.08 ? 1    G   B N1    1 
ATOM   758 C C2    . G   B 2 1  ? 1.829   6.927   6.501   1.00 16.30 ? 1    G   B C2    1 
ATOM   759 N N2    . G   B 2 1  ? 0.683   6.675   7.156   1.00 16.80 ? 1    G   B N2    1 
ATOM   760 N N3    . G   B 2 1  ? 2.972   6.432   6.966   1.00 16.50 ? 1    G   B N3    1 
ATOM   761 C C4    . G   B 2 1  ? 4.037   6.802   6.204   1.00 15.61 ? 1    G   B C4    1 
ATOM   762 P P     . U   B 2 2  ? 7.553   3.460   11.059  1.00 24.55 ? 2    U   B P     1 
ATOM   763 O OP1   . U   B 2 2  ? 9.008   3.258   10.888  1.00 27.18 ? 2    U   B OP1   1 
ATOM   764 O OP2   . U   B 2 2  ? 6.640   2.302   11.147  1.00 27.07 ? 2    U   B OP2   1 
ATOM   765 O "O5'" . U   B 2 2  ? 7.287   4.387   12.336  1.00 26.77 ? 2    U   B "O5'" 1 
ATOM   766 C "C5'" . U   B 2 2  ? 7.797   5.717   12.439  1.00 27.34 ? 2    U   B "C5'" 1 
ATOM   767 C "C4'" . U   B 2 2  ? 7.979   6.118   13.899  1.00 28.19 ? 2    U   B "C4'" 1 
ATOM   768 O "O4'" . U   B 2 2  ? 6.748   5.863   14.626  1.00 26.97 ? 2    U   B "O4'" 1 
ATOM   769 C "C3'" . U   B 2 2  ? 9.089   5.377   14.636  1.00 28.96 ? 2    U   B "C3'" 1 
ATOM   770 O "O3'" . U   B 2 2  ? 9.912   6.281   15.380  1.00 31.42 ? 2    U   B "O3'" 1 
ATOM   771 C "C2'" . U   B 2 2  ? 8.344   4.401   15.542  1.00 28.55 ? 2    U   B "C2'" 1 
ATOM   772 O "O2'" . U   B 2 2  ? 8.988   4.175   16.785  1.00 30.82 ? 2    U   B "O2'" 1 
ATOM   773 C "C1'" . U   B 2 2  ? 6.997   5.071   15.769  1.00 27.33 ? 2    U   B "C1'" 1 
ATOM   774 N N1    . U   B 2 2  ? 5.868   4.089   15.940  1.00 25.41 ? 2    U   B N1    1 
ATOM   775 C C2    . U   B 2 2  ? 5.342   3.877   17.200  1.00 24.15 ? 2    U   B C2    1 
ATOM   776 O O2    . U   B 2 2  ? 5.758   4.448   18.188  1.00 21.61 ? 2    U   B O2    1 
ATOM   777 N N3    . U   B 2 2  ? 4.312   2.966   17.259  1.00 22.99 ? 2    U   B N3    1 
ATOM   778 C C4    . U   B 2 2  ? 3.756   2.254   16.207  1.00 24.67 ? 2    U   B C4    1 
ATOM   779 O O4    . U   B 2 2  ? 2.829   1.469   16.408  1.00 24.18 ? 2    U   B O4    1 
ATOM   780 C C5    . U   B 2 2  ? 4.352   2.522   14.922  1.00 24.01 ? 2    U   B C5    1 
ATOM   781 C C6    . U   B 2 2  ? 5.363   3.403   14.845  1.00 24.47 ? 2    U   B C6    1 
HETATM 782 O O     . HOH C 3 .  ? -6.206  5.793   11.981  1.00 30.35 ? 2001 HOH A O     1 
HETATM 783 O O     . HOH C 3 .  ? -9.154  8.565   8.636   1.00 33.28 ? 2002 HOH A O     1 
HETATM 784 O O     . HOH C 3 .  ? -12.112 6.241   8.673   1.00 50.56 ? 2003 HOH A O     1 
HETATM 785 O O     . HOH C 3 .  ? 8.202   3.998   4.344   1.00 24.67 ? 2004 HOH A O     1 
HETATM 786 O O     . HOH C 3 .  ? -3.919  6.358   12.778  1.00 34.99 ? 2005 HOH A O     1 
HETATM 787 O O     . HOH C 3 .  ? 9.635   3.236   1.547   1.00 24.01 ? 2006 HOH A O     1 
HETATM 788 O O     . HOH C 3 .  ? 11.810  -10.903 -5.009  1.00 43.93 ? 2007 HOH A O     1 
HETATM 789 O O     . HOH C 3 .  ? 11.931  -8.522  -3.941  1.00 38.70 ? 2008 HOH A O     1 
HETATM 790 O O     . HOH C 3 .  ? 14.270  5.439   -5.878  1.00 42.50 ? 2009 HOH A O     1 
HETATM 791 O O     . HOH C 3 .  ? 16.757  3.906   -2.379  1.00 33.66 ? 2010 HOH A O     1 
HETATM 792 O O     . HOH C 3 .  ? 5.647   -9.991  -12.795 1.00 47.11 ? 2011 HOH A O     1 
HETATM 793 O O     . HOH C 3 .  ? 11.044  -7.257  -5.882  1.00 37.98 ? 2012 HOH A O     1 
HETATM 794 O O     . HOH C 3 .  ? 14.154  -3.761  -5.946  1.00 38.00 ? 2013 HOH A O     1 
HETATM 795 O O     . HOH C 3 .  ? 7.681   -13.614 -8.953  1.00 47.96 ? 2014 HOH A O     1 
HETATM 796 O O     . HOH C 3 .  ? 5.544   -10.607 -4.799  1.00 44.24 ? 2015 HOH A O     1 
HETATM 797 O O     . HOH C 3 .  ? -11.205 -11.846 0.369   1.00 51.12 ? 2016 HOH A O     1 
HETATM 798 O O     . HOH C 3 .  ? 3.787   -8.080  -12.448 1.00 36.67 ? 2017 HOH A O     1 
HETATM 799 O O     . HOH C 3 .  ? -3.318  2.324   -11.256 1.00 41.86 ? 2018 HOH A O     1 
HETATM 800 O O     . HOH C 3 .  ? 3.035   -2.026  -12.224 1.00 26.71 ? 2019 HOH A O     1 
HETATM 801 O O     . HOH C 3 .  ? 3.669   -4.258  -14.625 1.00 38.44 ? 2020 HOH A O     1 
HETATM 802 O O     . HOH C 3 .  ? 4.938   -12.253 -7.882  1.00 49.49 ? 2021 HOH A O     1 
HETATM 803 O O     . HOH C 3 .  ? 2.699   -10.713 -4.551  1.00 31.03 ? 2022 HOH A O     1 
HETATM 804 O O     . HOH C 3 .  ? 8.379   -7.467  -10.690 1.00 36.64 ? 2023 HOH A O     1 
HETATM 805 O O     . HOH C 3 .  ? 9.115   -10.606 -7.770  1.00 38.93 ? 2024 HOH A O     1 
HETATM 806 O O     . HOH C 3 .  ? -3.417  -13.482 -3.968  1.00 37.53 ? 2025 HOH A O     1 
HETATM 807 O O     . HOH C 3 .  ? 2.173   -11.815 -7.553  1.00 36.73 ? 2026 HOH A O     1 
HETATM 808 O O     . HOH C 3 .  ? 1.263   -12.421 -2.752  1.00 34.17 ? 2027 HOH A O     1 
HETATM 809 O O     . HOH C 3 .  ? -3.539  -13.758 -9.557  1.00 44.66 ? 2028 HOH A O     1 
HETATM 810 O O     . HOH C 3 .  ? -0.843  -14.059 -3.395  1.00 44.98 ? 2029 HOH A O     1 
HETATM 811 O O     . HOH C 3 .  ? -0.571  -11.284 -11.051 1.00 46.71 ? 2030 HOH A O     1 
HETATM 812 O O     . HOH C 3 .  ? -9.699  -10.436 -1.370  1.00 26.90 ? 2031 HOH A O     1 
HETATM 813 O O     . HOH C 3 .  ? -2.471  -15.894 -2.459  1.00 45.93 ? 2032 HOH A O     1 
HETATM 814 O O     . HOH C 3 .  ? -6.418  -12.776 5.487   1.00 30.00 ? 2033 HOH A O     1 
HETATM 815 O O     . HOH C 3 .  ? -11.088 -9.592  4.536   1.00 38.46 ? 2034 HOH A O     1 
HETATM 816 O O     . HOH C 3 .  ? 7.315   -9.908  12.332  1.00 58.86 ? 2035 HOH A O     1 
HETATM 817 O O     . HOH C 3 .  ? -11.575 -5.419  1.566   1.00 30.25 ? 2036 HOH A O     1 
HETATM 818 O O     . HOH C 3 .  ? -9.434  2.181   -8.793  1.00 52.59 ? 2037 HOH A O     1 
HETATM 819 O O     . HOH C 3 .  ? -6.976  2.928   -7.996  1.00 26.24 ? 2038 HOH A O     1 
HETATM 820 O O     . HOH C 3 .  ? -3.737  4.886   -9.735  1.00 50.45 ? 2039 HOH A O     1 
HETATM 821 O O     . HOH C 3 .  ? -5.962  5.354   -7.481  1.00 36.82 ? 2040 HOH A O     1 
HETATM 822 O O     . HOH C 3 .  ? -8.103  9.780   -6.690  1.00 44.05 ? 2041 HOH A O     1 
HETATM 823 O O     . HOH C 3 .  ? -9.033  -2.902  14.463  1.00 36.22 ? 2042 HOH A O     1 
HETATM 824 O O     . HOH C 3 .  ? -0.142  7.498   -8.479  1.00 49.68 ? 2043 HOH A O     1 
HETATM 825 O O     . HOH C 3 .  ? 3.822   5.471   -5.027  1.00 32.62 ? 2044 HOH A O     1 
HETATM 826 O O     . HOH C 3 .  ? 13.840  8.685   -15.201 1.00 46.47 ? 2045 HOH A O     1 
HETATM 827 O O     . HOH C 3 .  ? 10.495  9.440   -11.483 1.00 48.55 ? 2046 HOH A O     1 
HETATM 828 O O     . HOH C 3 .  ? 0.182   14.926  6.450   1.00 33.95 ? 2047 HOH A O     1 
HETATM 829 O O     . HOH C 3 .  ? 9.497   7.988   3.014   1.00 56.54 ? 2048 HOH A O     1 
HETATM 830 O O     . HOH C 3 .  ? 13.935  2.955   -20.427 1.00 32.80 ? 2049 HOH A O     1 
HETATM 831 O O     . HOH C 3 .  ? 13.865  4.523   -11.596 1.00 32.84 ? 2050 HOH A O     1 
HETATM 832 O O     . HOH C 3 .  ? 7.669   -1.973  -14.375 1.00 39.12 ? 2051 HOH A O     1 
HETATM 833 O O     . HOH C 3 .  ? 17.523  0.497   -7.122  1.00 12.83 ? 2052 HOH A O     1 
HETATM 834 O O     . HOH C 3 .  ? 16.164  -5.178  -8.288  1.00 39.64 ? 2053 HOH A O     1 
HETATM 835 O O     . HOH C 3 .  ? 15.052  1.676   -8.598  1.00 29.72 ? 2054 HOH A O     1 
HETATM 836 O O     . HOH C 3 .  ? 8.602   -0.433  -4.412  1.00 30.35 ? 2055 HOH A O     1 
HETATM 837 O O     . HOH C 3 .  ? 7.093   -1.597  -5.789  1.00 25.48 ? 2056 HOH A O     1 
HETATM 838 O O     . HOH C 3 .  ? 12.983  3.363   -7.612  1.00 31.94 ? 2057 HOH A O     1 
HETATM 839 O O     . HOH C 3 .  ? 11.910  4.890   -9.565  1.00 39.84 ? 2058 HOH A O     1 
HETATM 840 O O     . HOH C 3 .  ? 9.755   5.056   -0.334  1.00 43.45 ? 2059 HOH A O     1 
HETATM 841 O O     . HOH C 3 .  ? 2.583   10.365  -3.144  1.00 35.11 ? 2060 HOH A O     1 
HETATM 842 O O     . HOH C 3 .  ? 5.451   3.766   -5.294  1.00 29.26 ? 2061 HOH A O     1 
HETATM 843 O O     . HOH C 3 .  ? -14.324 4.534   -2.137  1.00 42.59 ? 2062 HOH A O     1 
HETATM 844 O O     . HOH C 3 .  ? -16.386 0.595   0.551   1.00 38.56 ? 2063 HOH A O     1 
HETATM 845 O O     . HOH C 3 .  ? -15.329 -8.253  5.571   1.00 42.45 ? 2064 HOH A O     1 
HETATM 846 O O     . HOH C 3 .  ? -13.265 -7.222  2.659   1.00 34.32 ? 2065 HOH A O     1 
HETATM 847 O O     . HOH C 3 .  ? -15.966 -8.020  8.086   1.00 35.09 ? 2066 HOH A O     1 
HETATM 848 O O     . HOH C 3 .  ? -9.454  -7.196  11.150  1.00 27.03 ? 2067 HOH A O     1 
HETATM 849 O O     . HOH C 3 .  ? -4.804  -3.215  13.099  1.00 37.65 ? 2068 HOH A O     1 
HETATM 850 O O     . HOH C 3 .  ? -7.570  -10.461 6.388   1.00 25.20 ? 2069 HOH A O     1 
HETATM 851 O O     . HOH C 3 .  ? 0.934   -3.421  12.866  1.00 26.42 ? 2070 HOH A O     1 
HETATM 852 O O     . HOH C 3 .  ? -6.552  -7.768  12.332  1.00 32.71 ? 2071 HOH A O     1 
HETATM 853 O O     . HOH C 3 .  ? -5.885  -10.122 11.582  1.00 34.28 ? 2072 HOH A O     1 
HETATM 854 O O     . HOH C 3 .  ? -6.071  -12.141 9.922   1.00 38.23 ? 2073 HOH A O     1 
HETATM 855 O O     . HOH C 3 .  ? -2.515  -11.221 12.946  1.00 37.56 ? 2074 HOH A O     1 
HETATM 856 O O     . HOH C 3 .  ? 0.846   -11.204 11.578  1.00 44.66 ? 2075 HOH A O     1 
HETATM 857 O O     . HOH C 3 .  ? 0.003   -12.663 9.548   1.00 33.30 ? 2076 HOH A O     1 
HETATM 858 O O     . HOH C 3 .  ? 5.559   -7.847  12.468  1.00 36.07 ? 2077 HOH A O     1 
HETATM 859 O O     . HOH C 3 .  ? 7.054   -1.910  11.050  1.00 43.71 ? 2078 HOH A O     1 
HETATM 860 O O     . HOH C 3 .  ? 8.910   -10.750 9.540   1.00 39.11 ? 2079 HOH A O     1 
HETATM 861 O O     . HOH C 3 .  ? 5.290   -12.303 -1.291  1.00 31.44 ? 2080 HOH A O     1 
HETATM 862 O O     . HOH C 3 .  ? 1.677   -13.222 -0.248  1.00 35.22 ? 2081 HOH A O     1 
HETATM 863 O O     . HOH C 3 .  ? 8.720   -12.765 -1.003  1.00 28.28 ? 2082 HOH A O     1 
HETATM 864 O O     . HOH C 3 .  ? 17.411  -5.263  1.927   1.00 38.24 ? 2083 HOH A O     1 
HETATM 865 O O     . HOH C 3 .  ? 13.906  -7.541  -2.448  1.00 38.69 ? 2084 HOH A O     1 
HETATM 866 O O     . HOH C 3 .  ? 16.394  -9.091  5.139   1.00 50.36 ? 2085 HOH A O     1 
HETATM 867 O O     . HOH C 3 .  ? 16.333  0.079   4.449   1.00 51.36 ? 2086 HOH A O     1 
HETATM 868 O O     . HOH C 3 .  ? 13.492  -3.515  5.119   1.00 28.72 ? 2087 HOH A O     1 
HETATM 869 O O     . HOH C 3 .  ? 11.761  -1.834  6.271   1.00 43.63 ? 2088 HOH A O     1 
HETATM 870 O O     . HOH C 3 .  ? 8.523   -3.660  9.390   1.00 31.10 ? 2089 HOH A O     1 
HETATM 871 O O     . HOH C 3 .  ? 9.902   -1.806  10.521  1.00 49.59 ? 2090 HOH A O     1 
HETATM 872 O O     . HOH C 3 .  ? 1.907   1.118   12.117  1.00 42.51 ? 2091 HOH A O     1 
HETATM 873 O O     . HOH C 3 .  ? 0.489   5.609   9.997   1.00 29.09 ? 2092 HOH A O     1 
HETATM 874 O O     . HOH C 3 .  ? -9.810  -0.545  10.780  1.00 22.75 ? 2093 HOH A O     1 
HETATM 875 O O     . HOH C 3 .  ? -6.753  -1.331  14.014  1.00 27.82 ? 2094 HOH A O     1 
HETATM 876 O O     . HOH C 3 .  ? -6.769  7.482   9.855   1.00 32.93 ? 2095 HOH A O     1 
HETATM 877 O O     . HOH C 3 .  ? -7.290  13.820  6.360   1.00 43.88 ? 2096 HOH A O     1 
HETATM 878 O O     . HOH C 3 .  ? -3.407  14.673  3.785   1.00 32.28 ? 2097 HOH A O     1 
HETATM 879 O O     . HOH C 3 .  ? -6.071  15.199  2.745   1.00 29.98 ? 2098 HOH A O     1 
HETATM 880 O O     . HOH C 3 .  ? -9.044  12.112  2.857   1.00 41.49 ? 2099 HOH A O     1 
HETATM 881 O O     . HOH C 3 .  ? -9.526  12.199  5.546   1.00 42.94 ? 2100 HOH A O     1 
HETATM 882 O O     . HOH C 3 .  ? -11.859 5.130   5.147   1.00 24.30 ? 2101 HOH A O     1 
HETATM 883 O O     . HOH C 3 .  ? -3.486  12.192  -3.855  1.00 28.38 ? 2102 HOH A O     1 
HETATM 884 O O     . HOH C 3 .  ? -7.082  13.147  -6.095  1.00 43.65 ? 2103 HOH A O     1 
HETATM 885 O O     . HOH C 3 .  ? -10.232 15.333  -3.464  1.00 37.49 ? 2104 HOH A O     1 
HETATM 886 O O     . HOH C 3 .  ? -12.465 12.865  -2.896  1.00 45.31 ? 2105 HOH A O     1 
HETATM 887 O O     . HOH C 3 .  ? 0.640   8.849   -4.265  1.00 40.57 ? 2106 HOH A O     1 
HETATM 888 O O     . HOH C 3 .  ? -2.775  10.800  -6.033  1.00 54.98 ? 2107 HOH A O     1 
HETATM 889 O O     . HOH C 3 .  ? 1.683   12.962  -6.822  1.00 48.78 ? 2108 HOH A O     1 
HETATM 890 O O     . HOH C 3 .  ? -0.788  9.061   -6.515  1.00 48.71 ? 2109 HOH A O     1 
HETATM 891 O O     . HOH C 3 .  ? -0.712  11.968  -7.738  1.00 42.10 ? 2110 HOH A O     1 
HETATM 892 O O     . HOH C 3 .  ? 0.447   10.174  8.004   1.00 31.57 ? 2111 HOH A O     1 
HETATM 893 O O     . HOH C 3 .  ? 2.243   13.382  6.928   1.00 45.41 ? 2112 HOH A O     1 
HETATM 894 O O     . HOH C 3 .  ? 8.661   7.469   -0.425  1.00 50.42 ? 2113 HOH A O     1 
HETATM 895 O O     . HOH D 3 .  ? 8.981   7.146   8.843   1.00 36.76 ? 2001 HOH B O     1 
HETATM 896 O O     . HOH D 3 .  ? 5.696   8.547   11.412  1.00 39.70 ? 2002 HOH B O     1 
HETATM 897 O O     . HOH D 3 .  ? 8.480   0.263   12.368  1.00 32.95 ? 2003 HOH B O     1 
HETATM 898 O O     . HOH D 3 .  ? 11.848  3.324   12.657  1.00 39.85 ? 2004 HOH B O     1 
HETATM 899 O O     . HOH D 3 .  ? 4.638   0.605   11.548  1.00 46.34 ? 2005 HOH B O     1 
HETATM 900 O O     . HOH D 3 .  ? 2.902   -1.886  16.225  1.00 45.22 ? 2006 HOH B O     1 
HETATM 901 O O     . HOH D 3 .  ? 9.319   9.182   7.131   1.00 45.07 ? 2007 HOH B O     1 
HETATM 902 O O     . HOH D 3 .  ? 10.265  7.244   5.705   1.00 44.09 ? 2008 HOH B O     1 
HETATM 903 O O     . HOH D 3 .  ? 8.957   12.480  7.871   1.00 47.24 ? 2009 HOH B O     1 
# 
